data_1HFC
# 
_entry.id   1HFC 
# 
_audit_conform.dict_name       mmcif_pdbx.dic 
_audit_conform.dict_version    5.386 
_audit_conform.dict_location   http://mmcif.pdb.org/dictionaries/ascii/mmcif_pdbx.dic 
# 
loop_
_database_2.database_id 
_database_2.database_code 
_database_2.pdbx_database_accession 
_database_2.pdbx_DOI 
PDB   1HFC         pdb_00001hfc 10.2210/pdb1hfc/pdb 
WWPDB D_1000173824 ?            ?                   
# 
loop_
_pdbx_audit_revision_history.ordinal 
_pdbx_audit_revision_history.data_content_type 
_pdbx_audit_revision_history.major_revision 
_pdbx_audit_revision_history.minor_revision 
_pdbx_audit_revision_history.revision_date 
1 'Structure model' 1 0 1995-01-26 
2 'Structure model' 1 1 2008-03-24 
3 'Structure model' 1 2 2011-07-13 
4 'Structure model' 1 3 2017-11-29 
5 'Structure model' 1 4 2019-07-17 
6 'Structure model' 1 5 2019-08-14 
7 'Structure model' 1 6 2024-02-07 
# 
_pdbx_audit_revision_details.ordinal             1 
_pdbx_audit_revision_details.revision_ordinal    1 
_pdbx_audit_revision_details.data_content_type   'Structure model' 
_pdbx_audit_revision_details.provider            repository 
_pdbx_audit_revision_details.type                'Initial release' 
_pdbx_audit_revision_details.description         ? 
_pdbx_audit_revision_details.details             ? 
# 
loop_
_pdbx_audit_revision_group.ordinal 
_pdbx_audit_revision_group.revision_ordinal 
_pdbx_audit_revision_group.data_content_type 
_pdbx_audit_revision_group.group 
1  2 'Structure model' 'Version format compliance' 
2  3 'Structure model' 'Version format compliance' 
3  4 'Structure model' 'Derived calculations'      
4  4 'Structure model' Other                       
5  5 'Structure model' 'Data collection'           
6  5 'Structure model' 'Refinement description'    
7  6 'Structure model' 'Data collection'           
8  6 'Structure model' 'Refinement description'    
9  7 'Structure model' 'Data collection'           
10 7 'Structure model' 'Database references'       
11 7 'Structure model' 'Derived calculations'      
# 
loop_
_pdbx_audit_revision_category.ordinal 
_pdbx_audit_revision_category.revision_ordinal 
_pdbx_audit_revision_category.data_content_type 
_pdbx_audit_revision_category.category 
1  4 'Structure model' pdbx_database_status   
2  4 'Structure model' struct_conf            
3  4 'Structure model' struct_conf_type       
4  5 'Structure model' software               
5  6 'Structure model' software               
6  7 'Structure model' chem_comp_atom         
7  7 'Structure model' chem_comp_bond         
8  7 'Structure model' database_2             
9  7 'Structure model' pdbx_struct_conn_angle 
10 7 'Structure model' struct_conn            
11 7 'Structure model' struct_site            
# 
loop_
_pdbx_audit_revision_item.ordinal 
_pdbx_audit_revision_item.revision_ordinal 
_pdbx_audit_revision_item.data_content_type 
_pdbx_audit_revision_item.item 
1  4 'Structure model' '_pdbx_database_status.process_site'          
2  5 'Structure model' '_software.classification'                    
3  6 'Structure model' '_software.classification'                    
4  7 'Structure model' '_database_2.pdbx_DOI'                        
5  7 'Structure model' '_database_2.pdbx_database_accession'         
6  7 'Structure model' '_pdbx_struct_conn_angle.ptnr1_auth_comp_id'  
7  7 'Structure model' '_pdbx_struct_conn_angle.ptnr1_auth_seq_id'   
8  7 'Structure model' '_pdbx_struct_conn_angle.ptnr1_label_asym_id' 
9  7 'Structure model' '_pdbx_struct_conn_angle.ptnr1_label_atom_id' 
10 7 'Structure model' '_pdbx_struct_conn_angle.ptnr1_label_comp_id' 
11 7 'Structure model' '_pdbx_struct_conn_angle.ptnr1_label_seq_id'  
12 7 'Structure model' '_pdbx_struct_conn_angle.ptnr2_auth_comp_id'  
13 7 'Structure model' '_pdbx_struct_conn_angle.ptnr2_auth_seq_id'   
14 7 'Structure model' '_pdbx_struct_conn_angle.ptnr2_label_asym_id' 
15 7 'Structure model' '_pdbx_struct_conn_angle.ptnr2_label_atom_id' 
16 7 'Structure model' '_pdbx_struct_conn_angle.ptnr2_label_comp_id' 
17 7 'Structure model' '_pdbx_struct_conn_angle.ptnr3_auth_comp_id'  
18 7 'Structure model' '_pdbx_struct_conn_angle.ptnr3_auth_seq_id'   
19 7 'Structure model' '_pdbx_struct_conn_angle.ptnr3_label_asym_id' 
20 7 'Structure model' '_pdbx_struct_conn_angle.ptnr3_label_atom_id' 
21 7 'Structure model' '_pdbx_struct_conn_angle.ptnr3_label_comp_id' 
22 7 'Structure model' '_pdbx_struct_conn_angle.ptnr3_label_seq_id'  
23 7 'Structure model' '_pdbx_struct_conn_angle.value'               
24 7 'Structure model' '_struct_conn.pdbx_dist_value'                
25 7 'Structure model' '_struct_conn.ptnr1_auth_comp_id'             
26 7 'Structure model' '_struct_conn.ptnr1_auth_seq_id'              
27 7 'Structure model' '_struct_conn.ptnr1_label_asym_id'            
28 7 'Structure model' '_struct_conn.ptnr1_label_atom_id'            
29 7 'Structure model' '_struct_conn.ptnr1_label_comp_id'            
30 7 'Structure model' '_struct_conn.ptnr1_label_seq_id'             
31 7 'Structure model' '_struct_conn.ptnr2_auth_comp_id'             
32 7 'Structure model' '_struct_conn.ptnr2_auth_seq_id'              
33 7 'Structure model' '_struct_conn.ptnr2_label_asym_id'            
34 7 'Structure model' '_struct_conn.ptnr2_label_atom_id'            
35 7 'Structure model' '_struct_conn.ptnr2_label_comp_id'            
36 7 'Structure model' '_struct_conn.ptnr2_label_seq_id'             
37 7 'Structure model' '_struct_site.pdbx_auth_asym_id'              
38 7 'Structure model' '_struct_site.pdbx_auth_comp_id'              
39 7 'Structure model' '_struct_site.pdbx_auth_seq_id'               
# 
_pdbx_database_status.status_code                     REL 
_pdbx_database_status.entry_id                        1HFC 
_pdbx_database_status.recvd_initial_deposition_date   1994-09-13 
_pdbx_database_status.deposit_site                    ? 
_pdbx_database_status.process_site                    BNL 
_pdbx_database_status.SG_entry                        . 
_pdbx_database_status.pdb_format_compatible           Y 
_pdbx_database_status.status_code_mr                  ? 
_pdbx_database_status.status_code_sf                  ? 
_pdbx_database_status.status_code_cs                  ? 
_pdbx_database_status.methods_development_category    ? 
_pdbx_database_status.status_code_nmr_data            ? 
# 
loop_
_audit_author.name 
_audit_author.pdbx_ordinal 
'Spurlino, J.C.' 1 
'Smith, D.L.'    2 
# 
loop_
_citation.id 
_citation.title 
_citation.journal_abbrev 
_citation.journal_volume 
_citation.page_first 
_citation.page_last 
_citation.year 
_citation.journal_id_ASTM 
_citation.country 
_citation.journal_id_ISSN 
_citation.journal_id_CSD 
_citation.book_publisher 
_citation.pdbx_database_id_PubMed 
_citation.pdbx_database_id_DOI 
primary '1.56 A structure of mature truncated human fibroblast collagenase.'             Proteins         19 98  109 1994 PSFGEY 
US 0887-3585 0867 ? 8090713 10.1002/prot.340190203 
1       
;Structure of Human Neutrophil Collagenase Reveals Large S1' Specificity Pocket
;
Nat.Struct.Biol. 1  119 ?   1994 NSBIEW US 1072-8368 2024 ? ?       ?                      
# 
loop_
_citation_author.citation_id 
_citation_author.name 
_citation_author.ordinal 
_citation_author.identifier_ORCID 
primary 'Spurlino, J.C.'   1  ? 
primary 'Smallwood, A.M.'  2  ? 
primary 'Carlton, D.D.'    3  ? 
primary 'Banks, T.M.'      4  ? 
primary 'Vavra, K.J.'      5  ? 
primary 'Johnson, J.S.'    6  ? 
primary 'Cook, E.R.'       7  ? 
primary 'Falvo, J.'        8  ? 
primary 'Wahl, R.C.'       9  ? 
primary 'Pulvino, T.A.'    10 ? 
primary 'Wendoloski, J.J.' 11 ? 
primary 'Smith, D.L.'      12 ? 
1       'Stams, T.'        13 ? 
1       'Spurlino, J.C.'   14 ? 
1       'Smith, D.L.'      15 ? 
1       'Wahl, R.C.'       16 ? 
1       'Ho, T.F.'         17 ? 
1       'Qoronfleh, M.W.'  18 ? 
1       'Banks, T.M.'      19 ? 
1       'Rubin, B.'        20 ? 
# 
loop_
_entity.id 
_entity.type 
_entity.src_method 
_entity.pdbx_description 
_entity.formula_weight 
_entity.pdbx_number_of_molecules 
_entity.pdbx_ec 
_entity.pdbx_mutation 
_entity.pdbx_fragment 
_entity.details 
1 polymer     man 'FIBROBLAST COLLAGENASE'                          18865.541 1  3.4.24.7 ? ? ? 
2 non-polymer syn 'ZINC ION'                                        65.409    2  ?        ? ? ? 
3 non-polymer syn 'CALCIUM ION'                                     40.078    1  ?        ? ? ? 
4 non-polymer syn 'METHYLAMINO-PHENYLALANYL-LEUCYL-HYDROXAMIC ACID' 349.425   1  ?        ? ? ? 
5 water       nat water                                             18.015    88 ?        ? ? ? 
# 
_entity_poly.entity_id                      1 
_entity_poly.type                           'polypeptide(L)' 
_entity_poly.nstd_linkage                   no 
_entity_poly.nstd_monomer                   no 
_entity_poly.pdbx_seq_one_letter_code       
;VLTEGNPRWEQTHLTYRIENYTPDLPRADVDHAIEKAFQLWSNVTPLTFTKVSEGQADIMISFVRGDHRDNSPFDGPGGN
LAHAFQPGPGIGGDAHFDEDERWTNNFREYNLHRVAAHELGHSLGLSHSTDIGALMYPSYTFSGDVQLAQDDIDGIQAIY
GRSQNPVQP
;
_entity_poly.pdbx_seq_one_letter_code_can   
;VLTEGNPRWEQTHLTYRIENYTPDLPRADVDHAIEKAFQLWSNVTPLTFTKVSEGQADIMISFVRGDHRDNSPFDGPGGN
LAHAFQPGPGIGGDAHFDEDERWTNNFREYNLHRVAAHELGHSLGLSHSTDIGALMYPSYTFSGDVQLAQDDIDGIQAIY
GRSQNPVQP
;
_entity_poly.pdbx_strand_id                 A 
_entity_poly.pdbx_target_identifier         ? 
# 
loop_
_pdbx_entity_nonpoly.entity_id 
_pdbx_entity_nonpoly.name 
_pdbx_entity_nonpoly.comp_id 
2 'ZINC ION'                                        ZN  
3 'CALCIUM ION'                                     CA  
4 'METHYLAMINO-PHENYLALANYL-LEUCYL-HYDROXAMIC ACID' PLH 
5 water                                             HOH 
# 
loop_
_entity_poly_seq.entity_id 
_entity_poly_seq.num 
_entity_poly_seq.mon_id 
_entity_poly_seq.hetero 
1 1   VAL n 
1 2   LEU n 
1 3   THR n 
1 4   GLU n 
1 5   GLY n 
1 6   ASN n 
1 7   PRO n 
1 8   ARG n 
1 9   TRP n 
1 10  GLU n 
1 11  GLN n 
1 12  THR n 
1 13  HIS n 
1 14  LEU n 
1 15  THR n 
1 16  TYR n 
1 17  ARG n 
1 18  ILE n 
1 19  GLU n 
1 20  ASN n 
1 21  TYR n 
1 22  THR n 
1 23  PRO n 
1 24  ASP n 
1 25  LEU n 
1 26  PRO n 
1 27  ARG n 
1 28  ALA n 
1 29  ASP n 
1 30  VAL n 
1 31  ASP n 
1 32  HIS n 
1 33  ALA n 
1 34  ILE n 
1 35  GLU n 
1 36  LYS n 
1 37  ALA n 
1 38  PHE n 
1 39  GLN n 
1 40  LEU n 
1 41  TRP n 
1 42  SER n 
1 43  ASN n 
1 44  VAL n 
1 45  THR n 
1 46  PRO n 
1 47  LEU n 
1 48  THR n 
1 49  PHE n 
1 50  THR n 
1 51  LYS n 
1 52  VAL n 
1 53  SER n 
1 54  GLU n 
1 55  GLY n 
1 56  GLN n 
1 57  ALA n 
1 58  ASP n 
1 59  ILE n 
1 60  MET n 
1 61  ILE n 
1 62  SER n 
1 63  PHE n 
1 64  VAL n 
1 65  ARG n 
1 66  GLY n 
1 67  ASP n 
1 68  HIS n 
1 69  ARG n 
1 70  ASP n 
1 71  ASN n 
1 72  SER n 
1 73  PRO n 
1 74  PHE n 
1 75  ASP n 
1 76  GLY n 
1 77  PRO n 
1 78  GLY n 
1 79  GLY n 
1 80  ASN n 
1 81  LEU n 
1 82  ALA n 
1 83  HIS n 
1 84  ALA n 
1 85  PHE n 
1 86  GLN n 
1 87  PRO n 
1 88  GLY n 
1 89  PRO n 
1 90  GLY n 
1 91  ILE n 
1 92  GLY n 
1 93  GLY n 
1 94  ASP n 
1 95  ALA n 
1 96  HIS n 
1 97  PHE n 
1 98  ASP n 
1 99  GLU n 
1 100 ASP n 
1 101 GLU n 
1 102 ARG n 
1 103 TRP n 
1 104 THR n 
1 105 ASN n 
1 106 ASN n 
1 107 PHE n 
1 108 ARG n 
1 109 GLU n 
1 110 TYR n 
1 111 ASN n 
1 112 LEU n 
1 113 HIS n 
1 114 ARG n 
1 115 VAL n 
1 116 ALA n 
1 117 ALA n 
1 118 HIS n 
1 119 GLU n 
1 120 LEU n 
1 121 GLY n 
1 122 HIS n 
1 123 SER n 
1 124 LEU n 
1 125 GLY n 
1 126 LEU n 
1 127 SER n 
1 128 HIS n 
1 129 SER n 
1 130 THR n 
1 131 ASP n 
1 132 ILE n 
1 133 GLY n 
1 134 ALA n 
1 135 LEU n 
1 136 MET n 
1 137 TYR n 
1 138 PRO n 
1 139 SER n 
1 140 TYR n 
1 141 THR n 
1 142 PHE n 
1 143 SER n 
1 144 GLY n 
1 145 ASP n 
1 146 VAL n 
1 147 GLN n 
1 148 LEU n 
1 149 ALA n 
1 150 GLN n 
1 151 ASP n 
1 152 ASP n 
1 153 ILE n 
1 154 ASP n 
1 155 GLY n 
1 156 ILE n 
1 157 GLN n 
1 158 ALA n 
1 159 ILE n 
1 160 TYR n 
1 161 GLY n 
1 162 ARG n 
1 163 SER n 
1 164 GLN n 
1 165 ASN n 
1 166 PRO n 
1 167 VAL n 
1 168 GLN n 
1 169 PRO n 
# 
_entity_src_gen.entity_id                          1 
_entity_src_gen.pdbx_src_id                        1 
_entity_src_gen.pdbx_alt_source_flag               sample 
_entity_src_gen.pdbx_seq_type                      ? 
_entity_src_gen.pdbx_beg_seq_num                   ? 
_entity_src_gen.pdbx_end_seq_num                   ? 
_entity_src_gen.gene_src_common_name               human 
_entity_src_gen.gene_src_genus                     Homo 
_entity_src_gen.pdbx_gene_src_gene                 ? 
_entity_src_gen.gene_src_species                   ? 
_entity_src_gen.gene_src_strain                    ? 
_entity_src_gen.gene_src_tissue                    ? 
_entity_src_gen.gene_src_tissue_fraction           ? 
_entity_src_gen.gene_src_details                   ? 
_entity_src_gen.pdbx_gene_src_fragment             ? 
_entity_src_gen.pdbx_gene_src_scientific_name      'Homo sapiens' 
_entity_src_gen.pdbx_gene_src_ncbi_taxonomy_id     9606 
_entity_src_gen.pdbx_gene_src_variant              ? 
_entity_src_gen.pdbx_gene_src_cell_line            ? 
_entity_src_gen.pdbx_gene_src_atcc                 ? 
_entity_src_gen.pdbx_gene_src_organ                ? 
_entity_src_gen.pdbx_gene_src_organelle            ? 
_entity_src_gen.pdbx_gene_src_cell                 ? 
_entity_src_gen.pdbx_gene_src_cellular_location    ? 
_entity_src_gen.host_org_common_name               ? 
_entity_src_gen.pdbx_host_org_scientific_name      ? 
_entity_src_gen.pdbx_host_org_ncbi_taxonomy_id     ? 
_entity_src_gen.host_org_genus                     ? 
_entity_src_gen.pdbx_host_org_gene                 ? 
_entity_src_gen.pdbx_host_org_organ                ? 
_entity_src_gen.host_org_species                   ? 
_entity_src_gen.pdbx_host_org_tissue               ? 
_entity_src_gen.pdbx_host_org_tissue_fraction      ? 
_entity_src_gen.pdbx_host_org_strain               ? 
_entity_src_gen.pdbx_host_org_variant              ? 
_entity_src_gen.pdbx_host_org_cell_line            ? 
_entity_src_gen.pdbx_host_org_atcc                 ? 
_entity_src_gen.pdbx_host_org_culture_collection   ? 
_entity_src_gen.pdbx_host_org_cell                 ? 
_entity_src_gen.pdbx_host_org_organelle            ? 
_entity_src_gen.pdbx_host_org_cellular_location    ? 
_entity_src_gen.pdbx_host_org_vector_type          ? 
_entity_src_gen.pdbx_host_org_vector               ? 
_entity_src_gen.host_org_details                   ? 
_entity_src_gen.expression_system_id               ? 
_entity_src_gen.plasmid_name                       ? 
_entity_src_gen.plasmid_details                    ? 
_entity_src_gen.pdbx_description                   ? 
# 
loop_
_chem_comp.id 
_chem_comp.type 
_chem_comp.mon_nstd_flag 
_chem_comp.name 
_chem_comp.pdbx_synonyms 
_chem_comp.formula 
_chem_comp.formula_weight 
ALA 'L-peptide linking' y ALANINE                                           ? 'C3 H7 N O2'     89.093  
ARG 'L-peptide linking' y ARGININE                                          ? 'C6 H15 N4 O2 1' 175.209 
ASN 'L-peptide linking' y ASPARAGINE                                        ? 'C4 H8 N2 O3'    132.118 
ASP 'L-peptide linking' y 'ASPARTIC ACID'                                   ? 'C4 H7 N O4'     133.103 
CA  non-polymer         . 'CALCIUM ION'                                     ? 'Ca 2'           40.078  
GLN 'L-peptide linking' y GLUTAMINE                                         ? 'C5 H10 N2 O3'   146.144 
GLU 'L-peptide linking' y 'GLUTAMIC ACID'                                   ? 'C5 H9 N O4'     147.129 
GLY 'peptide linking'   y GLYCINE                                           ? 'C2 H5 N O2'     75.067  
HIS 'L-peptide linking' y HISTIDINE                                         ? 'C6 H10 N3 O2 1' 156.162 
HOH non-polymer         . WATER                                             ? 'H2 O'           18.015  
ILE 'L-peptide linking' y ISOLEUCINE                                        ? 'C6 H13 N O2'    131.173 
LEU 'L-peptide linking' y LEUCINE                                           ? 'C6 H13 N O2'    131.173 
LYS 'L-peptide linking' y LYSINE                                            ? 'C6 H15 N2 O2 1' 147.195 
MET 'L-peptide linking' y METHIONINE                                        ? 'C5 H11 N O2 S'  149.211 
PHE 'L-peptide linking' y PHENYLALANINE                                     ? 'C9 H11 N O2'    165.189 
PLH non-polymer         . 'METHYLAMINO-PHENYLALANYL-LEUCYL-HYDROXAMIC ACID' ? 'C18 H27 N3 O4'  349.425 
PRO 'L-peptide linking' y PROLINE                                           ? 'C5 H9 N O2'     115.130 
SER 'L-peptide linking' y SERINE                                            ? 'C3 H7 N O3'     105.093 
THR 'L-peptide linking' y THREONINE                                         ? 'C4 H9 N O3'     119.119 
TRP 'L-peptide linking' y TRYPTOPHAN                                        ? 'C11 H12 N2 O2'  204.225 
TYR 'L-peptide linking' y TYROSINE                                          ? 'C9 H11 N O3'    181.189 
VAL 'L-peptide linking' y VALINE                                            ? 'C5 H11 N O2'    117.146 
ZN  non-polymer         . 'ZINC ION'                                        ? 'Zn 2'           65.409  
# 
loop_
_pdbx_poly_seq_scheme.asym_id 
_pdbx_poly_seq_scheme.entity_id 
_pdbx_poly_seq_scheme.seq_id 
_pdbx_poly_seq_scheme.mon_id 
_pdbx_poly_seq_scheme.ndb_seq_num 
_pdbx_poly_seq_scheme.pdb_seq_num 
_pdbx_poly_seq_scheme.auth_seq_num 
_pdbx_poly_seq_scheme.pdb_mon_id 
_pdbx_poly_seq_scheme.auth_mon_id 
_pdbx_poly_seq_scheme.pdb_strand_id 
_pdbx_poly_seq_scheme.pdb_ins_code 
_pdbx_poly_seq_scheme.hetero 
A 1 1   VAL 1   101 ?   ?   ?   A . n 
A 1 2   LEU 2   102 ?   ?   ?   A . n 
A 1 3   THR 3   103 ?   ?   ?   A . n 
A 1 4   GLU 4   104 ?   ?   ?   A . n 
A 1 5   GLY 5   105 ?   ?   ?   A . n 
A 1 6   ASN 6   106 ?   ?   ?   A . n 
A 1 7   PRO 7   107 107 PRO PRO A . n 
A 1 8   ARG 8   108 108 ARG ARG A . n 
A 1 9   TRP 9   109 109 TRP TRP A . n 
A 1 10  GLU 10  110 110 GLU GLU A . n 
A 1 11  GLN 11  111 111 GLN GLN A . n 
A 1 12  THR 12  112 112 THR THR A . n 
A 1 13  HIS 13  113 113 HIS HIS A . n 
A 1 14  LEU 14  114 114 LEU LEU A . n 
A 1 15  THR 15  115 115 THR THR A . n 
A 1 16  TYR 16  116 116 TYR TYR A . n 
A 1 17  ARG 17  117 117 ARG ARG A . n 
A 1 18  ILE 18  118 118 ILE ILE A . n 
A 1 19  GLU 19  119 119 GLU GLU A . n 
A 1 20  ASN 20  120 120 ASN ASN A . n 
A 1 21  TYR 21  121 121 TYR TYR A . n 
A 1 22  THR 22  122 122 THR THR A . n 
A 1 23  PRO 23  123 123 PRO PRO A . n 
A 1 24  ASP 24  124 124 ASP ASP A . n 
A 1 25  LEU 25  125 125 LEU LEU A . n 
A 1 26  PRO 26  126 126 PRO PRO A . n 
A 1 27  ARG 27  127 127 ARG ARG A . n 
A 1 28  ALA 28  128 128 ALA ALA A . n 
A 1 29  ASP 29  129 129 ASP ASP A . n 
A 1 30  VAL 30  130 130 VAL VAL A . n 
A 1 31  ASP 31  131 131 ASP ASP A . n 
A 1 32  HIS 32  132 132 HIS HIS A . n 
A 1 33  ALA 33  133 133 ALA ALA A . n 
A 1 34  ILE 34  134 134 ILE ILE A . n 
A 1 35  GLU 35  135 135 GLU GLU A . n 
A 1 36  LYS 36  136 136 LYS LYS A . n 
A 1 37  ALA 37  137 137 ALA ALA A . n 
A 1 38  PHE 38  138 138 PHE PHE A . n 
A 1 39  GLN 39  139 139 GLN GLN A . n 
A 1 40  LEU 40  140 140 LEU LEU A . n 
A 1 41  TRP 41  141 141 TRP TRP A . n 
A 1 42  SER 42  142 142 SER SER A . n 
A 1 43  ASN 43  143 143 ASN ASN A . n 
A 1 44  VAL 44  144 144 VAL VAL A . n 
A 1 45  THR 45  145 145 THR THR A . n 
A 1 46  PRO 46  146 146 PRO PRO A . n 
A 1 47  LEU 47  147 147 LEU LEU A . n 
A 1 48  THR 48  148 148 THR THR A . n 
A 1 49  PHE 49  149 149 PHE PHE A . n 
A 1 50  THR 50  150 150 THR THR A . n 
A 1 51  LYS 51  151 151 LYS LYS A . n 
A 1 52  VAL 52  152 152 VAL VAL A . n 
A 1 53  SER 53  153 153 SER SER A . n 
A 1 54  GLU 54  154 154 GLU GLU A . n 
A 1 55  GLY 55  155 155 GLY GLY A . n 
A 1 56  GLN 56  156 156 GLN GLN A . n 
A 1 57  ALA 57  157 157 ALA ALA A . n 
A 1 58  ASP 58  158 158 ASP ASP A . n 
A 1 59  ILE 59  159 159 ILE ILE A . n 
A 1 60  MET 60  160 160 MET MET A . n 
A 1 61  ILE 61  161 161 ILE ILE A . n 
A 1 62  SER 62  162 162 SER SER A . n 
A 1 63  PHE 63  163 163 PHE PHE A . n 
A 1 64  VAL 64  164 164 VAL VAL A . n 
A 1 65  ARG 65  165 165 ARG ARG A . n 
A 1 66  GLY 66  166 166 GLY GLY A . n 
A 1 67  ASP 67  167 167 ASP ASP A . n 
A 1 68  HIS 68  168 168 HIS HIS A . n 
A 1 69  ARG 69  169 169 ARG ARG A . n 
A 1 70  ASP 70  170 170 ASP ASP A . n 
A 1 71  ASN 71  171 171 ASN ASN A . n 
A 1 72  SER 72  172 172 SER SER A . n 
A 1 73  PRO 73  173 173 PRO PRO A . n 
A 1 74  PHE 74  174 174 PHE PHE A . n 
A 1 75  ASP 75  175 175 ASP ASP A . n 
A 1 76  GLY 76  176 176 GLY GLY A . n 
A 1 77  PRO 77  177 177 PRO PRO A . n 
A 1 78  GLY 78  178 178 GLY GLY A . n 
A 1 79  GLY 79  179 179 GLY GLY A . n 
A 1 80  ASN 80  180 180 ASN ASN A . n 
A 1 81  LEU 81  181 181 LEU LEU A . n 
A 1 82  ALA 82  182 182 ALA ALA A . n 
A 1 83  HIS 83  183 183 HIS HIS A . n 
A 1 84  ALA 84  184 184 ALA ALA A . n 
A 1 85  PHE 85  185 185 PHE PHE A . n 
A 1 86  GLN 86  186 186 GLN GLN A . n 
A 1 87  PRO 87  187 187 PRO PRO A . n 
A 1 88  GLY 88  188 188 GLY GLY A . n 
A 1 89  PRO 89  189 189 PRO PRO A . n 
A 1 90  GLY 90  190 190 GLY GLY A . n 
A 1 91  ILE 91  191 191 ILE ILE A . n 
A 1 92  GLY 92  192 192 GLY GLY A . n 
A 1 93  GLY 93  193 193 GLY GLY A . n 
A 1 94  ASP 94  194 194 ASP ASP A . n 
A 1 95  ALA 95  195 195 ALA ALA A . n 
A 1 96  HIS 96  196 196 HIS HIS A . n 
A 1 97  PHE 97  197 197 PHE PHE A . n 
A 1 98  ASP 98  198 198 ASP ASP A . n 
A 1 99  GLU 99  199 199 GLU GLU A . n 
A 1 100 ASP 100 200 200 ASP ASP A . n 
A 1 101 GLU 101 201 201 GLU GLU A . n 
A 1 102 ARG 102 202 202 ARG ARG A . n 
A 1 103 TRP 103 203 203 TRP TRP A . n 
A 1 104 THR 104 204 204 THR THR A . n 
A 1 105 ASN 105 205 205 ASN ASN A . n 
A 1 106 ASN 106 206 206 ASN ASN A . n 
A 1 107 PHE 107 207 207 PHE PHE A . n 
A 1 108 ARG 108 208 208 ARG ARG A . n 
A 1 109 GLU 109 209 209 GLU GLU A . n 
A 1 110 TYR 110 210 210 TYR TYR A . n 
A 1 111 ASN 111 211 211 ASN ASN A . n 
A 1 112 LEU 112 212 212 LEU LEU A . n 
A 1 113 HIS 113 213 213 HIS HIS A . n 
A 1 114 ARG 114 214 214 ARG ARG A . n 
A 1 115 VAL 115 215 215 VAL VAL A . n 
A 1 116 ALA 116 216 216 ALA ALA A . n 
A 1 117 ALA 117 217 217 ALA ALA A . n 
A 1 118 HIS 118 218 218 HIS HIS A . n 
A 1 119 GLU 119 219 219 GLU GLU A . n 
A 1 120 LEU 120 220 220 LEU LEU A . n 
A 1 121 GLY 121 221 221 GLY GLY A . n 
A 1 122 HIS 122 222 222 HIS HIS A . n 
A 1 123 SER 123 223 223 SER SER A . n 
A 1 124 LEU 124 224 224 LEU LEU A . n 
A 1 125 GLY 125 225 225 GLY GLY A . n 
A 1 126 LEU 126 226 226 LEU LEU A . n 
A 1 127 SER 127 227 227 SER SER A . n 
A 1 128 HIS 128 228 228 HIS HIS A . n 
A 1 129 SER 129 229 229 SER SER A . n 
A 1 130 THR 130 230 230 THR THR A . n 
A 1 131 ASP 131 231 231 ASP ASP A . n 
A 1 132 ILE 132 232 232 ILE ILE A . n 
A 1 133 GLY 133 233 233 GLY GLY A . n 
A 1 134 ALA 134 234 234 ALA ALA A . n 
A 1 135 LEU 135 235 235 LEU LEU A . n 
A 1 136 MET 136 236 236 MET MET A . n 
A 1 137 TYR 137 237 237 TYR TYR A . n 
A 1 138 PRO 138 238 238 PRO PRO A . n 
A 1 139 SER 139 239 239 SER SER A . n 
A 1 140 TYR 140 240 240 TYR TYR A . n 
A 1 141 THR 141 241 241 THR THR A . n 
A 1 142 PHE 142 242 242 PHE PHE A . n 
A 1 143 SER 143 243 243 SER SER A . n 
A 1 144 GLY 144 244 244 GLY GLY A . n 
A 1 145 ASP 145 245 245 ASP ASP A . n 
A 1 146 VAL 146 246 246 VAL VAL A . n 
A 1 147 GLN 147 247 247 GLN GLN A . n 
A 1 148 LEU 148 248 248 LEU LEU A . n 
A 1 149 ALA 149 249 249 ALA ALA A . n 
A 1 150 GLN 150 250 250 GLN GLN A . n 
A 1 151 ASP 151 251 251 ASP ASP A . n 
A 1 152 ASP 152 252 252 ASP ASP A . n 
A 1 153 ILE 153 253 253 ILE ILE A . n 
A 1 154 ASP 154 254 254 ASP ASP A . n 
A 1 155 GLY 155 255 255 GLY GLY A . n 
A 1 156 ILE 156 256 256 ILE ILE A . n 
A 1 157 GLN 157 257 257 GLN GLN A . n 
A 1 158 ALA 158 258 258 ALA ALA A . n 
A 1 159 ILE 159 259 259 ILE ILE A . n 
A 1 160 TYR 160 260 260 TYR TYR A . n 
A 1 161 GLY 161 261 261 GLY GLY A . n 
A 1 162 ARG 162 262 262 ARG ARG A . n 
A 1 163 SER 163 263 263 SER SER A . n 
A 1 164 GLN 164 264 ?   ?   ?   A . n 
A 1 165 ASN 165 265 ?   ?   ?   A . n 
A 1 166 PRO 166 266 ?   ?   ?   A . n 
A 1 167 VAL 167 267 ?   ?   ?   A . n 
A 1 168 GLN 168 268 ?   ?   ?   A . n 
A 1 169 PRO 169 269 ?   ?   ?   A . n 
# 
loop_
_pdbx_nonpoly_scheme.asym_id 
_pdbx_nonpoly_scheme.entity_id 
_pdbx_nonpoly_scheme.mon_id 
_pdbx_nonpoly_scheme.ndb_seq_num 
_pdbx_nonpoly_scheme.pdb_seq_num 
_pdbx_nonpoly_scheme.auth_seq_num 
_pdbx_nonpoly_scheme.pdb_mon_id 
_pdbx_nonpoly_scheme.auth_mon_id 
_pdbx_nonpoly_scheme.pdb_strand_id 
_pdbx_nonpoly_scheme.pdb_ins_code 
B 2 ZN  1  275 275 ZN  ZN  A . 
C 2 ZN  1  276 276 ZN  ZN  A . 
D 3 CA  1  277 277 CA  CA  A . 
E 4 PLH 1  280 280 PLH HAP A . 
F 5 HOH 1  281 281 HOH HOH A . 
F 5 HOH 2  282 282 HOH HOH A . 
F 5 HOH 3  283 283 HOH HOH A . 
F 5 HOH 4  284 284 HOH HOH A . 
F 5 HOH 5  285 285 HOH HOH A . 
F 5 HOH 6  286 286 HOH HOH A . 
F 5 HOH 7  287 287 HOH HOH A . 
F 5 HOH 8  288 288 HOH HOH A . 
F 5 HOH 9  289 289 HOH HOH A . 
F 5 HOH 10 290 290 HOH HOH A . 
F 5 HOH 11 291 291 HOH HOH A . 
F 5 HOH 12 292 292 HOH HOH A . 
F 5 HOH 13 293 293 HOH HOH A . 
F 5 HOH 14 294 294 HOH HOH A . 
F 5 HOH 15 295 295 HOH HOH A . 
F 5 HOH 16 296 296 HOH HOH A . 
F 5 HOH 17 297 297 HOH HOH A . 
F 5 HOH 18 298 298 HOH HOH A . 
F 5 HOH 19 299 299 HOH HOH A . 
F 5 HOH 20 300 300 HOH HOH A . 
F 5 HOH 21 301 301 HOH HOH A . 
F 5 HOH 22 302 302 HOH HOH A . 
F 5 HOH 23 303 303 HOH HOH A . 
F 5 HOH 24 304 304 HOH HOH A . 
F 5 HOH 25 305 305 HOH HOH A . 
F 5 HOH 26 306 306 HOH HOH A . 
F 5 HOH 27 307 307 HOH HOH A . 
F 5 HOH 28 308 308 HOH HOH A . 
F 5 HOH 29 309 309 HOH HOH A . 
F 5 HOH 30 310 310 HOH HOH A . 
F 5 HOH 31 311 311 HOH HOH A . 
F 5 HOH 32 312 312 HOH HOH A . 
F 5 HOH 33 313 313 HOH HOH A . 
F 5 HOH 34 314 314 HOH HOH A . 
F 5 HOH 35 315 315 HOH HOH A . 
F 5 HOH 36 316 316 HOH HOH A . 
F 5 HOH 37 317 317 HOH HOH A . 
F 5 HOH 38 318 318 HOH HOH A . 
F 5 HOH 39 319 319 HOH HOH A . 
F 5 HOH 40 320 320 HOH HOH A . 
F 5 HOH 41 321 321 HOH HOH A . 
F 5 HOH 42 322 322 HOH HOH A . 
F 5 HOH 43 323 323 HOH HOH A . 
F 5 HOH 44 324 324 HOH HOH A . 
F 5 HOH 45 325 325 HOH HOH A . 
F 5 HOH 46 326 326 HOH HOH A . 
F 5 HOH 47 327 327 HOH HOH A . 
F 5 HOH 48 328 328 HOH HOH A . 
F 5 HOH 49 329 329 HOH HOH A . 
F 5 HOH 50 330 330 HOH HOH A . 
F 5 HOH 51 331 331 HOH HOH A . 
F 5 HOH 52 332 332 HOH HOH A . 
F 5 HOH 53 333 333 HOH HOH A . 
F 5 HOH 54 334 334 HOH HOH A . 
F 5 HOH 55 335 335 HOH HOH A . 
F 5 HOH 56 336 336 HOH HOH A . 
F 5 HOH 57 337 337 HOH HOH A . 
F 5 HOH 58 338 338 HOH HOH A . 
F 5 HOH 59 339 339 HOH HOH A . 
F 5 HOH 60 340 340 HOH HOH A . 
F 5 HOH 61 341 341 HOH HOH A . 
F 5 HOH 62 342 342 HOH HOH A . 
F 5 HOH 63 343 343 HOH HOH A . 
F 5 HOH 64 344 344 HOH HOH A . 
F 5 HOH 65 345 345 HOH HOH A . 
F 5 HOH 66 346 346 HOH HOH A . 
F 5 HOH 67 347 347 HOH HOH A . 
F 5 HOH 68 348 348 HOH HOH A . 
F 5 HOH 69 349 349 HOH HOH A . 
F 5 HOH 70 350 350 HOH HOH A . 
F 5 HOH 71 351 351 HOH HOH A . 
F 5 HOH 72 352 352 HOH HOH A . 
F 5 HOH 73 353 353 HOH HOH A . 
F 5 HOH 74 354 354 HOH HOH A . 
F 5 HOH 75 355 355 HOH HOH A . 
F 5 HOH 76 356 356 HOH HOH A . 
F 5 HOH 77 357 357 HOH HOH A . 
F 5 HOH 78 358 358 HOH HOH A . 
F 5 HOH 79 359 359 HOH HOH A . 
F 5 HOH 80 360 360 HOH HOH A . 
F 5 HOH 81 361 361 HOH HOH A . 
F 5 HOH 82 362 362 HOH HOH A . 
F 5 HOH 83 363 363 HOH HOH A . 
F 5 HOH 84 364 364 HOH HOH A . 
F 5 HOH 85 365 365 HOH HOH A . 
F 5 HOH 86 366 366 HOH HOH A . 
F 5 HOH 87 367 367 HOH HOH A . 
F 5 HOH 88 368 368 HOH HOH A . 
# 
loop_
_software.name 
_software.classification 
_software.version 
_software.citation_id 
_software.pdbx_ordinal 
X-PLOR 'model building' . ? 1 
PROLSQ refinement       . ? 2 
X-PLOR refinement       . ? 3 
X-PLOR phasing          . ? 4 
# 
_cell.entry_id           1HFC 
_cell.length_a           109.210 
_cell.length_b           44.570 
_cell.length_c           36.280 
_cell.angle_alpha        90.00 
_cell.angle_beta         90.00 
_cell.angle_gamma        90.00 
_cell.Z_PDB              4 
_cell.pdbx_unique_axis   ? 
# 
_symmetry.entry_id                         1HFC 
_symmetry.space_group_name_H-M             'P 21 21 21' 
_symmetry.pdbx_full_space_group_name_H-M   ? 
_symmetry.cell_setting                     ? 
_symmetry.Int_Tables_number                19 
# 
_exptl.entry_id          1HFC 
_exptl.method            'X-RAY DIFFRACTION' 
_exptl.crystals_number   ? 
# 
_exptl_crystal.id                    1 
_exptl_crystal.density_meas          ? 
_exptl_crystal.density_Matthews      2.34 
_exptl_crystal.density_percent_sol   47.41 
_exptl_crystal.description           ? 
# 
_diffrn.id                     1 
_diffrn.ambient_temp           ? 
_diffrn.ambient_temp_details   ? 
_diffrn.crystal_id             1 
# 
_diffrn_radiation.diffrn_id                        1 
_diffrn_radiation.wavelength_id                    1 
_diffrn_radiation.pdbx_monochromatic_or_laue_m_l   ? 
_diffrn_radiation.monochromator                    ? 
_diffrn_radiation.pdbx_diffrn_protocol             ? 
_diffrn_radiation.pdbx_scattering_type             x-ray 
# 
_diffrn_radiation_wavelength.id           1 
_diffrn_radiation_wavelength.wavelength   . 
_diffrn_radiation_wavelength.wt           1.0 
# 
_refine.entry_id                                 1HFC 
_refine.ls_number_reflns_obs                     21710 
_refine.ls_number_reflns_all                     ? 
_refine.pdbx_ls_sigma_I                          ? 
_refine.pdbx_ls_sigma_F                          2. 
_refine.pdbx_data_cutoff_high_absF               ? 
_refine.pdbx_data_cutoff_low_absF                ? 
_refine.pdbx_data_cutoff_high_rms_absF           ? 
_refine.ls_d_res_low                             10.0 
_refine.ls_d_res_high                            1.5 
_refine.ls_percent_reflns_obs                    ? 
_refine.ls_R_factor_obs                          0.1740000 
_refine.ls_R_factor_all                          ? 
_refine.ls_R_factor_R_work                       0.1740000 
_refine.ls_R_factor_R_free                       ? 
_refine.ls_R_factor_R_free_error                 ? 
_refine.ls_R_factor_R_free_error_details         ? 
_refine.ls_percent_reflns_R_free                 ? 
_refine.ls_number_reflns_R_free                  ? 
_refine.ls_number_parameters                     ? 
_refine.ls_number_restraints                     ? 
_refine.occupancy_min                            ? 
_refine.occupancy_max                            ? 
_refine.B_iso_mean                               ? 
_refine.aniso_B[1][1]                            ? 
_refine.aniso_B[2][2]                            ? 
_refine.aniso_B[3][3]                            ? 
_refine.aniso_B[1][2]                            ? 
_refine.aniso_B[1][3]                            ? 
_refine.aniso_B[2][3]                            ? 
_refine.solvent_model_details                    ? 
_refine.solvent_model_param_ksol                 ? 
_refine.solvent_model_param_bsol                 ? 
_refine.pdbx_ls_cross_valid_method               ? 
_refine.details                                  ? 
_refine.pdbx_starting_model                      ? 
_refine.pdbx_method_to_determine_struct          ? 
_refine.pdbx_isotropic_thermal_model             ? 
_refine.pdbx_stereochemistry_target_values       ? 
_refine.pdbx_stereochem_target_val_spec_case     ? 
_refine.pdbx_R_Free_selection_details            ? 
_refine.pdbx_overall_ESU_R                       ? 
_refine.pdbx_overall_ESU_R_Free                  ? 
_refine.overall_SU_ML                            ? 
_refine.overall_SU_B                             ? 
_refine.pdbx_refine_id                           'X-RAY DIFFRACTION' 
_refine.pdbx_diffrn_id                           1 
_refine.pdbx_TLS_residual_ADP_flag               ? 
_refine.correlation_coeff_Fo_to_Fc               ? 
_refine.correlation_coeff_Fo_to_Fc_free          ? 
_refine.pdbx_solvent_vdw_probe_radii             ? 
_refine.pdbx_solvent_ion_probe_radii             ? 
_refine.pdbx_solvent_shrinkage_radii             ? 
_refine.pdbx_overall_phase_error                 ? 
_refine.overall_SU_R_Cruickshank_DPI             ? 
_refine.pdbx_overall_SU_R_free_Cruickshank_DPI   ? 
_refine.pdbx_overall_SU_R_Blow_DPI               ? 
_refine.pdbx_overall_SU_R_free_Blow_DPI          ? 
# 
_refine_hist.pdbx_refine_id                   'X-RAY DIFFRACTION' 
_refine_hist.cycle_id                         LAST 
_refine_hist.pdbx_number_atoms_protein        1245 
_refine_hist.pdbx_number_atoms_nucleic_acid   0 
_refine_hist.pdbx_number_atoms_ligand         28 
_refine_hist.number_atoms_solvent             88 
_refine_hist.number_atoms_total               1361 
_refine_hist.d_res_high                       1.5 
_refine_hist.d_res_low                        10.0 
# 
loop_
_refine_ls_restr.type 
_refine_ls_restr.dev_ideal 
_refine_ls_restr.dev_ideal_target 
_refine_ls_restr.weight 
_refine_ls_restr.number 
_refine_ls_restr.pdbx_refine_id 
_refine_ls_restr.pdbx_restraint_function 
x_bond_d                0.020 ? ? ? 'X-RAY DIFFRACTION' ? 
x_bond_d_na             ?     ? ? ? 'X-RAY DIFFRACTION' ? 
x_bond_d_prot           ?     ? ? ? 'X-RAY DIFFRACTION' ? 
x_angle_d               ?     ? ? ? 'X-RAY DIFFRACTION' ? 
x_angle_d_na            ?     ? ? ? 'X-RAY DIFFRACTION' ? 
x_angle_d_prot          ?     ? ? ? 'X-RAY DIFFRACTION' ? 
x_angle_deg             2.7   ? ? ? 'X-RAY DIFFRACTION' ? 
x_angle_deg_na          ?     ? ? ? 'X-RAY DIFFRACTION' ? 
x_angle_deg_prot        ?     ? ? ? 'X-RAY DIFFRACTION' ? 
x_dihedral_angle_d      ?     ? ? ? 'X-RAY DIFFRACTION' ? 
x_dihedral_angle_d_na   ?     ? ? ? 'X-RAY DIFFRACTION' ? 
x_dihedral_angle_d_prot ?     ? ? ? 'X-RAY DIFFRACTION' ? 
x_improper_angle_d      ?     ? ? ? 'X-RAY DIFFRACTION' ? 
x_improper_angle_d_na   ?     ? ? ? 'X-RAY DIFFRACTION' ? 
x_improper_angle_d_prot ?     ? ? ? 'X-RAY DIFFRACTION' ? 
x_mcbond_it             ?     ? ? ? 'X-RAY DIFFRACTION' ? 
x_mcangle_it            ?     ? ? ? 'X-RAY DIFFRACTION' ? 
x_scbond_it             ?     ? ? ? 'X-RAY DIFFRACTION' ? 
x_scangle_it            ?     ? ? ? 'X-RAY DIFFRACTION' ? 
# 
_struct.entry_id                  1HFC 
_struct.title                     '1.56 ANGSTROM STRUCTURE OF MATURE TRUNCATED HUMAN FIBROBLAST COLLAGENASE' 
_struct.pdbx_model_details        ? 
_struct.pdbx_CASP_flag            ? 
_struct.pdbx_model_type_details   ? 
# 
_struct_keywords.entry_id        1HFC 
_struct_keywords.pdbx_keywords   METALLOPROTEASE 
_struct_keywords.text            METALLOPROTEASE 
# 
loop_
_struct_asym.id 
_struct_asym.pdbx_blank_PDB_chainid_flag 
_struct_asym.pdbx_modified 
_struct_asym.entity_id 
_struct_asym.details 
A N N 1 ? 
B N N 2 ? 
C N N 2 ? 
D N N 3 ? 
E N N 4 ? 
F N N 5 ? 
# 
_struct_ref.id                         1 
_struct_ref.db_name                    UNP 
_struct_ref.db_code                    MMP1_HUMAN 
_struct_ref.entity_id                  1 
_struct_ref.pdbx_db_accession          P03956 
_struct_ref.pdbx_align_begin           1 
_struct_ref.pdbx_seq_one_letter_code   
;MHSFPPLLLLLFWGVVSHSFPATLETQEQDVDLVQKYLEKYYNLKNDGRQVEKRRNSGPVVEKLKQMQEFFGLKVTGKPD
AETLKVMKQPRCGVPDVAQFVLTEGNPRWEQTHLTYRIENYTPDLPRADVDHAIEKAFQLWSNVTPLTFTKVSEGQADIM
ISFVRGDHRDNSPFDGPGGNLAHAFQPGPGIGGDAHFDEDERWTNNFREYNLHRVAAHELGHSLGLSHSTDIGALMYPSY
TFSGDVQLAQDDIDGIQAIYGRSQNPVQPIGPQTPKACDSKLTFDAITTIRGEVMFFKDRFYMRTNPFYPEVELNFISVF
WPQLPNGLEAAYEFADRDEVRFFKGNKYWAVQGQNVLHGYPKDIYSSFGFPRTVKHIDAALSEENTGKTYFFVANKYWRY
DEYKRSMDPGYPKMIAHDFPGIGHKVDAVFMKDGFFYFFHGTRQYKFDPKTKRILTLQKANSWFNCRKN
;
_struct_ref.pdbx_db_isoform            ? 
# 
_struct_ref_seq.align_id                      1 
_struct_ref_seq.ref_id                        1 
_struct_ref_seq.pdbx_PDB_id_code              1HFC 
_struct_ref_seq.pdbx_strand_id                A 
_struct_ref_seq.seq_align_beg                 1 
_struct_ref_seq.pdbx_seq_align_beg_ins_code   ? 
_struct_ref_seq.seq_align_end                 169 
_struct_ref_seq.pdbx_seq_align_end_ins_code   ? 
_struct_ref_seq.pdbx_db_accession             P03956 
_struct_ref_seq.db_align_beg                  101 
_struct_ref_seq.pdbx_db_align_beg_ins_code    ? 
_struct_ref_seq.db_align_end                  269 
_struct_ref_seq.pdbx_db_align_end_ins_code    ? 
_struct_ref_seq.pdbx_auth_seq_align_beg       101 
_struct_ref_seq.pdbx_auth_seq_align_end       269 
# 
_pdbx_struct_assembly.id                   1 
_pdbx_struct_assembly.details              author_defined_assembly 
_pdbx_struct_assembly.method_details       ? 
_pdbx_struct_assembly.oligomeric_details   monomeric 
_pdbx_struct_assembly.oligomeric_count     1 
# 
_pdbx_struct_assembly_gen.assembly_id       1 
_pdbx_struct_assembly_gen.oper_expression   1 
_pdbx_struct_assembly_gen.asym_id_list      A,B,C,D,E,F 
# 
_pdbx_struct_oper_list.id                   1 
_pdbx_struct_oper_list.type                 'identity operation' 
_pdbx_struct_oper_list.name                 1_555 
_pdbx_struct_oper_list.symmetry_operation   x,y,z 
_pdbx_struct_oper_list.matrix[1][1]         1.0000000000 
_pdbx_struct_oper_list.matrix[1][2]         0.0000000000 
_pdbx_struct_oper_list.matrix[1][3]         0.0000000000 
_pdbx_struct_oper_list.vector[1]            0.0000000000 
_pdbx_struct_oper_list.matrix[2][1]         0.0000000000 
_pdbx_struct_oper_list.matrix[2][2]         1.0000000000 
_pdbx_struct_oper_list.matrix[2][3]         0.0000000000 
_pdbx_struct_oper_list.vector[2]            0.0000000000 
_pdbx_struct_oper_list.matrix[3][1]         0.0000000000 
_pdbx_struct_oper_list.matrix[3][2]         0.0000000000 
_pdbx_struct_oper_list.matrix[3][3]         1.0000000000 
_pdbx_struct_oper_list.vector[3]            0.0000000000 
# 
_struct_biol.id   1 
# 
loop_
_struct_conf.conf_type_id 
_struct_conf.id 
_struct_conf.pdbx_PDB_helix_id 
_struct_conf.beg_label_comp_id 
_struct_conf.beg_label_asym_id 
_struct_conf.beg_label_seq_id 
_struct_conf.pdbx_beg_PDB_ins_code 
_struct_conf.end_label_comp_id 
_struct_conf.end_label_asym_id 
_struct_conf.end_label_seq_id 
_struct_conf.pdbx_end_PDB_ins_code 
_struct_conf.beg_auth_comp_id 
_struct_conf.beg_auth_asym_id 
_struct_conf.beg_auth_seq_id 
_struct_conf.end_auth_comp_id 
_struct_conf.end_auth_asym_id 
_struct_conf.end_auth_seq_id 
_struct_conf.pdbx_PDB_helix_class 
_struct_conf.details 
_struct_conf.pdbx_PDB_helix_length 
HELX_P HELX_P1 I   ARG A 27  ? SER A 42  ? ARG A 127 SER A 142 1 ? 16 
HELX_P HELX_P2 II  LEU A 112 ? LEU A 124 ? LEU A 212 LEU A 224 1 ? 13 
HELX_P HELX_P3 III GLN A 150 ? TYR A 160 ? GLN A 250 TYR A 260 1 ? 11 
# 
_struct_conf_type.id          HELX_P 
_struct_conf_type.criteria    ? 
_struct_conf_type.reference   ? 
# 
loop_
_struct_conn.id 
_struct_conn.conn_type_id 
_struct_conn.pdbx_leaving_atom_flag 
_struct_conn.pdbx_PDB_id 
_struct_conn.ptnr1_label_asym_id 
_struct_conn.ptnr1_label_comp_id 
_struct_conn.ptnr1_label_seq_id 
_struct_conn.ptnr1_label_atom_id 
_struct_conn.pdbx_ptnr1_label_alt_id 
_struct_conn.pdbx_ptnr1_PDB_ins_code 
_struct_conn.pdbx_ptnr1_standard_comp_id 
_struct_conn.ptnr1_symmetry 
_struct_conn.ptnr2_label_asym_id 
_struct_conn.ptnr2_label_comp_id 
_struct_conn.ptnr2_label_seq_id 
_struct_conn.ptnr2_label_atom_id 
_struct_conn.pdbx_ptnr2_label_alt_id 
_struct_conn.pdbx_ptnr2_PDB_ins_code 
_struct_conn.ptnr1_auth_asym_id 
_struct_conn.ptnr1_auth_comp_id 
_struct_conn.ptnr1_auth_seq_id 
_struct_conn.ptnr2_auth_asym_id 
_struct_conn.ptnr2_auth_comp_id 
_struct_conn.ptnr2_auth_seq_id 
_struct_conn.ptnr2_symmetry 
_struct_conn.pdbx_ptnr3_label_atom_id 
_struct_conn.pdbx_ptnr3_label_seq_id 
_struct_conn.pdbx_ptnr3_label_comp_id 
_struct_conn.pdbx_ptnr3_label_asym_id 
_struct_conn.pdbx_ptnr3_label_alt_id 
_struct_conn.pdbx_ptnr3_PDB_ins_code 
_struct_conn.details 
_struct_conn.pdbx_dist_value 
_struct_conn.pdbx_value_order 
_struct_conn.pdbx_role 
metalc1  metalc ? ? A HIS 68  NE2 ? ? ? 1_555 C ZN  . ZN ? ? A HIS 168 A ZN  276 1_555 ? ? ? ? ? ? ? 2.072 ? ? 
metalc2  metalc ? ? A ASP 70  OD2 ? ? ? 1_555 C ZN  . ZN ? ? A ASP 170 A ZN  276 1_555 ? ? ? ? ? ? ? 1.888 ? ? 
metalc3  metalc ? ? A ASP 75  OD1 ? ? ? 1_555 D CA  . CA ? ? A ASP 175 A CA  277 1_555 ? ? ? ? ? ? ? 2.321 ? ? 
metalc4  metalc ? ? A GLY 76  O   ? ? ? 1_555 D CA  . CA ? ? A GLY 176 A CA  277 1_555 ? ? ? ? ? ? ? 2.291 ? ? 
metalc5  metalc ? ? A GLY 78  O   ? ? ? 1_555 D CA  . CA ? ? A GLY 178 A CA  277 1_555 ? ? ? ? ? ? ? 2.449 ? ? 
metalc6  metalc ? ? A ASN 80  O   ? ? ? 1_555 D CA  . CA ? ? A ASN 180 A CA  277 1_555 ? ? ? ? ? ? ? 2.403 ? ? 
metalc7  metalc ? ? A HIS 83  NE2 ? ? ? 1_555 C ZN  . ZN ? ? A HIS 183 A ZN  276 1_555 ? ? ? ? ? ? ? 1.891 ? ? 
metalc8  metalc ? ? A HIS 96  ND1 ? ? ? 1_555 C ZN  . ZN ? ? A HIS 196 A ZN  276 1_555 ? ? ? ? ? ? ? 2.069 ? ? 
metalc9  metalc ? ? A ASP 98  OD2 ? ? ? 1_555 D CA  . CA ? ? A ASP 198 A CA  277 1_555 ? ? ? ? ? ? ? 2.321 ? ? 
metalc10 metalc ? ? A GLU 101 OE2 ? ? ? 1_555 D CA  . CA ? ? A GLU 201 A CA  277 1_555 ? ? ? ? ? ? ? 2.224 ? ? 
metalc11 metalc ? ? A HIS 118 NE2 ? ? ? 1_555 B ZN  . ZN ? ? A HIS 218 A ZN  275 1_555 ? ? ? ? ? ? ? 1.877 ? ? 
metalc12 metalc ? ? A HIS 122 NE2 ? ? ? 1_555 B ZN  . ZN ? ? A HIS 222 A ZN  275 1_555 ? ? ? ? ? ? ? 2.077 ? ? 
metalc13 metalc ? ? A HIS 128 NE2 ? ? ? 1_555 B ZN  . ZN ? ? A HIS 228 A ZN  275 1_555 ? ? ? ? ? ? ? 2.018 ? ? 
metalc14 metalc ? ? B ZN  .   ZN  ? ? ? 1_555 E PLH . O1 ? ? A ZN  275 A PLH 280 1_555 ? ? ? ? ? ? ? 2.194 ? ? 
metalc15 metalc ? ? B ZN  .   ZN  ? ? ? 1_555 E PLH . O2 ? ? A ZN  275 A PLH 280 1_555 ? ? ? ? ? ? ? 2.056 ? ? 
# 
_struct_conn_type.id          metalc 
_struct_conn_type.criteria    ? 
_struct_conn_type.reference   ? 
# 
loop_
_pdbx_struct_conn_angle.id 
_pdbx_struct_conn_angle.ptnr1_label_atom_id 
_pdbx_struct_conn_angle.ptnr1_label_alt_id 
_pdbx_struct_conn_angle.ptnr1_label_asym_id 
_pdbx_struct_conn_angle.ptnr1_label_comp_id 
_pdbx_struct_conn_angle.ptnr1_label_seq_id 
_pdbx_struct_conn_angle.ptnr1_auth_atom_id 
_pdbx_struct_conn_angle.ptnr1_auth_asym_id 
_pdbx_struct_conn_angle.ptnr1_auth_comp_id 
_pdbx_struct_conn_angle.ptnr1_auth_seq_id 
_pdbx_struct_conn_angle.ptnr1_PDB_ins_code 
_pdbx_struct_conn_angle.ptnr1_symmetry 
_pdbx_struct_conn_angle.ptnr2_label_atom_id 
_pdbx_struct_conn_angle.ptnr2_label_alt_id 
_pdbx_struct_conn_angle.ptnr2_label_asym_id 
_pdbx_struct_conn_angle.ptnr2_label_comp_id 
_pdbx_struct_conn_angle.ptnr2_label_seq_id 
_pdbx_struct_conn_angle.ptnr2_auth_atom_id 
_pdbx_struct_conn_angle.ptnr2_auth_asym_id 
_pdbx_struct_conn_angle.ptnr2_auth_comp_id 
_pdbx_struct_conn_angle.ptnr2_auth_seq_id 
_pdbx_struct_conn_angle.ptnr2_PDB_ins_code 
_pdbx_struct_conn_angle.ptnr2_symmetry 
_pdbx_struct_conn_angle.ptnr3_label_atom_id 
_pdbx_struct_conn_angle.ptnr3_label_alt_id 
_pdbx_struct_conn_angle.ptnr3_label_asym_id 
_pdbx_struct_conn_angle.ptnr3_label_comp_id 
_pdbx_struct_conn_angle.ptnr3_label_seq_id 
_pdbx_struct_conn_angle.ptnr3_auth_atom_id 
_pdbx_struct_conn_angle.ptnr3_auth_asym_id 
_pdbx_struct_conn_angle.ptnr3_auth_comp_id 
_pdbx_struct_conn_angle.ptnr3_auth_seq_id 
_pdbx_struct_conn_angle.ptnr3_PDB_ins_code 
_pdbx_struct_conn_angle.ptnr3_symmetry 
_pdbx_struct_conn_angle.value 
_pdbx_struct_conn_angle.value_esd 
1  NE2 ? A HIS 68  ? A HIS 168 ? 1_555 ZN ? C ZN . ? A ZN 276 ? 1_555 OD2 ? A ASP 70  ? A ASP 170 ? 1_555 104.7 ? 
2  NE2 ? A HIS 68  ? A HIS 168 ? 1_555 ZN ? C ZN . ? A ZN 276 ? 1_555 NE2 ? A HIS 83  ? A HIS 183 ? 1_555 115.7 ? 
3  OD2 ? A ASP 70  ? A ASP 170 ? 1_555 ZN ? C ZN . ? A ZN 276 ? 1_555 NE2 ? A HIS 83  ? A HIS 183 ? 1_555 120.1 ? 
4  NE2 ? A HIS 68  ? A HIS 168 ? 1_555 ZN ? C ZN . ? A ZN 276 ? 1_555 ND1 ? A HIS 96  ? A HIS 196 ? 1_555 108.0 ? 
5  OD2 ? A ASP 70  ? A ASP 170 ? 1_555 ZN ? C ZN . ? A ZN 276 ? 1_555 ND1 ? A HIS 96  ? A HIS 196 ? 1_555 94.5  ? 
6  NE2 ? A HIS 83  ? A HIS 183 ? 1_555 ZN ? C ZN . ? A ZN 276 ? 1_555 ND1 ? A HIS 96  ? A HIS 196 ? 1_555 111.4 ? 
7  OD1 ? A ASP 75  ? A ASP 175 ? 1_555 CA ? D CA . ? A CA 277 ? 1_555 O   ? A GLY 76  ? A GLY 176 ? 1_555 87.8  ? 
8  OD1 ? A ASP 75  ? A ASP 175 ? 1_555 CA ? D CA . ? A CA 277 ? 1_555 O   ? A GLY 78  ? A GLY 178 ? 1_555 86.7  ? 
9  O   ? A GLY 76  ? A GLY 176 ? 1_555 CA ? D CA . ? A CA 277 ? 1_555 O   ? A GLY 78  ? A GLY 178 ? 1_555 84.6  ? 
10 OD1 ? A ASP 75  ? A ASP 175 ? 1_555 CA ? D CA . ? A CA 277 ? 1_555 O   ? A ASN 80  ? A ASN 180 ? 1_555 88.2  ? 
11 O   ? A GLY 76  ? A GLY 176 ? 1_555 CA ? D CA . ? A CA 277 ? 1_555 O   ? A ASN 80  ? A ASN 180 ? 1_555 174.6 ? 
12 O   ? A GLY 78  ? A GLY 178 ? 1_555 CA ? D CA . ? A CA 277 ? 1_555 O   ? A ASN 80  ? A ASN 180 ? 1_555 91.5  ? 
13 OD1 ? A ASP 75  ? A ASP 175 ? 1_555 CA ? D CA . ? A CA 277 ? 1_555 OD2 ? A ASP 98  ? A ASP 198 ? 1_555 93.0  ? 
14 O   ? A GLY 76  ? A GLY 176 ? 1_555 CA ? D CA . ? A CA 277 ? 1_555 OD2 ? A ASP 98  ? A ASP 198 ? 1_555 88.2  ? 
15 O   ? A GLY 78  ? A GLY 178 ? 1_555 CA ? D CA . ? A CA 277 ? 1_555 OD2 ? A ASP 98  ? A ASP 198 ? 1_555 172.8 ? 
16 O   ? A ASN 80  ? A ASN 180 ? 1_555 CA ? D CA . ? A CA 277 ? 1_555 OD2 ? A ASP 98  ? A ASP 198 ? 1_555 95.7  ? 
17 OD1 ? A ASP 75  ? A ASP 175 ? 1_555 CA ? D CA . ? A CA 277 ? 1_555 OE2 ? A GLU 101 ? A GLU 201 ? 1_555 176.4 ? 
18 O   ? A GLY 76  ? A GLY 176 ? 1_555 CA ? D CA . ? A CA 277 ? 1_555 OE2 ? A GLU 101 ? A GLU 201 ? 1_555 92.2  ? 
19 O   ? A GLY 78  ? A GLY 178 ? 1_555 CA ? D CA . ? A CA 277 ? 1_555 OE2 ? A GLU 101 ? A GLU 201 ? 1_555 89.8  ? 
20 O   ? A ASN 80  ? A ASN 180 ? 1_555 CA ? D CA . ? A CA 277 ? 1_555 OE2 ? A GLU 101 ? A GLU 201 ? 1_555 91.5  ? 
21 OD2 ? A ASP 98  ? A ASP 198 ? 1_555 CA ? D CA . ? A CA 277 ? 1_555 OE2 ? A GLU 101 ? A GLU 201 ? 1_555 90.5  ? 
22 NE2 ? A HIS 118 ? A HIS 218 ? 1_555 ZN ? B ZN . ? A ZN 275 ? 1_555 NE2 ? A HIS 122 ? A HIS 222 ? 1_555 100.4 ? 
23 NE2 ? A HIS 118 ? A HIS 218 ? 1_555 ZN ? B ZN . ? A ZN 275 ? 1_555 NE2 ? A HIS 128 ? A HIS 228 ? 1_555 104.0 ? 
24 NE2 ? A HIS 122 ? A HIS 222 ? 1_555 ZN ? B ZN . ? A ZN 275 ? 1_555 NE2 ? A HIS 128 ? A HIS 228 ? 1_555 96.6  ? 
25 NE2 ? A HIS 118 ? A HIS 218 ? 1_555 ZN ? B ZN . ? A ZN 275 ? 1_555 O1  ? E PLH .   ? A PLH 280 ? 1_555 102.1 ? 
26 NE2 ? A HIS 122 ? A HIS 222 ? 1_555 ZN ? B ZN . ? A ZN 275 ? 1_555 O1  ? E PLH .   ? A PLH 280 ? 1_555 85.0  ? 
27 NE2 ? A HIS 128 ? A HIS 228 ? 1_555 ZN ? B ZN . ? A ZN 275 ? 1_555 O1  ? E PLH .   ? A PLH 280 ? 1_555 153.1 ? 
28 NE2 ? A HIS 118 ? A HIS 218 ? 1_555 ZN ? B ZN . ? A ZN 275 ? 1_555 O2  ? E PLH .   ? A PLH 280 ? 1_555 103.6 ? 
29 NE2 ? A HIS 122 ? A HIS 222 ? 1_555 ZN ? B ZN . ? A ZN 275 ? 1_555 O2  ? E PLH .   ? A PLH 280 ? 1_555 152.2 ? 
30 NE2 ? A HIS 128 ? A HIS 228 ? 1_555 ZN ? B ZN . ? A ZN 275 ? 1_555 O2  ? E PLH .   ? A PLH 280 ? 1_555 91.1  ? 
31 O1  ? E PLH .   ? A PLH 280 ? 1_555 ZN ? B ZN . ? A ZN 275 ? 1_555 O2  ? E PLH .   ? A PLH 280 ? 1_555 76.5  ? 
# 
_struct_mon_prot_cis.pdbx_id                1 
_struct_mon_prot_cis.label_comp_id          GLU 
_struct_mon_prot_cis.label_seq_id           109 
_struct_mon_prot_cis.label_asym_id          A 
_struct_mon_prot_cis.label_alt_id           . 
_struct_mon_prot_cis.pdbx_PDB_ins_code      ? 
_struct_mon_prot_cis.auth_comp_id           GLU 
_struct_mon_prot_cis.auth_seq_id            209 
_struct_mon_prot_cis.auth_asym_id           A 
_struct_mon_prot_cis.pdbx_label_comp_id_2   TYR 
_struct_mon_prot_cis.pdbx_label_seq_id_2    110 
_struct_mon_prot_cis.pdbx_label_asym_id_2   A 
_struct_mon_prot_cis.pdbx_PDB_ins_code_2    ? 
_struct_mon_prot_cis.pdbx_auth_comp_id_2    TYR 
_struct_mon_prot_cis.pdbx_auth_seq_id_2     210 
_struct_mon_prot_cis.pdbx_auth_asym_id_2    A 
_struct_mon_prot_cis.pdbx_PDB_model_num     1 
_struct_mon_prot_cis.pdbx_omega_angle       -0.67 
# 
_struct_sheet.id               S1 
_struct_sheet.type             ? 
_struct_sheet.number_strands   5 
_struct_sheet.details          ? 
# 
loop_
_struct_sheet_order.sheet_id 
_struct_sheet_order.range_id_1 
_struct_sheet_order.range_id_2 
_struct_sheet_order.offset 
_struct_sheet_order.sense 
S1 1 2 ? parallel      
S1 2 3 ? parallel      
S1 3 4 ? parallel      
S1 4 5 ? anti-parallel 
# 
loop_
_struct_sheet_range.sheet_id 
_struct_sheet_range.id 
_struct_sheet_range.beg_label_comp_id 
_struct_sheet_range.beg_label_asym_id 
_struct_sheet_range.beg_label_seq_id 
_struct_sheet_range.pdbx_beg_PDB_ins_code 
_struct_sheet_range.end_label_comp_id 
_struct_sheet_range.end_label_asym_id 
_struct_sheet_range.end_label_seq_id 
_struct_sheet_range.pdbx_end_PDB_ins_code 
_struct_sheet_range.beg_auth_comp_id 
_struct_sheet_range.beg_auth_asym_id 
_struct_sheet_range.beg_auth_seq_id 
_struct_sheet_range.end_auth_comp_id 
_struct_sheet_range.end_auth_asym_id 
_struct_sheet_range.end_auth_seq_id 
S1 1 THR A 48 ? VAL A 52 ? THR A 148 VAL A 152 
S1 2 HIS A 13 ? ILE A 18 ? HIS A 113 ILE A 118 
S1 3 ILE A 59 ? ARG A 65 ? ILE A 159 ARG A 165 
S1 4 ALA A 95 ? ASP A 98 ? ALA A 195 ASP A 198 
S1 5 LEU A 81 ? PHE A 85 ? LEU A 181 PHE A 185 
# 
loop_
_pdbx_struct_sheet_hbond.sheet_id 
_pdbx_struct_sheet_hbond.range_id_1 
_pdbx_struct_sheet_hbond.range_id_2 
_pdbx_struct_sheet_hbond.range_1_label_atom_id 
_pdbx_struct_sheet_hbond.range_1_label_comp_id 
_pdbx_struct_sheet_hbond.range_1_label_asym_id 
_pdbx_struct_sheet_hbond.range_1_label_seq_id 
_pdbx_struct_sheet_hbond.range_1_PDB_ins_code 
_pdbx_struct_sheet_hbond.range_1_auth_atom_id 
_pdbx_struct_sheet_hbond.range_1_auth_comp_id 
_pdbx_struct_sheet_hbond.range_1_auth_asym_id 
_pdbx_struct_sheet_hbond.range_1_auth_seq_id 
_pdbx_struct_sheet_hbond.range_2_label_atom_id 
_pdbx_struct_sheet_hbond.range_2_label_comp_id 
_pdbx_struct_sheet_hbond.range_2_label_asym_id 
_pdbx_struct_sheet_hbond.range_2_label_seq_id 
_pdbx_struct_sheet_hbond.range_2_PDB_ins_code 
_pdbx_struct_sheet_hbond.range_2_auth_atom_id 
_pdbx_struct_sheet_hbond.range_2_auth_comp_id 
_pdbx_struct_sheet_hbond.range_2_auth_asym_id 
_pdbx_struct_sheet_hbond.range_2_auth_seq_id 
S1 1 2 N THR A 50 ? N THR A 150 O LEU A 14 ? O LEU A 114 
S1 2 3 N ARG A 17 ? N ARG A 117 O ILE A 59 ? O ILE A 159 
S1 3 4 N VAL A 64 ? N VAL A 164 O PHE A 97 ? O PHE A 197 
S1 4 5 N HIS A 96 ? N HIS A 196 O HIS A 83 ? O HIS A 183 
# 
loop_
_struct_site.id 
_struct_site.pdbx_evidence_code 
_struct_site.pdbx_auth_asym_id 
_struct_site.pdbx_auth_comp_id 
_struct_site.pdbx_auth_seq_id 
_struct_site.pdbx_auth_ins_code 
_struct_site.pdbx_num_residues 
_struct_site.details 
AC1 Software A ZN  275 ? 4  'BINDING SITE FOR RESIDUE ZN A 275'  
AC2 Software A ZN  276 ? 4  'BINDING SITE FOR RESIDUE ZN A 276'  
AC3 Software A CA  277 ? 6  'BINDING SITE FOR RESIDUE CA A 277'  
AC4 Software A PLH 280 ? 19 'BINDING SITE FOR RESIDUE PLH A 280' 
# 
loop_
_struct_site_gen.id 
_struct_site_gen.site_id 
_struct_site_gen.pdbx_num_res 
_struct_site_gen.label_comp_id 
_struct_site_gen.label_asym_id 
_struct_site_gen.label_seq_id 
_struct_site_gen.pdbx_auth_ins_code 
_struct_site_gen.auth_comp_id 
_struct_site_gen.auth_asym_id 
_struct_site_gen.auth_seq_id 
_struct_site_gen.label_atom_id 
_struct_site_gen.label_alt_id 
_struct_site_gen.symmetry 
_struct_site_gen.details 
1  AC1 4  HIS A 118 ? HIS A 218 . ? 1_555 ? 
2  AC1 4  HIS A 122 ? HIS A 222 . ? 1_555 ? 
3  AC1 4  HIS A 128 ? HIS A 228 . ? 1_555 ? 
4  AC1 4  PLH E .   ? PLH A 280 . ? 1_555 ? 
5  AC2 4  HIS A 68  ? HIS A 168 . ? 1_555 ? 
6  AC2 4  ASP A 70  ? ASP A 170 . ? 1_555 ? 
7  AC2 4  HIS A 83  ? HIS A 183 . ? 1_555 ? 
8  AC2 4  HIS A 96  ? HIS A 196 . ? 1_555 ? 
9  AC3 6  ASP A 75  ? ASP A 175 . ? 1_555 ? 
10 AC3 6  GLY A 76  ? GLY A 176 . ? 1_555 ? 
11 AC3 6  GLY A 78  ? GLY A 178 . ? 1_555 ? 
12 AC3 6  ASN A 80  ? ASN A 180 . ? 1_555 ? 
13 AC3 6  ASP A 98  ? ASP A 198 . ? 1_555 ? 
14 AC3 6  GLU A 101 ? GLU A 201 . ? 1_555 ? 
15 AC4 19 ASN A 71  ? ASN A 171 . ? 2_564 ? 
16 AC4 19 GLY A 79  ? GLY A 179 . ? 1_555 ? 
17 AC4 19 ASN A 80  ? ASN A 180 . ? 1_555 ? 
18 AC4 19 LEU A 81  ? LEU A 181 . ? 1_555 ? 
19 AC4 19 ALA A 82  ? ALA A 182 . ? 1_555 ? 
20 AC4 19 PHE A 107 ? PHE A 207 . ? 2_565 ? 
21 AC4 19 TYR A 110 ? TYR A 210 . ? 1_555 ? 
22 AC4 19 HIS A 118 ? HIS A 218 . ? 1_555 ? 
23 AC4 19 GLU A 119 ? GLU A 219 . ? 1_555 ? 
24 AC4 19 HIS A 122 ? HIS A 222 . ? 1_555 ? 
25 AC4 19 HIS A 128 ? HIS A 228 . ? 1_555 ? 
26 AC4 19 TYR A 137 ? TYR A 237 . ? 1_555 ? 
27 AC4 19 PRO A 138 ? PRO A 238 . ? 1_555 ? 
28 AC4 19 SER A 139 ? SER A 239 . ? 1_555 ? 
29 AC4 19 TYR A 140 ? TYR A 240 . ? 1_555 ? 
30 AC4 19 PHE A 142 ? PHE A 242 . ? 2_565 ? 
31 AC4 19 ZN  B .   ? ZN  A 275 . ? 1_555 ? 
32 AC4 19 HOH F .   ? HOH A 295 . ? 1_555 ? 
33 AC4 19 HOH F .   ? HOH A 312 . ? 1_555 ? 
# 
loop_
_pdbx_validate_rmsd_angle.id 
_pdbx_validate_rmsd_angle.PDB_model_num 
_pdbx_validate_rmsd_angle.auth_atom_id_1 
_pdbx_validate_rmsd_angle.auth_asym_id_1 
_pdbx_validate_rmsd_angle.auth_comp_id_1 
_pdbx_validate_rmsd_angle.auth_seq_id_1 
_pdbx_validate_rmsd_angle.PDB_ins_code_1 
_pdbx_validate_rmsd_angle.label_alt_id_1 
_pdbx_validate_rmsd_angle.auth_atom_id_2 
_pdbx_validate_rmsd_angle.auth_asym_id_2 
_pdbx_validate_rmsd_angle.auth_comp_id_2 
_pdbx_validate_rmsd_angle.auth_seq_id_2 
_pdbx_validate_rmsd_angle.PDB_ins_code_2 
_pdbx_validate_rmsd_angle.label_alt_id_2 
_pdbx_validate_rmsd_angle.auth_atom_id_3 
_pdbx_validate_rmsd_angle.auth_asym_id_3 
_pdbx_validate_rmsd_angle.auth_comp_id_3 
_pdbx_validate_rmsd_angle.auth_seq_id_3 
_pdbx_validate_rmsd_angle.PDB_ins_code_3 
_pdbx_validate_rmsd_angle.label_alt_id_3 
_pdbx_validate_rmsd_angle.angle_value 
_pdbx_validate_rmsd_angle.angle_target_value 
_pdbx_validate_rmsd_angle.angle_deviation 
_pdbx_validate_rmsd_angle.angle_standard_deviation 
_pdbx_validate_rmsd_angle.linker_flag 
1  1 NE  A ARG 108 ? ? CZ  A ARG 108 ? ? NH1 A ARG 108 ? ? 116.03 120.30 -4.27  0.50 N 
2  1 CB  A GLU 110 ? ? CG  A GLU 110 ? ? CD  A GLU 110 ? ? 136.28 114.20 22.08  2.70 N 
3  1 OE1 A GLU 110 ? ? CD  A GLU 110 ? ? OE2 A GLU 110 ? ? 113.58 123.30 -9.72  1.20 N 
4  1 CG  A GLU 110 ? ? CD  A GLU 110 ? ? OE1 A GLU 110 ? ? 131.84 118.30 13.54  2.00 N 
5  1 CD  A ARG 117 ? ? NE  A ARG 117 ? ? CZ  A ARG 117 ? ? 141.02 123.60 17.42  1.40 N 
6  1 NE  A ARG 117 ? ? CZ  A ARG 117 ? ? NH1 A ARG 117 ? ? 136.64 120.30 16.34  0.50 N 
7  1 NE  A ARG 117 ? ? CZ  A ARG 117 ? ? NH2 A ARG 117 ? ? 108.47 120.30 -11.83 0.50 N 
8  1 O   A ARG 117 ? ? C   A ARG 117 ? ? N   A ILE 118 ? ? 132.68 122.70 9.98   1.60 Y 
9  1 OD1 A ASP 131 ? ? CG  A ASP 131 ? ? OD2 A ASP 131 ? ? 110.95 123.30 -12.35 1.90 N 
10 1 CB  A ASP 131 ? ? CG  A ASP 131 ? ? OD1 A ASP 131 ? ? 128.94 118.30 10.64  0.90 N 
11 1 CA  A GLU 154 ? ? CB  A GLU 154 ? ? CG  A GLU 154 ? ? 131.90 113.40 18.50  2.20 N 
12 1 CD  A ARG 165 ? ? NE  A ARG 165 ? ? CZ  A ARG 165 ? ? 134.30 123.60 10.70  1.40 N 
13 1 NE  A ARG 165 ? ? CZ  A ARG 165 ? ? NH1 A ARG 165 ? ? 126.46 120.30 6.16   0.50 N 
14 1 CB  A ASP 167 ? ? CG  A ASP 167 ? ? OD1 A ASP 167 ? ? 123.76 118.30 5.46   0.90 N 
15 1 CB  A ASP 167 ? ? CG  A ASP 167 ? ? OD2 A ASP 167 ? ? 109.55 118.30 -8.75  0.90 N 
16 1 CG  A HIS 168 ? ? ND1 A HIS 168 ? ? CE1 A HIS 168 ? ? 120.06 109.00 11.06  1.00 N 
17 1 ND1 A HIS 168 ? ? CE1 A HIS 168 ? ? NE2 A HIS 168 ? ? 101.79 108.50 -6.71  1.10 N 
18 1 ND1 A HIS 183 ? ? CE1 A HIS 183 ? ? NE2 A HIS 183 ? ? 119.38 111.50 7.88   1.30 N 
19 1 CG  A HIS 183 ? ? CD2 A HIS 183 ? ? NE2 A HIS 183 ? ? 121.63 109.20 12.43  1.90 N 
20 1 CE1 A HIS 196 ? ? NE2 A HIS 196 ? ? CD2 A HIS 196 ? ? 114.95 109.00 5.95   0.70 N 
21 1 CD  A ARG 202 ? ? NE  A ARG 202 ? ? CZ  A ARG 202 ? ? 133.30 123.60 9.70   1.40 N 
22 1 NE  A ARG 202 ? ? CZ  A ARG 202 ? ? NH1 A ARG 202 ? ? 114.82 120.30 -5.48  0.50 N 
23 1 NE  A ARG 202 ? ? CZ  A ARG 202 ? ? NH2 A ARG 202 ? ? 127.20 120.30 6.90   0.50 N 
24 1 CB  A PHE 207 ? ? CG  A PHE 207 ? ? CD2 A PHE 207 ? ? 125.87 120.80 5.07   0.70 N 
25 1 CB  A PHE 207 ? ? CG  A PHE 207 ? ? CD1 A PHE 207 ? ? 112.78 120.80 -8.02  0.70 N 
26 1 CG  A ARG 208 ? ? CD  A ARG 208 ? ? NE  A ARG 208 ? ? 98.19  111.80 -13.61 2.10 N 
27 1 NE  A ARG 208 ? ? CZ  A ARG 208 ? ? NH1 A ARG 208 ? ? 126.03 120.30 5.73   0.50 N 
28 1 CB  A LEU 212 ? ? CG  A LEU 212 ? ? CD1 A LEU 212 ? ? 121.83 111.00 10.83  1.70 N 
29 1 NE  A ARG 214 ? ? CZ  A ARG 214 ? ? NH2 A ARG 214 ? ? 123.65 120.30 3.35   0.50 N 
30 1 O   A VAL 215 ? ? C   A VAL 215 ? ? N   A ALA 216 ? ? 133.66 122.70 10.96  1.60 Y 
31 1 CB  A HIS 218 ? ? CG  A HIS 218 ? ? CD2 A HIS 218 ? ? 138.64 131.40 7.24   1.20 N 
32 1 ND1 A HIS 218 ? ? CE1 A HIS 218 ? ? NE2 A HIS 218 ? ? 120.25 111.50 8.75   1.30 N 
33 1 O   A SER 223 ? ? C   A SER 223 ? ? N   A LEU 224 ? ? 132.73 122.70 10.03  1.60 Y 
34 1 CB  A ASP 231 ? ? CG  A ASP 231 ? ? OD2 A ASP 231 ? ? 108.81 118.30 -9.49  0.90 N 
35 1 CB  A TYR 237 ? ? CG  A TYR 237 ? ? CD2 A TYR 237 ? ? 116.15 121.00 -4.85  0.60 N 
36 1 O   A VAL 246 ? ? C   A VAL 246 ? ? N   A GLN 247 ? ? 132.91 122.70 10.21  1.60 Y 
37 1 OD1 A ASP 252 ? ? CG  A ASP 252 ? ? OD2 A ASP 252 ? ? 137.57 123.30 14.27  1.90 N 
38 1 CB  A ASP 252 ? ? CG  A ASP 252 ? ? OD1 A ASP 252 ? ? 111.31 118.30 -6.99  0.90 N 
39 1 CB  A ASP 252 ? ? CG  A ASP 252 ? ? OD2 A ASP 252 ? ? 111.09 118.30 -7.21  0.90 N 
40 1 CG  A TYR 260 ? ? CD1 A TYR 260 ? ? CE1 A TYR 260 ? ? 127.41 121.30 6.11   0.80 N 
# 
_pdbx_validate_torsion.id              1 
_pdbx_validate_torsion.PDB_model_num   1 
_pdbx_validate_torsion.auth_comp_id    ASN 
_pdbx_validate_torsion.auth_asym_id    A 
_pdbx_validate_torsion.auth_seq_id     206 
_pdbx_validate_torsion.PDB_ins_code    ? 
_pdbx_validate_torsion.label_alt_id    ? 
_pdbx_validate_torsion.phi             -145.76 
_pdbx_validate_torsion.psi             -151.73 
# 
_pdbx_validate_planes.id              1 
_pdbx_validate_planes.PDB_model_num   1 
_pdbx_validate_planes.auth_comp_id    ARG 
_pdbx_validate_planes.auth_asym_id    A 
_pdbx_validate_planes.auth_seq_id     208 
_pdbx_validate_planes.PDB_ins_code    ? 
_pdbx_validate_planes.label_alt_id    ? 
_pdbx_validate_planes.rmsd            0.128 
_pdbx_validate_planes.type            'SIDE CHAIN' 
# 
_pdbx_database_remark.id     700 
_pdbx_database_remark.text   
;SHEET
S1 AS PRESENTED ON SHEET RECORDS BELOW IS A FIVE-STRANDED
SHEET.  THE HET GROUP HAP IS LOCATED IN SUCH A POSITION
THAT IT COULD BE CONSIDERED THE SIXTH STRAND OF THIS SHEET
SHEET AND PRO 238 - PHE 242 COULD BE CONSIDERED THE SEVENTH
STRAND OF THIS SHEET.
;
# 
loop_
_pdbx_unobs_or_zero_occ_residues.id 
_pdbx_unobs_or_zero_occ_residues.PDB_model_num 
_pdbx_unobs_or_zero_occ_residues.polymer_flag 
_pdbx_unobs_or_zero_occ_residues.occupancy_flag 
_pdbx_unobs_or_zero_occ_residues.auth_asym_id 
_pdbx_unobs_or_zero_occ_residues.auth_comp_id 
_pdbx_unobs_or_zero_occ_residues.auth_seq_id 
_pdbx_unobs_or_zero_occ_residues.PDB_ins_code 
_pdbx_unobs_or_zero_occ_residues.label_asym_id 
_pdbx_unobs_or_zero_occ_residues.label_comp_id 
_pdbx_unobs_or_zero_occ_residues.label_seq_id 
1  1 Y 1 A VAL 101 ? A VAL 1   
2  1 Y 1 A LEU 102 ? A LEU 2   
3  1 Y 1 A THR 103 ? A THR 3   
4  1 Y 1 A GLU 104 ? A GLU 4   
5  1 Y 1 A GLY 105 ? A GLY 5   
6  1 Y 1 A ASN 106 ? A ASN 6   
7  1 Y 1 A GLN 264 ? A GLN 164 
8  1 Y 1 A ASN 265 ? A ASN 165 
9  1 Y 1 A PRO 266 ? A PRO 166 
10 1 Y 1 A VAL 267 ? A VAL 167 
11 1 Y 1 A GLN 268 ? A GLN 168 
12 1 Y 1 A PRO 269 ? A PRO 169 
# 
loop_
_chem_comp_atom.comp_id 
_chem_comp_atom.atom_id 
_chem_comp_atom.type_symbol 
_chem_comp_atom.pdbx_aromatic_flag 
_chem_comp_atom.pdbx_stereo_config 
_chem_comp_atom.pdbx_ordinal 
ALA N    N  N N 1   
ALA CA   C  N S 2   
ALA C    C  N N 3   
ALA O    O  N N 4   
ALA CB   C  N N 5   
ALA OXT  O  N N 6   
ALA H    H  N N 7   
ALA H2   H  N N 8   
ALA HA   H  N N 9   
ALA HB1  H  N N 10  
ALA HB2  H  N N 11  
ALA HB3  H  N N 12  
ALA HXT  H  N N 13  
ARG N    N  N N 14  
ARG CA   C  N S 15  
ARG C    C  N N 16  
ARG O    O  N N 17  
ARG CB   C  N N 18  
ARG CG   C  N N 19  
ARG CD   C  N N 20  
ARG NE   N  N N 21  
ARG CZ   C  N N 22  
ARG NH1  N  N N 23  
ARG NH2  N  N N 24  
ARG OXT  O  N N 25  
ARG H    H  N N 26  
ARG H2   H  N N 27  
ARG HA   H  N N 28  
ARG HB2  H  N N 29  
ARG HB3  H  N N 30  
ARG HG2  H  N N 31  
ARG HG3  H  N N 32  
ARG HD2  H  N N 33  
ARG HD3  H  N N 34  
ARG HE   H  N N 35  
ARG HH11 H  N N 36  
ARG HH12 H  N N 37  
ARG HH21 H  N N 38  
ARG HH22 H  N N 39  
ARG HXT  H  N N 40  
ASN N    N  N N 41  
ASN CA   C  N S 42  
ASN C    C  N N 43  
ASN O    O  N N 44  
ASN CB   C  N N 45  
ASN CG   C  N N 46  
ASN OD1  O  N N 47  
ASN ND2  N  N N 48  
ASN OXT  O  N N 49  
ASN H    H  N N 50  
ASN H2   H  N N 51  
ASN HA   H  N N 52  
ASN HB2  H  N N 53  
ASN HB3  H  N N 54  
ASN HD21 H  N N 55  
ASN HD22 H  N N 56  
ASN HXT  H  N N 57  
ASP N    N  N N 58  
ASP CA   C  N S 59  
ASP C    C  N N 60  
ASP O    O  N N 61  
ASP CB   C  N N 62  
ASP CG   C  N N 63  
ASP OD1  O  N N 64  
ASP OD2  O  N N 65  
ASP OXT  O  N N 66  
ASP H    H  N N 67  
ASP H2   H  N N 68  
ASP HA   H  N N 69  
ASP HB2  H  N N 70  
ASP HB3  H  N N 71  
ASP HD2  H  N N 72  
ASP HXT  H  N N 73  
CA  CA   CA N N 74  
GLN N    N  N N 75  
GLN CA   C  N S 76  
GLN C    C  N N 77  
GLN O    O  N N 78  
GLN CB   C  N N 79  
GLN CG   C  N N 80  
GLN CD   C  N N 81  
GLN OE1  O  N N 82  
GLN NE2  N  N N 83  
GLN OXT  O  N N 84  
GLN H    H  N N 85  
GLN H2   H  N N 86  
GLN HA   H  N N 87  
GLN HB2  H  N N 88  
GLN HB3  H  N N 89  
GLN HG2  H  N N 90  
GLN HG3  H  N N 91  
GLN HE21 H  N N 92  
GLN HE22 H  N N 93  
GLN HXT  H  N N 94  
GLU N    N  N N 95  
GLU CA   C  N S 96  
GLU C    C  N N 97  
GLU O    O  N N 98  
GLU CB   C  N N 99  
GLU CG   C  N N 100 
GLU CD   C  N N 101 
GLU OE1  O  N N 102 
GLU OE2  O  N N 103 
GLU OXT  O  N N 104 
GLU H    H  N N 105 
GLU H2   H  N N 106 
GLU HA   H  N N 107 
GLU HB2  H  N N 108 
GLU HB3  H  N N 109 
GLU HG2  H  N N 110 
GLU HG3  H  N N 111 
GLU HE2  H  N N 112 
GLU HXT  H  N N 113 
GLY N    N  N N 114 
GLY CA   C  N N 115 
GLY C    C  N N 116 
GLY O    O  N N 117 
GLY OXT  O  N N 118 
GLY H    H  N N 119 
GLY H2   H  N N 120 
GLY HA2  H  N N 121 
GLY HA3  H  N N 122 
GLY HXT  H  N N 123 
HIS N    N  N N 124 
HIS CA   C  N S 125 
HIS C    C  N N 126 
HIS O    O  N N 127 
HIS CB   C  N N 128 
HIS CG   C  Y N 129 
HIS ND1  N  Y N 130 
HIS CD2  C  Y N 131 
HIS CE1  C  Y N 132 
HIS NE2  N  Y N 133 
HIS OXT  O  N N 134 
HIS H    H  N N 135 
HIS H2   H  N N 136 
HIS HA   H  N N 137 
HIS HB2  H  N N 138 
HIS HB3  H  N N 139 
HIS HD1  H  N N 140 
HIS HD2  H  N N 141 
HIS HE1  H  N N 142 
HIS HE2  H  N N 143 
HIS HXT  H  N N 144 
HOH O    O  N N 145 
HOH H1   H  N N 146 
HOH H2   H  N N 147 
ILE N    N  N N 148 
ILE CA   C  N S 149 
ILE C    C  N N 150 
ILE O    O  N N 151 
ILE CB   C  N S 152 
ILE CG1  C  N N 153 
ILE CG2  C  N N 154 
ILE CD1  C  N N 155 
ILE OXT  O  N N 156 
ILE H    H  N N 157 
ILE H2   H  N N 158 
ILE HA   H  N N 159 
ILE HB   H  N N 160 
ILE HG12 H  N N 161 
ILE HG13 H  N N 162 
ILE HG21 H  N N 163 
ILE HG22 H  N N 164 
ILE HG23 H  N N 165 
ILE HD11 H  N N 166 
ILE HD12 H  N N 167 
ILE HD13 H  N N 168 
ILE HXT  H  N N 169 
LEU N    N  N N 170 
LEU CA   C  N S 171 
LEU C    C  N N 172 
LEU O    O  N N 173 
LEU CB   C  N N 174 
LEU CG   C  N N 175 
LEU CD1  C  N N 176 
LEU CD2  C  N N 177 
LEU OXT  O  N N 178 
LEU H    H  N N 179 
LEU H2   H  N N 180 
LEU HA   H  N N 181 
LEU HB2  H  N N 182 
LEU HB3  H  N N 183 
LEU HG   H  N N 184 
LEU HD11 H  N N 185 
LEU HD12 H  N N 186 
LEU HD13 H  N N 187 
LEU HD21 H  N N 188 
LEU HD22 H  N N 189 
LEU HD23 H  N N 190 
LEU HXT  H  N N 191 
LYS N    N  N N 192 
LYS CA   C  N S 193 
LYS C    C  N N 194 
LYS O    O  N N 195 
LYS CB   C  N N 196 
LYS CG   C  N N 197 
LYS CD   C  N N 198 
LYS CE   C  N N 199 
LYS NZ   N  N N 200 
LYS OXT  O  N N 201 
LYS H    H  N N 202 
LYS H2   H  N N 203 
LYS HA   H  N N 204 
LYS HB2  H  N N 205 
LYS HB3  H  N N 206 
LYS HG2  H  N N 207 
LYS HG3  H  N N 208 
LYS HD2  H  N N 209 
LYS HD3  H  N N 210 
LYS HE2  H  N N 211 
LYS HE3  H  N N 212 
LYS HZ1  H  N N 213 
LYS HZ2  H  N N 214 
LYS HZ3  H  N N 215 
LYS HXT  H  N N 216 
MET N    N  N N 217 
MET CA   C  N S 218 
MET C    C  N N 219 
MET O    O  N N 220 
MET CB   C  N N 221 
MET CG   C  N N 222 
MET SD   S  N N 223 
MET CE   C  N N 224 
MET OXT  O  N N 225 
MET H    H  N N 226 
MET H2   H  N N 227 
MET HA   H  N N 228 
MET HB2  H  N N 229 
MET HB3  H  N N 230 
MET HG2  H  N N 231 
MET HG3  H  N N 232 
MET HE1  H  N N 233 
MET HE2  H  N N 234 
MET HE3  H  N N 235 
MET HXT  H  N N 236 
PHE N    N  N N 237 
PHE CA   C  N S 238 
PHE C    C  N N 239 
PHE O    O  N N 240 
PHE CB   C  N N 241 
PHE CG   C  Y N 242 
PHE CD1  C  Y N 243 
PHE CD2  C  Y N 244 
PHE CE1  C  Y N 245 
PHE CE2  C  Y N 246 
PHE CZ   C  Y N 247 
PHE OXT  O  N N 248 
PHE H    H  N N 249 
PHE H2   H  N N 250 
PHE HA   H  N N 251 
PHE HB2  H  N N 252 
PHE HB3  H  N N 253 
PHE HD1  H  N N 254 
PHE HD2  H  N N 255 
PHE HE1  H  N N 256 
PHE HE2  H  N N 257 
PHE HZ   H  N N 258 
PHE HXT  H  N N 259 
PLH C1   C  N N 260 
PLH C2   C  N N 261 
PLH C3   C  N R 262 
PLH C4   C  N N 263 
PLH C5   C  N N 264 
PLH C6   C  N N 265 
PLH C7   C  N N 266 
PLH C8   C  N N 267 
PLH C9   C  N S 268 
PLH C10  C  N N 269 
PLH C11  C  N N 270 
PLH C12  C  N N 271 
PLH C13  C  Y N 272 
PLH C14  C  Y N 273 
PLH C15  C  Y N 274 
PLH C16  C  Y N 275 
PLH C17  C  Y N 276 
PLH C18  C  Y N 277 
PLH N1   N  N N 278 
PLH N2   N  N N 279 
PLH N3   N  N N 280 
PLH O1   O  N N 281 
PLH O2   O  N N 282 
PLH O3   O  N N 283 
PLH O4   O  N N 284 
PLH H21  H  N N 285 
PLH H22  H  N N 286 
PLH H3   H  N N 287 
PLH H41  H  N N 288 
PLH H42  H  N N 289 
PLH H5   H  N N 290 
PLH H61  H  N N 291 
PLH H62  H  N N 292 
PLH H63  H  N N 293 
PLH H71  H  N N 294 
PLH H72  H  N N 295 
PLH H73  H  N N 296 
PLH H9   H  N N 297 
PLH H111 H  N N 298 
PLH H112 H  N N 299 
PLH H113 H  N N 300 
PLH H121 H  N N 301 
PLH H122 H  N N 302 
PLH H14  H  N N 303 
PLH H15  H  N N 304 
PLH H16  H  N N 305 
PLH H17  H  N N 306 
PLH H18  H  N N 307 
PLH HN1  H  N N 308 
PLH HN2  H  N N 309 
PLH HN3  H  N N 310 
PLH HO1  H  N N 311 
PRO N    N  N N 312 
PRO CA   C  N S 313 
PRO C    C  N N 314 
PRO O    O  N N 315 
PRO CB   C  N N 316 
PRO CG   C  N N 317 
PRO CD   C  N N 318 
PRO OXT  O  N N 319 
PRO H    H  N N 320 
PRO HA   H  N N 321 
PRO HB2  H  N N 322 
PRO HB3  H  N N 323 
PRO HG2  H  N N 324 
PRO HG3  H  N N 325 
PRO HD2  H  N N 326 
PRO HD3  H  N N 327 
PRO HXT  H  N N 328 
SER N    N  N N 329 
SER CA   C  N S 330 
SER C    C  N N 331 
SER O    O  N N 332 
SER CB   C  N N 333 
SER OG   O  N N 334 
SER OXT  O  N N 335 
SER H    H  N N 336 
SER H2   H  N N 337 
SER HA   H  N N 338 
SER HB2  H  N N 339 
SER HB3  H  N N 340 
SER HG   H  N N 341 
SER HXT  H  N N 342 
THR N    N  N N 343 
THR CA   C  N S 344 
THR C    C  N N 345 
THR O    O  N N 346 
THR CB   C  N R 347 
THR OG1  O  N N 348 
THR CG2  C  N N 349 
THR OXT  O  N N 350 
THR H    H  N N 351 
THR H2   H  N N 352 
THR HA   H  N N 353 
THR HB   H  N N 354 
THR HG1  H  N N 355 
THR HG21 H  N N 356 
THR HG22 H  N N 357 
THR HG23 H  N N 358 
THR HXT  H  N N 359 
TRP N    N  N N 360 
TRP CA   C  N S 361 
TRP C    C  N N 362 
TRP O    O  N N 363 
TRP CB   C  N N 364 
TRP CG   C  Y N 365 
TRP CD1  C  Y N 366 
TRP CD2  C  Y N 367 
TRP NE1  N  Y N 368 
TRP CE2  C  Y N 369 
TRP CE3  C  Y N 370 
TRP CZ2  C  Y N 371 
TRP CZ3  C  Y N 372 
TRP CH2  C  Y N 373 
TRP OXT  O  N N 374 
TRP H    H  N N 375 
TRP H2   H  N N 376 
TRP HA   H  N N 377 
TRP HB2  H  N N 378 
TRP HB3  H  N N 379 
TRP HD1  H  N N 380 
TRP HE1  H  N N 381 
TRP HE3  H  N N 382 
TRP HZ2  H  N N 383 
TRP HZ3  H  N N 384 
TRP HH2  H  N N 385 
TRP HXT  H  N N 386 
TYR N    N  N N 387 
TYR CA   C  N S 388 
TYR C    C  N N 389 
TYR O    O  N N 390 
TYR CB   C  N N 391 
TYR CG   C  Y N 392 
TYR CD1  C  Y N 393 
TYR CD2  C  Y N 394 
TYR CE1  C  Y N 395 
TYR CE2  C  Y N 396 
TYR CZ   C  Y N 397 
TYR OH   O  N N 398 
TYR OXT  O  N N 399 
TYR H    H  N N 400 
TYR H2   H  N N 401 
TYR HA   H  N N 402 
TYR HB2  H  N N 403 
TYR HB3  H  N N 404 
TYR HD1  H  N N 405 
TYR HD2  H  N N 406 
TYR HE1  H  N N 407 
TYR HE2  H  N N 408 
TYR HH   H  N N 409 
TYR HXT  H  N N 410 
VAL N    N  N N 411 
VAL CA   C  N S 412 
VAL C    C  N N 413 
VAL O    O  N N 414 
VAL CB   C  N N 415 
VAL CG1  C  N N 416 
VAL CG2  C  N N 417 
VAL OXT  O  N N 418 
VAL H    H  N N 419 
VAL H2   H  N N 420 
VAL HA   H  N N 421 
VAL HB   H  N N 422 
VAL HG11 H  N N 423 
VAL HG12 H  N N 424 
VAL HG13 H  N N 425 
VAL HG21 H  N N 426 
VAL HG22 H  N N 427 
VAL HG23 H  N N 428 
VAL HXT  H  N N 429 
ZN  ZN   ZN N N 430 
# 
loop_
_chem_comp_bond.comp_id 
_chem_comp_bond.atom_id_1 
_chem_comp_bond.atom_id_2 
_chem_comp_bond.value_order 
_chem_comp_bond.pdbx_aromatic_flag 
_chem_comp_bond.pdbx_stereo_config 
_chem_comp_bond.pdbx_ordinal 
ALA N   CA   sing N N 1   
ALA N   H    sing N N 2   
ALA N   H2   sing N N 3   
ALA CA  C    sing N N 4   
ALA CA  CB   sing N N 5   
ALA CA  HA   sing N N 6   
ALA C   O    doub N N 7   
ALA C   OXT  sing N N 8   
ALA CB  HB1  sing N N 9   
ALA CB  HB2  sing N N 10  
ALA CB  HB3  sing N N 11  
ALA OXT HXT  sing N N 12  
ARG N   CA   sing N N 13  
ARG N   H    sing N N 14  
ARG N   H2   sing N N 15  
ARG CA  C    sing N N 16  
ARG CA  CB   sing N N 17  
ARG CA  HA   sing N N 18  
ARG C   O    doub N N 19  
ARG C   OXT  sing N N 20  
ARG CB  CG   sing N N 21  
ARG CB  HB2  sing N N 22  
ARG CB  HB3  sing N N 23  
ARG CG  CD   sing N N 24  
ARG CG  HG2  sing N N 25  
ARG CG  HG3  sing N N 26  
ARG CD  NE   sing N N 27  
ARG CD  HD2  sing N N 28  
ARG CD  HD3  sing N N 29  
ARG NE  CZ   sing N N 30  
ARG NE  HE   sing N N 31  
ARG CZ  NH1  sing N N 32  
ARG CZ  NH2  doub N N 33  
ARG NH1 HH11 sing N N 34  
ARG NH1 HH12 sing N N 35  
ARG NH2 HH21 sing N N 36  
ARG NH2 HH22 sing N N 37  
ARG OXT HXT  sing N N 38  
ASN N   CA   sing N N 39  
ASN N   H    sing N N 40  
ASN N   H2   sing N N 41  
ASN CA  C    sing N N 42  
ASN CA  CB   sing N N 43  
ASN CA  HA   sing N N 44  
ASN C   O    doub N N 45  
ASN C   OXT  sing N N 46  
ASN CB  CG   sing N N 47  
ASN CB  HB2  sing N N 48  
ASN CB  HB3  sing N N 49  
ASN CG  OD1  doub N N 50  
ASN CG  ND2  sing N N 51  
ASN ND2 HD21 sing N N 52  
ASN ND2 HD22 sing N N 53  
ASN OXT HXT  sing N N 54  
ASP N   CA   sing N N 55  
ASP N   H    sing N N 56  
ASP N   H2   sing N N 57  
ASP CA  C    sing N N 58  
ASP CA  CB   sing N N 59  
ASP CA  HA   sing N N 60  
ASP C   O    doub N N 61  
ASP C   OXT  sing N N 62  
ASP CB  CG   sing N N 63  
ASP CB  HB2  sing N N 64  
ASP CB  HB3  sing N N 65  
ASP CG  OD1  doub N N 66  
ASP CG  OD2  sing N N 67  
ASP OD2 HD2  sing N N 68  
ASP OXT HXT  sing N N 69  
GLN N   CA   sing N N 70  
GLN N   H    sing N N 71  
GLN N   H2   sing N N 72  
GLN CA  C    sing N N 73  
GLN CA  CB   sing N N 74  
GLN CA  HA   sing N N 75  
GLN C   O    doub N N 76  
GLN C   OXT  sing N N 77  
GLN CB  CG   sing N N 78  
GLN CB  HB2  sing N N 79  
GLN CB  HB3  sing N N 80  
GLN CG  CD   sing N N 81  
GLN CG  HG2  sing N N 82  
GLN CG  HG3  sing N N 83  
GLN CD  OE1  doub N N 84  
GLN CD  NE2  sing N N 85  
GLN NE2 HE21 sing N N 86  
GLN NE2 HE22 sing N N 87  
GLN OXT HXT  sing N N 88  
GLU N   CA   sing N N 89  
GLU N   H    sing N N 90  
GLU N   H2   sing N N 91  
GLU CA  C    sing N N 92  
GLU CA  CB   sing N N 93  
GLU CA  HA   sing N N 94  
GLU C   O    doub N N 95  
GLU C   OXT  sing N N 96  
GLU CB  CG   sing N N 97  
GLU CB  HB2  sing N N 98  
GLU CB  HB3  sing N N 99  
GLU CG  CD   sing N N 100 
GLU CG  HG2  sing N N 101 
GLU CG  HG3  sing N N 102 
GLU CD  OE1  doub N N 103 
GLU CD  OE2  sing N N 104 
GLU OE2 HE2  sing N N 105 
GLU OXT HXT  sing N N 106 
GLY N   CA   sing N N 107 
GLY N   H    sing N N 108 
GLY N   H2   sing N N 109 
GLY CA  C    sing N N 110 
GLY CA  HA2  sing N N 111 
GLY CA  HA3  sing N N 112 
GLY C   O    doub N N 113 
GLY C   OXT  sing N N 114 
GLY OXT HXT  sing N N 115 
HIS N   CA   sing N N 116 
HIS N   H    sing N N 117 
HIS N   H2   sing N N 118 
HIS CA  C    sing N N 119 
HIS CA  CB   sing N N 120 
HIS CA  HA   sing N N 121 
HIS C   O    doub N N 122 
HIS C   OXT  sing N N 123 
HIS CB  CG   sing N N 124 
HIS CB  HB2  sing N N 125 
HIS CB  HB3  sing N N 126 
HIS CG  ND1  sing Y N 127 
HIS CG  CD2  doub Y N 128 
HIS ND1 CE1  doub Y N 129 
HIS ND1 HD1  sing N N 130 
HIS CD2 NE2  sing Y N 131 
HIS CD2 HD2  sing N N 132 
HIS CE1 NE2  sing Y N 133 
HIS CE1 HE1  sing N N 134 
HIS NE2 HE2  sing N N 135 
HIS OXT HXT  sing N N 136 
HOH O   H1   sing N N 137 
HOH O   H2   sing N N 138 
ILE N   CA   sing N N 139 
ILE N   H    sing N N 140 
ILE N   H2   sing N N 141 
ILE CA  C    sing N N 142 
ILE CA  CB   sing N N 143 
ILE CA  HA   sing N N 144 
ILE C   O    doub N N 145 
ILE C   OXT  sing N N 146 
ILE CB  CG1  sing N N 147 
ILE CB  CG2  sing N N 148 
ILE CB  HB   sing N N 149 
ILE CG1 CD1  sing N N 150 
ILE CG1 HG12 sing N N 151 
ILE CG1 HG13 sing N N 152 
ILE CG2 HG21 sing N N 153 
ILE CG2 HG22 sing N N 154 
ILE CG2 HG23 sing N N 155 
ILE CD1 HD11 sing N N 156 
ILE CD1 HD12 sing N N 157 
ILE CD1 HD13 sing N N 158 
ILE OXT HXT  sing N N 159 
LEU N   CA   sing N N 160 
LEU N   H    sing N N 161 
LEU N   H2   sing N N 162 
LEU CA  C    sing N N 163 
LEU CA  CB   sing N N 164 
LEU CA  HA   sing N N 165 
LEU C   O    doub N N 166 
LEU C   OXT  sing N N 167 
LEU CB  CG   sing N N 168 
LEU CB  HB2  sing N N 169 
LEU CB  HB3  sing N N 170 
LEU CG  CD1  sing N N 171 
LEU CG  CD2  sing N N 172 
LEU CG  HG   sing N N 173 
LEU CD1 HD11 sing N N 174 
LEU CD1 HD12 sing N N 175 
LEU CD1 HD13 sing N N 176 
LEU CD2 HD21 sing N N 177 
LEU CD2 HD22 sing N N 178 
LEU CD2 HD23 sing N N 179 
LEU OXT HXT  sing N N 180 
LYS N   CA   sing N N 181 
LYS N   H    sing N N 182 
LYS N   H2   sing N N 183 
LYS CA  C    sing N N 184 
LYS CA  CB   sing N N 185 
LYS CA  HA   sing N N 186 
LYS C   O    doub N N 187 
LYS C   OXT  sing N N 188 
LYS CB  CG   sing N N 189 
LYS CB  HB2  sing N N 190 
LYS CB  HB3  sing N N 191 
LYS CG  CD   sing N N 192 
LYS CG  HG2  sing N N 193 
LYS CG  HG3  sing N N 194 
LYS CD  CE   sing N N 195 
LYS CD  HD2  sing N N 196 
LYS CD  HD3  sing N N 197 
LYS CE  NZ   sing N N 198 
LYS CE  HE2  sing N N 199 
LYS CE  HE3  sing N N 200 
LYS NZ  HZ1  sing N N 201 
LYS NZ  HZ2  sing N N 202 
LYS NZ  HZ3  sing N N 203 
LYS OXT HXT  sing N N 204 
MET N   CA   sing N N 205 
MET N   H    sing N N 206 
MET N   H2   sing N N 207 
MET CA  C    sing N N 208 
MET CA  CB   sing N N 209 
MET CA  HA   sing N N 210 
MET C   O    doub N N 211 
MET C   OXT  sing N N 212 
MET CB  CG   sing N N 213 
MET CB  HB2  sing N N 214 
MET CB  HB3  sing N N 215 
MET CG  SD   sing N N 216 
MET CG  HG2  sing N N 217 
MET CG  HG3  sing N N 218 
MET SD  CE   sing N N 219 
MET CE  HE1  sing N N 220 
MET CE  HE2  sing N N 221 
MET CE  HE3  sing N N 222 
MET OXT HXT  sing N N 223 
PHE N   CA   sing N N 224 
PHE N   H    sing N N 225 
PHE N   H2   sing N N 226 
PHE CA  C    sing N N 227 
PHE CA  CB   sing N N 228 
PHE CA  HA   sing N N 229 
PHE C   O    doub N N 230 
PHE C   OXT  sing N N 231 
PHE CB  CG   sing N N 232 
PHE CB  HB2  sing N N 233 
PHE CB  HB3  sing N N 234 
PHE CG  CD1  doub Y N 235 
PHE CG  CD2  sing Y N 236 
PHE CD1 CE1  sing Y N 237 
PHE CD1 HD1  sing N N 238 
PHE CD2 CE2  doub Y N 239 
PHE CD2 HD2  sing N N 240 
PHE CE1 CZ   doub Y N 241 
PHE CE1 HE1  sing N N 242 
PHE CE2 CZ   sing Y N 243 
PHE CE2 HE2  sing N N 244 
PHE CZ  HZ   sing N N 245 
PHE OXT HXT  sing N N 246 
PLH C1  C2   sing N N 247 
PLH C1  N1   sing N N 248 
PLH C1  O2   doub N N 249 
PLH C2  C3   sing N N 250 
PLH C2  H21  sing N N 251 
PLH C2  H22  sing N N 252 
PLH C3  C4   sing N N 253 
PLH C3  C8   sing N N 254 
PLH C3  H3   sing N N 255 
PLH C4  C5   sing N N 256 
PLH C4  H41  sing N N 257 
PLH C4  H42  sing N N 258 
PLH C5  C6   sing N N 259 
PLH C5  C7   sing N N 260 
PLH C5  H5   sing N N 261 
PLH C6  H61  sing N N 262 
PLH C6  H62  sing N N 263 
PLH C6  H63  sing N N 264 
PLH C7  H71  sing N N 265 
PLH C7  H72  sing N N 266 
PLH C7  H73  sing N N 267 
PLH C8  N2   sing N N 268 
PLH C8  O3   doub N N 269 
PLH C9  C10  sing N N 270 
PLH C9  C12  sing N N 271 
PLH C9  N2   sing N N 272 
PLH C9  H9   sing N N 273 
PLH C10 N3   sing N N 274 
PLH C10 O4   doub N N 275 
PLH C11 N3   sing N N 276 
PLH C11 H111 sing N N 277 
PLH C11 H112 sing N N 278 
PLH C11 H113 sing N N 279 
PLH C12 C13  sing N N 280 
PLH C12 H121 sing N N 281 
PLH C12 H122 sing N N 282 
PLH C13 C14  doub Y N 283 
PLH C13 C18  sing Y N 284 
PLH C14 C15  sing Y N 285 
PLH C14 H14  sing N N 286 
PLH C15 C16  doub Y N 287 
PLH C15 H15  sing N N 288 
PLH C16 C17  sing Y N 289 
PLH C16 H16  sing N N 290 
PLH C17 C18  doub Y N 291 
PLH C17 H17  sing N N 292 
PLH C18 H18  sing N N 293 
PLH N1  O1   sing N N 294 
PLH N1  HN1  sing N N 295 
PLH N2  HN2  sing N N 296 
PLH N3  HN3  sing N N 297 
PLH O1  HO1  sing N N 298 
PRO N   CA   sing N N 299 
PRO N   CD   sing N N 300 
PRO N   H    sing N N 301 
PRO CA  C    sing N N 302 
PRO CA  CB   sing N N 303 
PRO CA  HA   sing N N 304 
PRO C   O    doub N N 305 
PRO C   OXT  sing N N 306 
PRO CB  CG   sing N N 307 
PRO CB  HB2  sing N N 308 
PRO CB  HB3  sing N N 309 
PRO CG  CD   sing N N 310 
PRO CG  HG2  sing N N 311 
PRO CG  HG3  sing N N 312 
PRO CD  HD2  sing N N 313 
PRO CD  HD3  sing N N 314 
PRO OXT HXT  sing N N 315 
SER N   CA   sing N N 316 
SER N   H    sing N N 317 
SER N   H2   sing N N 318 
SER CA  C    sing N N 319 
SER CA  CB   sing N N 320 
SER CA  HA   sing N N 321 
SER C   O    doub N N 322 
SER C   OXT  sing N N 323 
SER CB  OG   sing N N 324 
SER CB  HB2  sing N N 325 
SER CB  HB3  sing N N 326 
SER OG  HG   sing N N 327 
SER OXT HXT  sing N N 328 
THR N   CA   sing N N 329 
THR N   H    sing N N 330 
THR N   H2   sing N N 331 
THR CA  C    sing N N 332 
THR CA  CB   sing N N 333 
THR CA  HA   sing N N 334 
THR C   O    doub N N 335 
THR C   OXT  sing N N 336 
THR CB  OG1  sing N N 337 
THR CB  CG2  sing N N 338 
THR CB  HB   sing N N 339 
THR OG1 HG1  sing N N 340 
THR CG2 HG21 sing N N 341 
THR CG2 HG22 sing N N 342 
THR CG2 HG23 sing N N 343 
THR OXT HXT  sing N N 344 
TRP N   CA   sing N N 345 
TRP N   H    sing N N 346 
TRP N   H2   sing N N 347 
TRP CA  C    sing N N 348 
TRP CA  CB   sing N N 349 
TRP CA  HA   sing N N 350 
TRP C   O    doub N N 351 
TRP C   OXT  sing N N 352 
TRP CB  CG   sing N N 353 
TRP CB  HB2  sing N N 354 
TRP CB  HB3  sing N N 355 
TRP CG  CD1  doub Y N 356 
TRP CG  CD2  sing Y N 357 
TRP CD1 NE1  sing Y N 358 
TRP CD1 HD1  sing N N 359 
TRP CD2 CE2  doub Y N 360 
TRP CD2 CE3  sing Y N 361 
TRP NE1 CE2  sing Y N 362 
TRP NE1 HE1  sing N N 363 
TRP CE2 CZ2  sing Y N 364 
TRP CE3 CZ3  doub Y N 365 
TRP CE3 HE3  sing N N 366 
TRP CZ2 CH2  doub Y N 367 
TRP CZ2 HZ2  sing N N 368 
TRP CZ3 CH2  sing Y N 369 
TRP CZ3 HZ3  sing N N 370 
TRP CH2 HH2  sing N N 371 
TRP OXT HXT  sing N N 372 
TYR N   CA   sing N N 373 
TYR N   H    sing N N 374 
TYR N   H2   sing N N 375 
TYR CA  C    sing N N 376 
TYR CA  CB   sing N N 377 
TYR CA  HA   sing N N 378 
TYR C   O    doub N N 379 
TYR C   OXT  sing N N 380 
TYR CB  CG   sing N N 381 
TYR CB  HB2  sing N N 382 
TYR CB  HB3  sing N N 383 
TYR CG  CD1  doub Y N 384 
TYR CG  CD2  sing Y N 385 
TYR CD1 CE1  sing Y N 386 
TYR CD1 HD1  sing N N 387 
TYR CD2 CE2  doub Y N 388 
TYR CD2 HD2  sing N N 389 
TYR CE1 CZ   doub Y N 390 
TYR CE1 HE1  sing N N 391 
TYR CE2 CZ   sing Y N 392 
TYR CE2 HE2  sing N N 393 
TYR CZ  OH   sing N N 394 
TYR OH  HH   sing N N 395 
TYR OXT HXT  sing N N 396 
VAL N   CA   sing N N 397 
VAL N   H    sing N N 398 
VAL N   H2   sing N N 399 
VAL CA  C    sing N N 400 
VAL CA  CB   sing N N 401 
VAL CA  HA   sing N N 402 
VAL C   O    doub N N 403 
VAL C   OXT  sing N N 404 
VAL CB  CG1  sing N N 405 
VAL CB  CG2  sing N N 406 
VAL CB  HB   sing N N 407 
VAL CG1 HG11 sing N N 408 
VAL CG1 HG12 sing N N 409 
VAL CG1 HG13 sing N N 410 
VAL CG2 HG21 sing N N 411 
VAL CG2 HG22 sing N N 412 
VAL CG2 HG23 sing N N 413 
VAL OXT HXT  sing N N 414 
# 
_atom_sites.entry_id                    1HFC 
_atom_sites.fract_transf_matrix[1][1]   0.00176159 
_atom_sites.fract_transf_matrix[1][2]   0.00193446 
_atom_sites.fract_transf_matrix[1][3]   0.00877527 
_atom_sites.fract_transf_matrix[2][1]   0.01938764 
_atom_sites.fract_transf_matrix[2][2]   -0.01120338 
_atom_sites.fract_transf_matrix[2][3]   -0.00142225 
_atom_sites.fract_transf_matrix[3][1]   0.01282008 
_atom_sites.fract_transf_matrix[3][2]   0.02316022 
_atom_sites.fract_transf_matrix[3][3]   -0.00767911 
_atom_sites.fract_transf_vector[1]      0.133071 
_atom_sites.fract_transf_vector[2]      0.659857 
_atom_sites.fract_transf_vector[3]      0.648516 
# 
_atom_sites_footnote.id     1 
_atom_sites_footnote.text   'RESIDUES GLU 209 AND TYR 210 FORM A CIS-PEPTIDE BOND.' 
# 
loop_
_atom_type.symbol 
C  
CA 
N  
O  
S  
ZN 
# 
loop_
_atom_site.group_PDB 
_atom_site.id 
_atom_site.type_symbol 
_atom_site.label_atom_id 
_atom_site.label_alt_id 
_atom_site.label_comp_id 
_atom_site.label_asym_id 
_atom_site.label_entity_id 
_atom_site.label_seq_id 
_atom_site.pdbx_PDB_ins_code 
_atom_site.Cartn_x 
_atom_site.Cartn_y 
_atom_site.Cartn_z 
_atom_site.occupancy 
_atom_site.B_iso_or_equiv 
_atom_site.pdbx_formal_charge 
_atom_site.auth_seq_id 
_atom_site.auth_comp_id 
_atom_site.auth_asym_id 
_atom_site.auth_atom_id 
_atom_site.pdbx_PDB_model_num 
ATOM   1    N  N   . PRO A 1 7   ? -4.612  12.215  -10.670 1.00 26.18 ? 107 PRO A N   1 
ATOM   2    C  CA  . PRO A 1 7   ? -3.293  11.620  -11.015 1.00 22.40 ? 107 PRO A CA  1 
ATOM   3    C  C   . PRO A 1 7   ? -3.529  10.121  -11.172 1.00 18.88 ? 107 PRO A C   1 
ATOM   4    O  O   . PRO A 1 7   ? -4.271  9.504   -10.398 1.00 18.84 ? 107 PRO A O   1 
ATOM   5    C  CB  . PRO A 1 7   ? -2.392  12.024  -9.845  1.00 27.06 ? 107 PRO A CB  1 
ATOM   6    C  CG  . PRO A 1 7   ? -3.361  12.037  -8.679  1.00 27.41 ? 107 PRO A CG  1 
ATOM   7    C  CD  . PRO A 1 7   ? -4.562  12.781  -9.296  1.00 25.95 ? 107 PRO A CD  1 
ATOM   8    N  N   . ARG A 1 8   ? -2.921  9.575   -12.234 1.00 12.86 ? 108 ARG A N   1 
ATOM   9    C  CA  . ARG A 1 8   ? -3.070  8.142   -12.508 1.00 9.65  ? 108 ARG A CA  1 
ATOM   10   C  C   . ARG A 1 8   ? -1.858  7.741   -13.354 1.00 9.28  ? 108 ARG A C   1 
ATOM   11   O  O   . ARG A 1 8   ? -1.121  8.560   -13.944 1.00 12.36 ? 108 ARG A O   1 
ATOM   12   C  CB  . ARG A 1 8   ? -4.355  7.854   -13.315 1.00 14.73 ? 108 ARG A CB  1 
ATOM   13   C  CG  . ARG A 1 8   ? -4.263  8.361   -14.768 1.00 16.54 ? 108 ARG A CG  1 
ATOM   14   C  CD  . ARG A 1 8   ? -5.626  8.371   -15.410 1.00 18.03 ? 108 ARG A CD  1 
ATOM   15   N  NE  . ARG A 1 8   ? -6.179  7.061   -15.652 1.00 20.79 ? 108 ARG A NE  1 
ATOM   16   C  CZ  . ARG A 1 8   ? -5.859  6.307   -16.715 1.00 22.36 ? 108 ARG A CZ  1 
ATOM   17   N  NH1 . ARG A 1 8   ? -4.939  6.821   -17.545 1.00 22.78 ? 108 ARG A NH1 1 
ATOM   18   N  NH2 . ARG A 1 8   ? -6.428  5.122   -16.892 1.00 17.72 ? 108 ARG A NH2 1 
ATOM   19   N  N   . TRP A 1 9   ? -1.654  6.448   -13.359 1.00 6.50  ? 109 TRP A N   1 
ATOM   20   C  CA  . TRP A 1 9   ? -0.586  5.843   -14.191 1.00 7.02  ? 109 TRP A CA  1 
ATOM   21   C  C   . TRP A 1 9   ? -1.167  5.740   -15.662 1.00 9.59  ? 109 TRP A C   1 
ATOM   22   O  O   . TRP A 1 9   ? -2.319  5.311   -15.801 1.00 11.12 ? 109 TRP A O   1 
ATOM   23   C  CB  . TRP A 1 9   ? -0.346  4.440   -13.705 1.00 7.98  ? 109 TRP A CB  1 
ATOM   24   C  CG  . TRP A 1 9   ? 0.270   4.433   -12.314 1.00 8.80  ? 109 TRP A CG  1 
ATOM   25   C  CD1 . TRP A 1 9   ? -0.364  4.037   -11.152 1.00 9.01  ? 109 TRP A CD1 1 
ATOM   26   C  CD2 . TRP A 1 9   ? 1.586   4.825   -12.020 1.00 8.25  ? 109 TRP A CD2 1 
ATOM   27   N  NE1 . TRP A 1 9   ? 0.533   4.159   -10.113 1.00 7.68  ? 109 TRP A NE1 1 
ATOM   28   C  CE2 . TRP A 1 9   ? 1.732   4.620   -10.587 1.00 8.74  ? 109 TRP A CE2 1 
ATOM   29   C  CE3 . TRP A 1 9   ? 2.708   5.275   -12.704 1.00 10.83 ? 109 TRP A CE3 1 
ATOM   30   C  CZ2 . TRP A 1 9   ? 2.945   4.868   -9.962  1.00 11.94 ? 109 TRP A CZ2 1 
ATOM   31   C  CZ3 . TRP A 1 9   ? 3.902   5.551   -12.069 1.00 13.21 ? 109 TRP A CZ3 1 
ATOM   32   C  CH2 . TRP A 1 9   ? 3.993   5.356   -10.679 1.00 14.13 ? 109 TRP A CH2 1 
ATOM   33   N  N   . GLU A 1 10  ? -0.285  6.110   -16.578 1.00 14.74 ? 110 GLU A N   1 
ATOM   34   C  CA  . GLU A 1 10  ? -0.692  6.005   -18.015 1.00 18.73 ? 110 GLU A CA  1 
ATOM   35   C  C   . GLU A 1 10  ? -0.601  4.539   -18.448 1.00 19.45 ? 110 GLU A C   1 
ATOM   36   O  O   . GLU A 1 10  ? -1.415  4.122   -19.296 1.00 22.43 ? 110 GLU A O   1 
ATOM   37   C  CB  . GLU A 1 10  ? 0.246   6.861   -18.879 1.00 24.05 ? 110 GLU A CB  1 
ATOM   38   C  CG  . GLU A 1 10  ? 1.695   6.373   -18.906 1.00 45.81 ? 110 GLU A CG  1 
ATOM   39   C  CD  . GLU A 1 10  ? 2.854   6.484   -19.841 1.00 55.47 ? 110 GLU A CD  1 
ATOM   40   O  OE1 . GLU A 1 10  ? 3.174   7.352   -20.656 1.00 59.83 ? 110 GLU A OE1 1 
ATOM   41   O  OE2 . GLU A 1 10  ? 3.673   5.514   -19.785 1.00 59.56 ? 110 GLU A OE2 1 
ATOM   42   N  N   . GLN A 1 11  ? 0.308   3.734   -17.933 1.00 16.69 ? 111 GLN A N   1 
ATOM   43   C  CA  . GLN A 1 11  ? 0.488   2.327   -18.269 1.00 16.34 ? 111 GLN A CA  1 
ATOM   44   C  C   . GLN A 1 11  ? -0.357  1.402   -17.416 1.00 15.16 ? 111 GLN A C   1 
ATOM   45   O  O   . GLN A 1 11  ? -0.599  1.849   -16.259 1.00 16.67 ? 111 GLN A O   1 
ATOM   46   C  CB  . GLN A 1 11  ? 1.943   1.871   -18.229 1.00 26.36 ? 111 GLN A CB  1 
ATOM   47   C  CG  . GLN A 1 11  ? 2.689   2.365   -19.469 1.00 40.74 ? 111 GLN A CG  1 
ATOM   48   C  CD  . GLN A 1 11  ? 3.954   1.531   -19.547 1.00 47.80 ? 111 GLN A CD  1 
ATOM   49   O  OE1 . GLN A 1 11  ? 5.036   2.114   -19.495 1.00 52.05 ? 111 GLN A OE1 1 
ATOM   50   N  NE2 . GLN A 1 11  ? 3.668   0.226   -19.655 1.00 51.29 ? 111 GLN A NE2 1 
ATOM   51   N  N   . THR A 1 12  ? -0.757  0.272   -17.944 1.00 10.90 ? 112 THR A N   1 
ATOM   52   C  CA  . THR A 1 12  ? -1.584  -0.661  -17.141 1.00 13.27 ? 112 THR A CA  1 
ATOM   53   C  C   . THR A 1 12  ? -0.703  -1.797  -16.606 1.00 11.60 ? 112 THR A C   1 
ATOM   54   O  O   . THR A 1 12  ? -1.218  -2.591  -15.803 1.00 15.45 ? 112 THR A O   1 
ATOM   55   C  CB  . THR A 1 12  ? -2.810  -1.307  -17.904 1.00 16.14 ? 112 THR A CB  1 
ATOM   56   O  OG1 . THR A 1 12  ? -2.138  -1.939  -19.049 1.00 18.25 ? 112 THR A OG1 1 
ATOM   57   C  CG2 . THR A 1 12  ? -3.895  -0.302  -18.246 1.00 19.45 ? 112 THR A CG2 1 
ATOM   58   N  N   . HIS A 1 13  ? 0.547   -1.863  -17.020 1.00 9.52  ? 113 HIS A N   1 
ATOM   59   C  CA  . HIS A 1 13  ? 1.436   -2.954  -16.533 1.00 8.77  ? 113 HIS A CA  1 
ATOM   60   C  C   . HIS A 1 13  ? 2.497   -2.247  -15.723 1.00 9.78  ? 113 HIS A C   1 
ATOM   61   O  O   . HIS A 1 13  ? 3.329   -1.553  -16.311 1.00 9.31  ? 113 HIS A O   1 
ATOM   62   C  CB  . HIS A 1 13  ? 2.159   -3.686  -17.710 1.00 10.39 ? 113 HIS A CB  1 
ATOM   63   C  CG  . HIS A 1 13  ? 1.130   -4.544  -18.383 1.00 22.49 ? 113 HIS A CG  1 
ATOM   64   N  ND1 . HIS A 1 13  ? 1.280   -5.898  -18.577 1.00 31.81 ? 113 HIS A ND1 1 
ATOM   65   C  CD2 . HIS A 1 13  ? -0.080  -4.194  -18.895 1.00 29.31 ? 113 HIS A CD2 1 
ATOM   66   C  CE1 . HIS A 1 13  ? 0.185   -6.336  -19.212 1.00 29.97 ? 113 HIS A CE1 1 
ATOM   67   N  NE2 . HIS A 1 13  ? -0.644  -5.336  -19.414 1.00 29.27 ? 113 HIS A NE2 1 
ATOM   68   N  N   . LEU A 1 14  ? 2.417   -2.405  -14.390 1.00 7.24  ? 114 LEU A N   1 
ATOM   69   C  CA  . LEU A 1 14  ? 3.383   -1.693  -13.525 1.00 9.39  ? 114 LEU A CA  1 
ATOM   70   C  C   . LEU A 1 14  ? 4.302   -2.619  -12.766 1.00 5.96  ? 114 LEU A C   1 
ATOM   71   O  O   . LEU A 1 14  ? 3.942   -3.787  -12.594 1.00 7.54  ? 114 LEU A O   1 
ATOM   72   C  CB  . LEU A 1 14  ? 2.477   -0.995  -12.437 1.00 10.14 ? 114 LEU A CB  1 
ATOM   73   C  CG  . LEU A 1 14  ? 1.592   0.111   -13.032 1.00 14.12 ? 114 LEU A CG  1 
ATOM   74   C  CD1 . LEU A 1 14  ? 0.484   0.483   -12.043 1.00 20.41 ? 114 LEU A CD1 1 
ATOM   75   C  CD2 . LEU A 1 14  ? 2.490   1.309   -13.265 1.00 18.66 ? 114 LEU A CD2 1 
ATOM   76   N  N   . THR A 1 15  ? 5.414   -2.090  -12.280 1.00 7.67  ? 115 THR A N   1 
ATOM   77   C  CA  . THR A 1 15  ? 6.326   -2.912  -11.479 1.00 6.10  ? 115 THR A CA  1 
ATOM   78   C  C   . THR A 1 15  ? 6.438   -2.320  -10.023 1.00 6.07  ? 115 THR A C   1 
ATOM   79   O  O   . THR A 1 15  ? 6.134   -1.147  -9.813  1.00 5.14  ? 115 THR A O   1 
ATOM   80   C  CB  . THR A 1 15  ? 7.796   -2.835  -12.014 1.00 4.67  ? 115 THR A CB  1 
ATOM   81   O  OG1 . THR A 1 15  ? 8.234   -1.472  -12.195 1.00 7.29  ? 115 THR A OG1 1 
ATOM   82   C  CG2 . THR A 1 15  ? 7.764   -3.496  -13.453 1.00 7.69  ? 115 THR A CG2 1 
ATOM   83   N  N   . TYR A 1 16  ? 6.845   -3.271  -9.221  1.00 5.57  ? 116 TYR A N   1 
ATOM   84   C  CA  . TYR A 1 16  ? 7.069   -2.852  -7.809  1.00 3.73  ? 116 TYR A CA  1 
ATOM   85   C  C   . TYR A 1 16  ? 8.297   -3.554  -7.281  1.00 8.21  ? 116 TYR A C   1 
ATOM   86   O  O   . TYR A 1 16  ? 8.629   -4.633  -7.808  1.00 7.03  ? 116 TYR A O   1 
ATOM   87   C  CB  . TYR A 1 16  ? 5.874   -3.136  -6.971  1.00 5.93  ? 116 TYR A CB  1 
ATOM   88   C  CG  . TYR A 1 16  ? 5.548   -4.546  -6.630  1.00 5.78  ? 116 TYR A CG  1 
ATOM   89   C  CD1 . TYR A 1 16  ? 4.697   -5.325  -7.402  1.00 10.01 ? 116 TYR A CD1 1 
ATOM   90   C  CD2 . TYR A 1 16  ? 6.017   -5.118  -5.432  1.00 7.84  ? 116 TYR A CD2 1 
ATOM   91   C  CE1 . TYR A 1 16  ? 4.306   -6.627  -7.067  1.00 11.37 ? 116 TYR A CE1 1 
ATOM   92   C  CE2 . TYR A 1 16  ? 5.651   -6.389  -5.063  1.00 8.14  ? 116 TYR A CE2 1 
ATOM   93   C  CZ  . TYR A 1 16  ? 4.812   -7.152  -5.875  1.00 12.50 ? 116 TYR A CZ  1 
ATOM   94   O  OH  . TYR A 1 16  ? 4.469   -8.437  -5.478  1.00 14.58 ? 116 TYR A OH  1 
ATOM   95   N  N   . ARG A 1 17  ? 8.885   -3.000  -6.240  1.00 5.83  ? 117 ARG A N   1 
ATOM   96   C  CA  . ARG A 1 17  ? 10.059  -3.634  -5.626  1.00 6.36  ? 117 ARG A CA  1 
ATOM   97   C  C   . ARG A 1 17  ? 10.001  -3.395  -4.090  1.00 7.87  ? 117 ARG A C   1 
ATOM   98   O  O   . ARG A 1 17  ? 9.634   -2.234  -3.774  1.00 5.24  ? 117 ARG A O   1 
ATOM   99   C  CB  . ARG A 1 17  ? 11.298  -2.980  -6.144  1.00 9.68  ? 117 ARG A CB  1 
ATOM   100  C  CG  . ARG A 1 17  ? 12.486  -3.652  -5.410  1.00 10.02 ? 117 ARG A CG  1 
ATOM   101  C  CD  . ARG A 1 17  ? 13.559  -3.835  -6.375  1.00 24.49 ? 117 ARG A CD  1 
ATOM   102  N  NE  . ARG A 1 17  ? 14.522  -2.821  -6.166  1.00 21.65 ? 117 ARG A NE  1 
ATOM   103  C  CZ  . ARG A 1 17  ? 15.668  -2.610  -5.557  1.00 20.80 ? 117 ARG A CZ  1 
ATOM   104  N  NH1 . ARG A 1 17  ? 16.455  -3.277  -4.745  1.00 28.42 ? 117 ARG A NH1 1 
ATOM   105  N  NH2 . ARG A 1 17  ? 16.165  -1.419  -5.977  1.00 23.25 ? 117 ARG A NH2 1 
ATOM   106  N  N   . ILE A 1 18  ? 10.290  -4.440  -3.394  1.00 7.61  ? 118 ILE A N   1 
ATOM   107  C  CA  . ILE A 1 18  ? 10.334  -4.310  -1.890  1.00 6.58  ? 118 ILE A CA  1 
ATOM   108  C  C   . ILE A 1 18  ? 11.791  -4.087  -1.682  1.00 7.46  ? 118 ILE A C   1 
ATOM   109  O  O   . ILE A 1 18  ? 12.652  -4.988  -1.845  1.00 9.03  ? 118 ILE A O   1 
ATOM   110  C  CB  . ILE A 1 18  ? 9.738   -5.588  -1.257  1.00 7.34  ? 118 ILE A CB  1 
ATOM   111  C  CG1 . ILE A 1 18  ? 8.280   -5.774  -1.667  1.00 8.39  ? 118 ILE A CG1 1 
ATOM   112  C  CG2 . ILE A 1 18  ? 9.911   -5.395  0.310   1.00 11.75 ? 118 ILE A CG2 1 
ATOM   113  C  CD1 . ILE A 1 18  ? 7.739   -7.094  -1.109  1.00 9.72  ? 118 ILE A CD1 1 
ATOM   114  N  N   . GLU A 1 19  ? 12.149  -2.864  -1.233  1.00 6.96  ? 119 GLU A N   1 
ATOM   115  C  CA  . GLU A 1 19  ? 13.534  -2.435  -1.000  1.00 9.74  ? 119 GLU A CA  1 
ATOM   116  C  C   . GLU A 1 19  ? 14.160  -3.063  0.207   1.00 10.94 ? 119 GLU A C   1 
ATOM   117  O  O   . GLU A 1 19  ? 15.377  -3.412  0.242   1.00 13.98 ? 119 GLU A O   1 
ATOM   118  C  CB  . GLU A 1 19  ? 13.649  -0.896  -0.828  1.00 11.16 ? 119 GLU A CB  1 
ATOM   119  C  CG  . GLU A 1 19  ? 13.185  -0.168  -2.093  1.00 13.97 ? 119 GLU A CG  1 
ATOM   120  C  CD  . GLU A 1 19  ? 13.498  1.291   -2.016  1.00 18.83 ? 119 GLU A CD  1 
ATOM   121  O  OE1 . GLU A 1 19  ? 14.705  1.531   -2.098  1.00 20.43 ? 119 GLU A OE1 1 
ATOM   122  O  OE2 . GLU A 1 19  ? 12.656  2.137   -1.863  1.00 15.56 ? 119 GLU A OE2 1 
ATOM   123  N  N   . ASN A 1 20  ? 13.396  -3.226  1.280   1.00 10.97 ? 120 ASN A N   1 
ATOM   124  C  CA  . ASN A 1 20  ? 13.904  -3.791  2.541   1.00 8.72  ? 120 ASN A CA  1 
ATOM   125  C  C   . ASN A 1 20  ? 12.727  -4.405  3.277   1.00 8.78  ? 120 ASN A C   1 
ATOM   126  O  O   . ASN A 1 20  ? 11.574  -4.277  2.846   1.00 11.11 ? 120 ASN A O   1 
ATOM   127  C  CB  . ASN A 1 20  ? 14.677  -2.728  3.314   1.00 7.80  ? 120 ASN A CB  1 
ATOM   128  C  CG  . ASN A 1 20  ? 13.810  -1.682  3.925   1.00 10.81 ? 120 ASN A CG  1 
ATOM   129  O  OD1 . ASN A 1 20  ? 12.757  -1.307  3.482   1.00 11.26 ? 120 ASN A OD1 1 
ATOM   130  N  ND2 . ASN A 1 20  ? 14.219  -1.149  5.070   1.00 14.35 ? 120 ASN A ND2 1 
ATOM   131  N  N   . TYR A 1 21  ? 13.118  -5.040  4.424   1.00 8.92  ? 121 TYR A N   1 
ATOM   132  C  CA  . TYR A 1 21  ? 12.053  -5.713  5.170   1.00 9.92  ? 121 TYR A CA  1 
ATOM   133  C  C   . TYR A 1 21  ? 12.046  -5.467  6.682   1.00 15.74 ? 121 TYR A C   1 
ATOM   134  O  O   . TYR A 1 21  ? 13.160  -5.293  7.210   1.00 20.49 ? 121 TYR A O   1 
ATOM   135  C  CB  . TYR A 1 21  ? 12.412  -7.223  5.038   1.00 12.44 ? 121 TYR A CB  1 
ATOM   136  C  CG  . TYR A 1 21  ? 12.112  -7.775  3.666   1.00 11.33 ? 121 TYR A CG  1 
ATOM   137  C  CD1 . TYR A 1 21  ? 12.990  -7.621  2.593   1.00 15.01 ? 121 TYR A CD1 1 
ATOM   138  C  CD2 . TYR A 1 21  ? 10.910  -8.473  3.433   1.00 12.29 ? 121 TYR A CD2 1 
ATOM   139  C  CE1 . TYR A 1 21  ? 12.713  -8.153  1.321   1.00 16.22 ? 121 TYR A CE1 1 
ATOM   140  C  CE2 . TYR A 1 21  ? 10.631  -8.990  2.153   1.00 11.19 ? 121 TYR A CE2 1 
ATOM   141  C  CZ  . TYR A 1 21  ? 11.533  -8.828  1.117   1.00 14.49 ? 121 TYR A CZ  1 
ATOM   142  O  OH  . TYR A 1 21  ? 11.277  -9.317  -0.143  1.00 17.10 ? 121 TYR A OH  1 
ATOM   143  N  N   . THR A 1 22  ? 10.865  -5.510  7.260   1.00 13.89 ? 122 THR A N   1 
ATOM   144  C  CA  . THR A 1 22  ? 10.848  -5.318  8.735   1.00 10.29 ? 122 THR A CA  1 
ATOM   145  C  C   . THR A 1 22  ? 11.215  -6.675  9.343   1.00 15.49 ? 122 THR A C   1 
ATOM   146  O  O   . THR A 1 22  ? 10.743  -7.710  8.834   1.00 14.22 ? 122 THR A O   1 
ATOM   147  C  CB  . THR A 1 22  ? 9.343   -5.033  9.135   1.00 9.28  ? 122 THR A CB  1 
ATOM   148  O  OG1 . THR A 1 22  ? 9.389   -5.079  10.617  1.00 12.79 ? 122 THR A OG1 1 
ATOM   149  C  CG2 . THR A 1 22  ? 8.363   -6.093  8.633   1.00 9.18  ? 122 THR A CG2 1 
ATOM   150  N  N   . PRO A 1 23  ? 11.993  -6.645  10.408  1.00 15.29 ? 123 PRO A N   1 
ATOM   151  C  CA  . PRO A 1 23  ? 12.382  -7.910  11.067  1.00 13.80 ? 123 PRO A CA  1 
ATOM   152  C  C   . PRO A 1 23  ? 11.249  -8.497  11.855  1.00 13.87 ? 123 PRO A C   1 
ATOM   153  O  O   . PRO A 1 23  ? 11.406  -9.586  12.428  1.00 17.05 ? 123 PRO A O   1 
ATOM   154  C  CB  . PRO A 1 23  ? 13.555  -7.584  12.017  1.00 15.89 ? 123 PRO A CB  1 
ATOM   155  C  CG  . PRO A 1 23  ? 13.427  -6.110  12.178  1.00 15.52 ? 123 PRO A CG  1 
ATOM   156  C  CD  . PRO A 1 23  ? 12.604  -5.472  11.035  1.00 17.58 ? 123 PRO A CD  1 
ATOM   157  N  N   . ASP A 1 24  ? 10.066  -7.859  11.958  1.00 10.55 ? 124 ASP A N   1 
ATOM   158  C  CA  . ASP A 1 24  ? 8.940   -8.345  12.745  1.00 10.49 ? 124 ASP A CA  1 
ATOM   159  C  C   . ASP A 1 24  ? 8.272   -9.598  12.193  1.00 11.72 ? 124 ASP A C   1 
ATOM   160  O  O   . ASP A 1 24  ? 7.552   -10.298 12.938  1.00 12.22 ? 124 ASP A O   1 
ATOM   161  C  CB  . ASP A 1 24  ? 7.887   -7.220  12.863  1.00 11.75 ? 124 ASP A CB  1 
ATOM   162  C  CG  . ASP A 1 24  ? 8.218   -6.081  13.773  1.00 19.98 ? 124 ASP A CG  1 
ATOM   163  O  OD1 . ASP A 1 24  ? 9.205   -6.088  14.506  1.00 23.27 ? 124 ASP A OD1 1 
ATOM   164  O  OD2 . ASP A 1 24  ? 7.423   -5.138  13.700  1.00 14.09 ? 124 ASP A OD2 1 
ATOM   165  N  N   . LEU A 1 25  ? 8.450   -9.837  10.919  1.00 10.27 ? 125 LEU A N   1 
ATOM   166  C  CA  . LEU A 1 25  ? 7.835   -10.970 10.242  1.00 11.89 ? 125 LEU A CA  1 
ATOM   167  C  C   . LEU A 1 25  ? 8.864   -11.657 9.342   1.00 13.09 ? 125 LEU A C   1 
ATOM   168  O  O   . LEU A 1 25  ? 9.805   -10.976 8.895   1.00 13.90 ? 125 LEU A O   1 
ATOM   169  C  CB  . LEU A 1 25  ? 6.759   -10.399 9.266   1.00 10.97 ? 125 LEU A CB  1 
ATOM   170  C  CG  . LEU A 1 25  ? 5.539   -9.808  9.963   1.00 12.87 ? 125 LEU A CG  1 
ATOM   171  C  CD1 . LEU A 1 25  ? 4.756   -9.123  8.854   1.00 16.12 ? 125 LEU A CD1 1 
ATOM   172  C  CD2 . LEU A 1 25  ? 4.695   -10.903 10.582  1.00 16.21 ? 125 LEU A CD2 1 
ATOM   173  N  N   . PRO A 1 26  ? 8.685   -12.930 9.010   1.00 14.10 ? 126 PRO A N   1 
ATOM   174  C  CA  . PRO A 1 26  ? 9.605   -13.657 8.114   1.00 13.96 ? 126 PRO A CA  1 
ATOM   175  C  C   . PRO A 1 26  ? 9.439   -12.981 6.739   1.00 14.06 ? 126 PRO A C   1 
ATOM   176  O  O   . PRO A 1 26  ? 8.325   -12.479 6.415   1.00 14.16 ? 126 PRO A O   1 
ATOM   177  C  CB  . PRO A 1 26  ? 8.937   -15.041 8.051   1.00 15.80 ? 126 PRO A CB  1 
ATOM   178  C  CG  . PRO A 1 26  ? 8.225   -15.176 9.361   1.00 16.90 ? 126 PRO A CG  1 
ATOM   179  C  CD  . PRO A 1 26  ? 7.594   -13.785 9.519   1.00 16.19 ? 126 PRO A CD  1 
ATOM   180  N  N   . ARG A 1 27  ? 10.461  -12.918 5.953   1.00 12.78 ? 127 ARG A N   1 
ATOM   181  C  CA  . ARG A 1 27  ? 10.465  -12.306 4.614   1.00 13.72 ? 127 ARG A CA  1 
ATOM   182  C  C   . ARG A 1 27  ? 9.318   -12.800 3.766   1.00 13.24 ? 127 ARG A C   1 
ATOM   183  O  O   . ARG A 1 27  ? 8.615   -11.948 3.132   1.00 13.62 ? 127 ARG A O   1 
ATOM   184  C  CB  . ARG A 1 27  ? 11.812  -12.448 3.888   1.00 17.08 ? 127 ARG A CB  1 
ATOM   185  C  CG  . ARG A 1 27  ? 12.858  -11.712 4.740   1.00 33.03 ? 127 ARG A CG  1 
ATOM   186  C  CD  . ARG A 1 27  ? 14.144  -11.462 4.035   1.00 44.65 ? 127 ARG A CD  1 
ATOM   187  N  NE  . ARG A 1 27  ? 13.968  -11.558 2.585   1.00 54.15 ? 127 ARG A NE  1 
ATOM   188  C  CZ  . ARG A 1 27  ? 14.956  -11.251 1.735   1.00 60.18 ? 127 ARG A CZ  1 
ATOM   189  N  NH1 . ARG A 1 27  ? 16.102  -10.799 2.261   1.00 64.12 ? 127 ARG A NH1 1 
ATOM   190  N  NH2 . ARG A 1 27  ? 14.805  -11.380 0.417   1.00 61.98 ? 127 ARG A NH2 1 
ATOM   191  N  N   . ALA A 1 28  ? 9.083   -14.114 3.742   1.00 12.71 ? 128 ALA A N   1 
ATOM   192  C  CA  . ALA A 1 28  ? 7.961   -14.625 2.956   1.00 13.01 ? 128 ALA A CA  1 
ATOM   193  C  C   . ALA A 1 28  ? 6.615   -14.000 3.337   1.00 12.69 ? 128 ALA A C   1 
ATOM   194  O  O   . ALA A 1 28  ? 5.739   -13.805 2.449   1.00 15.92 ? 128 ALA A O   1 
ATOM   195  C  CB  . ALA A 1 28  ? 7.798   -16.138 3.017   1.00 14.32 ? 128 ALA A CB  1 
ATOM   196  N  N   . ASP A 1 29  ? 6.399   -13.697 4.619   1.00 11.01 ? 129 ASP A N   1 
ATOM   197  C  CA  . ASP A 1 29  ? 5.140   -13.094 5.098   1.00 11.24 ? 129 ASP A CA  1 
ATOM   198  C  C   . ASP A 1 29  ? 5.004   -11.643 4.588   1.00 9.00  ? 129 ASP A C   1 
ATOM   199  O  O   . ASP A 1 29  ? 3.849   -11.279 4.264   1.00 10.63 ? 129 ASP A O   1 
ATOM   200  C  CB  . ASP A 1 29  ? 4.953   -13.212 6.599   1.00 15.96 ? 129 ASP A CB  1 
ATOM   201  C  CG  . ASP A 1 29  ? 4.672   -14.629 7.048   1.00 23.89 ? 129 ASP A CG  1 
ATOM   202  O  OD1 . ASP A 1 29  ? 4.454   -15.514 6.198   1.00 26.00 ? 129 ASP A OD1 1 
ATOM   203  O  OD2 . ASP A 1 29  ? 4.645   -14.968 8.230   1.00 30.94 ? 129 ASP A OD2 1 
ATOM   204  N  N   . VAL A 1 30  ? 6.111   -10.955 4.506   1.00 8.10  ? 130 VAL A N   1 
ATOM   205  C  CA  . VAL A 1 30  ? 6.099   -9.571  3.979   1.00 6.69  ? 130 VAL A CA  1 
ATOM   206  C  C   . VAL A 1 30  ? 5.772   -9.661  2.474   1.00 6.98  ? 130 VAL A C   1 
ATOM   207  O  O   . VAL A 1 30  ? 4.897   -8.925  2.032   1.00 8.47  ? 130 VAL A O   1 
ATOM   208  C  CB  . VAL A 1 30  ? 7.409   -8.856  4.317   1.00 6.18  ? 130 VAL A CB  1 
ATOM   209  C  CG1 . VAL A 1 30  ? 7.354   -7.492  3.598   1.00 7.98  ? 130 VAL A CG1 1 
ATOM   210  C  CG2 . VAL A 1 30  ? 7.677   -8.647  5.785   1.00 9.72  ? 130 VAL A CG2 1 
ATOM   211  N  N   . ASP A 1 31  ? 6.520   -10.537 1.790   1.00 7.54  ? 131 ASP A N   1 
ATOM   212  C  CA  . ASP A 1 31  ? 6.211   -10.620 0.336   1.00 7.88  ? 131 ASP A CA  1 
ATOM   213  C  C   . ASP A 1 31  ? 4.754   -10.977 0.111   1.00 9.06  ? 131 ASP A C   1 
ATOM   214  O  O   . ASP A 1 31  ? 4.114   -10.408 -0.800  1.00 9.42  ? 131 ASP A O   1 
ATOM   215  C  CB  . ASP A 1 31  ? 7.064   -11.769 -0.219  1.00 8.92  ? 131 ASP A CB  1 
ATOM   216  C  CG  . ASP A 1 31  ? 8.485   -11.309 -0.425  1.00 12.45 ? 131 ASP A CG  1 
ATOM   217  O  OD1 . ASP A 1 31  ? 8.936   -10.168 -0.410  1.00 12.40 ? 131 ASP A OD1 1 
ATOM   218  O  OD2 . ASP A 1 31  ? 9.415   -12.168 -0.652  1.00 20.83 ? 131 ASP A OD2 1 
ATOM   219  N  N   . HIS A 1 32  ? 4.223   -11.931 0.870   1.00 7.71  ? 132 HIS A N   1 
ATOM   220  C  CA  . HIS A 1 32  ? 2.838   -12.375 0.704   1.00 11.30 ? 132 HIS A CA  1 
ATOM   221  C  C   . HIS A 1 32  ? 1.810   -11.298 0.946   1.00 10.02 ? 132 HIS A C   1 
ATOM   222  O  O   . HIS A 1 32  ? 0.836   -11.038 0.188   1.00 11.21 ? 132 HIS A O   1 
ATOM   223  C  CB  . HIS A 1 32  ? 2.636   -13.628 1.575   1.00 17.38 ? 132 HIS A CB  1 
ATOM   224  C  CG  . HIS A 1 32  ? 1.385   -14.303 1.111   1.00 29.03 ? 132 HIS A CG  1 
ATOM   225  N  ND1 . HIS A 1 32  ? 0.226   -14.363 1.835   1.00 33.15 ? 132 HIS A ND1 1 
ATOM   226  C  CD2 . HIS A 1 32  ? 1.179   -14.930 -0.079  1.00 31.98 ? 132 HIS A CD2 1 
ATOM   227  C  CE1 . HIS A 1 32  ? -0.675  -15.028 1.124   1.00 35.35 ? 132 HIS A CE1 1 
ATOM   228  N  NE2 . HIS A 1 32  ? -0.122  -15.370 -0.032  1.00 39.85 ? 132 HIS A NE2 1 
ATOM   229  N  N   . ALA A 1 33  ? 2.048   -10.589 2.043   1.00 9.02  ? 133 ALA A N   1 
ATOM   230  C  CA  . ALA A 1 33  ? 1.159   -9.473  2.406   1.00 8.34  ? 133 ALA A CA  1 
ATOM   231  C  C   . ALA A 1 33  ? 1.126   -8.406  1.295   1.00 6.23  ? 133 ALA A C   1 
ATOM   232  O  O   . ALA A 1 33  ? 0.032   -7.865  1.063   1.00 7.12  ? 133 ALA A O   1 
ATOM   233  C  CB  . ALA A 1 33  ? 1.572   -8.841  3.733   1.00 7.49  ? 133 ALA A CB  1 
ATOM   234  N  N   . ILE A 1 34  ? 2.258   -8.130  0.705   1.00 7.62  ? 134 ILE A N   1 
ATOM   235  C  CA  . ILE A 1 34  ? 2.308   -7.141  -0.368  1.00 7.52  ? 134 ILE A CA  1 
ATOM   236  C  C   . ILE A 1 34  ? 1.712   -7.629  -1.704  1.00 7.84  ? 134 ILE A C   1 
ATOM   237  O  O   . ILE A 1 34  ? 0.941   -6.915  -2.319  1.00 6.10  ? 134 ILE A O   1 
ATOM   238  C  CB  . ILE A 1 34  ? 3.742   -6.580  -0.621  1.00 8.08  ? 134 ILE A CB  1 
ATOM   239  C  CG1 . ILE A 1 34  ? 4.287   -5.915  0.661   1.00 12.81 ? 134 ILE A CG1 1 
ATOM   240  C  CG2 . ILE A 1 34  ? 3.812   -5.675  -1.851  1.00 12.14 ? 134 ILE A CG2 1 
ATOM   241  C  CD1 . ILE A 1 34  ? 3.394   -4.859  1.304   1.00 14.56 ? 134 ILE A CD1 1 
ATOM   242  N  N   . GLU A 1 35  ? 2.094   -8.863  -1.989  1.00 7.13  ? 135 GLU A N   1 
ATOM   243  C  CA  . GLU A 1 35  ? 1.548   -9.419  -3.295  1.00 7.71  ? 135 GLU A CA  1 
ATOM   244  C  C   . GLU A 1 35  ? 0.046   -9.515  -3.137  1.00 7.80  ? 135 GLU A C   1 
ATOM   245  O  O   . GLU A 1 35  ? -0.668  -9.147  -4.122  1.00 10.60 ? 135 GLU A O   1 
ATOM   246  C  CB  . GLU A 1 35  ? 2.171   -10.786 -3.452  1.00 13.07 ? 135 GLU A CB  1 
ATOM   247  C  CG  . GLU A 1 35  ? 1.717   -11.523 -4.714  1.00 30.04 ? 135 GLU A CG  1 
ATOM   248  C  CD  . GLU A 1 35  ? 2.347   -12.894 -4.863  1.00 39.01 ? 135 GLU A CD  1 
ATOM   249  O  OE1 . GLU A 1 35  ? 3.337   -13.056 -4.101  1.00 42.81 ? 135 GLU A OE1 1 
ATOM   250  O  OE2 . GLU A 1 35  ? 1.863   -13.681 -5.663  1.00 40.91 ? 135 GLU A OE2 1 
ATOM   251  N  N   . LYS A 1 36  ? -0.528  -9.985  -1.994  1.00 5.41  ? 136 LYS A N   1 
ATOM   252  C  CA  . LYS A 1 36  ? -2.009  -10.023 -1.925  1.00 5.76  ? 136 LYS A CA  1 
ATOM   253  C  C   . LYS A 1 36  ? -2.697  -8.682  -1.956  1.00 7.38  ? 136 LYS A C   1 
ATOM   254  O  O   . LYS A 1 36  ? -3.839  -8.563  -2.370  1.00 8.92  ? 136 LYS A O   1 
ATOM   255  C  CB  . LYS A 1 36  ? -2.303  -10.757 -0.650  1.00 13.77 ? 136 LYS A CB  1 
ATOM   256  C  CG  . LYS A 1 36  ? -3.446  -11.750 -0.648  1.00 30.11 ? 136 LYS A CG  1 
ATOM   257  C  CD  . LYS A 1 36  ? -3.034  -12.990 0.148   1.00 39.36 ? 136 LYS A CD  1 
ATOM   258  C  CE  . LYS A 1 36  ? -3.367  -12.865 1.623   1.00 44.76 ? 136 LYS A CE  1 
ATOM   259  N  NZ  . LYS A 1 36  ? -2.233  -12.323 2.437   1.00 50.99 ? 136 LYS A NZ  1 
ATOM   260  N  N   . ALA A 1 37  ? -2.004  -7.644  -1.473  1.00 6.80  ? 137 ALA A N   1 
ATOM   261  C  CA  . ALA A 1 37  ? -2.584  -6.297  -1.456  1.00 6.67  ? 137 ALA A CA  1 
ATOM   262  C  C   . ALA A 1 37  ? -2.702  -5.861  -2.917  1.00 7.80  ? 137 ALA A C   1 
ATOM   263  O  O   . ALA A 1 37  ? -3.711  -5.261  -3.343  1.00 7.28  ? 137 ALA A O   1 
ATOM   264  C  CB  . ALA A 1 37  ? -1.689  -5.376  -0.616  1.00 6.83  ? 137 ALA A CB  1 
ATOM   265  N  N   . PHE A 1 38  ? -1.693  -6.104  -3.720  1.00 6.72  ? 138 PHE A N   1 
ATOM   266  C  CA  . PHE A 1 38  ? -1.751  -5.717  -5.168  1.00 7.44  ? 138 PHE A CA  1 
ATOM   267  C  C   . PHE A 1 38  ? -2.870  -6.533  -5.844  1.00 7.18  ? 138 PHE A C   1 
ATOM   268  O  O   . PHE A 1 38  ? -3.542  -5.885  -6.679  1.00 9.43  ? 138 PHE A O   1 
ATOM   269  C  CB  . PHE A 1 38  ? -0.417  -6.025  -5.861  1.00 6.11  ? 138 PHE A CB  1 
ATOM   270  C  CG  . PHE A 1 38  ? 0.556   -4.866  -5.759  1.00 6.21  ? 138 PHE A CG  1 
ATOM   271  C  CD1 . PHE A 1 38  ? 0.294   -3.638  -6.341  1.00 9.37  ? 138 PHE A CD1 1 
ATOM   272  C  CD2 . PHE A 1 38  ? 1.734   -5.038  -5.001  1.00 6.27  ? 138 PHE A CD2 1 
ATOM   273  C  CE1 . PHE A 1 38  ? 1.190   -2.584  -6.243  1.00 9.90  ? 138 PHE A CE1 1 
ATOM   274  C  CE2 . PHE A 1 38  ? 2.648   -3.976  -4.894  1.00 6.05  ? 138 PHE A CE2 1 
ATOM   275  C  CZ  . PHE A 1 38  ? 2.379   -2.730  -5.495  1.00 6.94  ? 138 PHE A CZ  1 
ATOM   276  N  N   . GLN A 1 39  ? -2.949  -7.809  -5.441  1.00 7.64  ? 139 GLN A N   1 
ATOM   277  C  CA  . GLN A 1 39  ? -3.997  -8.648  -6.074  1.00 7.74  ? 139 GLN A CA  1 
ATOM   278  C  C   . GLN A 1 39  ? -5.365  -8.098  -5.860  1.00 8.89  ? 139 GLN A C   1 
ATOM   279  O  O   . GLN A 1 39  ? -6.235  -8.208  -6.735  1.00 11.88 ? 139 GLN A O   1 
ATOM   280  C  CB  . GLN A 1 39  ? -3.897  -10.100 -5.623  1.00 11.73 ? 139 GLN A CB  1 
ATOM   281  C  CG  . GLN A 1 39  ? -3.367  -11.103 -6.630  1.00 33.27 ? 139 GLN A CG  1 
ATOM   282  C  CD  . GLN A 1 39  ? -2.470  -12.179 -6.042  1.00 39.15 ? 139 GLN A CD  1 
ATOM   283  O  OE1 . GLN A 1 39  ? -1.485  -12.575 -6.684  1.00 45.11 ? 139 GLN A OE1 1 
ATOM   284  N  NE2 . GLN A 1 39  ? -2.741  -12.684 -4.829  1.00 42.16 ? 139 GLN A NE2 1 
ATOM   285  N  N   . LEU A 1 40  ? -5.657  -7.472  -4.713  1.00 6.98  ? 140 LEU A N   1 
ATOM   286  C  CA  . LEU A 1 40  ? -6.978  -6.921  -4.442  1.00 7.72  ? 140 LEU A CA  1 
ATOM   287  C  C   . LEU A 1 40  ? -7.371  -5.903  -5.514  1.00 9.61  ? 140 LEU A C   1 
ATOM   288  O  O   . LEU A 1 40  ? -8.510  -5.899  -5.983  1.00 9.23  ? 140 LEU A O   1 
ATOM   289  C  CB  . LEU A 1 40  ? -7.019  -6.210  -3.043  1.00 7.75  ? 140 LEU A CB  1 
ATOM   290  C  CG  . LEU A 1 40  ? -6.957  -7.199  -1.858  1.00 11.09 ? 140 LEU A CG  1 
ATOM   291  C  CD1 . LEU A 1 40  ? -6.806  -6.265  -0.655  1.00 13.77 ? 140 LEU A CD1 1 
ATOM   292  C  CD2 . LEU A 1 40  ? -8.219  -8.027  -1.836  1.00 14.40 ? 140 LEU A CD2 1 
ATOM   293  N  N   . TRP A 1 41  ? -6.445  -5.058  -5.874  1.00 7.23  ? 141 TRP A N   1 
ATOM   294  C  CA  . TRP A 1 41  ? -6.681  -3.999  -6.857  1.00 6.03  ? 141 TRP A CA  1 
ATOM   295  C  C   . TRP A 1 41  ? -6.636  -4.572  -8.279  1.00 7.20  ? 141 TRP A C   1 
ATOM   296  O  O   . TRP A 1 41  ? -7.464  -4.030  -9.064  1.00 9.61  ? 141 TRP A O   1 
ATOM   297  C  CB  . TRP A 1 41  ? -5.692  -2.838  -6.617  1.00 6.87  ? 141 TRP A CB  1 
ATOM   298  C  CG  . TRP A 1 41  ? -5.725  -2.243  -5.258  1.00 6.66  ? 141 TRP A CG  1 
ATOM   299  C  CD1 . TRP A 1 41  ? -4.793  -2.333  -4.261  1.00 7.66  ? 141 TRP A CD1 1 
ATOM   300  C  CD2 . TRP A 1 41  ? -6.761  -1.405  -4.754  1.00 4.30  ? 141 TRP A CD2 1 
ATOM   301  N  NE1 . TRP A 1 41  ? -5.214  -1.598  -3.178  1.00 5.02  ? 141 TRP A NE1 1 
ATOM   302  C  CE2 . TRP A 1 41  ? -6.402  -1.014  -3.426  1.00 5.11  ? 141 TRP A CE2 1 
ATOM   303  C  CE3 . TRP A 1 41  ? -7.978  -0.895  -5.202  1.00 5.55  ? 141 TRP A CE3 1 
ATOM   304  C  CZ2 . TRP A 1 41  ? -7.193  -0.193  -2.639  1.00 7.57  ? 141 TRP A CZ2 1 
ATOM   305  C  CZ3 . TRP A 1 41  ? -8.779  -0.082  -4.446  1.00 9.70  ? 141 TRP A CZ3 1 
ATOM   306  C  CH2 . TRP A 1 41  ? -8.385  0.278   -3.123  1.00 7.10  ? 141 TRP A CH2 1 
ATOM   307  N  N   . SER A 1 42  ? -5.711  -5.467  -8.526  1.00 9.03  ? 142 SER A N   1 
ATOM   308  C  CA  . SER A 1 42  ? -5.730  -5.990  -9.926  1.00 11.00 ? 142 SER A CA  1 
ATOM   309  C  C   . SER A 1 42  ? -6.960  -6.849  -10.113 1.00 11.24 ? 142 SER A C   1 
ATOM   310  O  O   . SER A 1 42  ? -7.349  -6.937  -11.323 1.00 12.38 ? 142 SER A O   1 
ATOM   311  C  CB  . SER A 1 42  ? -4.420  -6.778  -10.187 1.00 12.44 ? 142 SER A CB  1 
ATOM   312  O  OG  . SER A 1 42  ? -4.389  -7.914  -9.351  1.00 17.69 ? 142 SER A OG  1 
ATOM   313  N  N   . ASN A 1 43  ? -7.649  -7.476  -9.182  1.00 9.40  ? 143 ASN A N   1 
ATOM   314  C  CA  . ASN A 1 43  ? -8.839  -8.298  -9.470  1.00 9.68  ? 143 ASN A CA  1 
ATOM   315  C  C   . ASN A 1 43  ? -9.960  -7.417  -10.024 1.00 11.70 ? 143 ASN A C   1 
ATOM   316  O  O   . ASN A 1 43  ? -10.809 -8.082  -10.692 1.00 15.26 ? 143 ASN A O   1 
ATOM   317  C  CB  . ASN A 1 43  ? -9.373  -8.950  -8.188  1.00 14.13 ? 143 ASN A CB  1 
ATOM   318  C  CG  . ASN A 1 43  ? -8.606  -10.079 -7.563  1.00 19.48 ? 143 ASN A CG  1 
ATOM   319  O  OD1 . ASN A 1 43  ? -7.806  -10.723 -8.250  1.00 27.76 ? 143 ASN A OD1 1 
ATOM   320  N  ND2 . ASN A 1 43  ? -8.825  -10.274 -6.245  1.00 26.75 ? 143 ASN A ND2 1 
ATOM   321  N  N   . VAL A 1 44  ? -10.109 -6.129  -9.890  1.00 8.20  ? 144 VAL A N   1 
ATOM   322  C  CA  . VAL A 1 44  ? -11.252 -5.354  -10.390 1.00 10.19 ? 144 VAL A CA  1 
ATOM   323  C  C   . VAL A 1 44  ? -10.882 -4.330  -11.468 1.00 8.25  ? 144 VAL A C   1 
ATOM   324  O  O   . VAL A 1 44  ? -11.819 -3.576  -11.789 1.00 10.79 ? 144 VAL A O   1 
ATOM   325  C  CB  . VAL A 1 44  ? -11.865 -4.707  -9.125  1.00 11.82 ? 144 VAL A CB  1 
ATOM   326  C  CG1 . VAL A 1 44  ? -12.428 -5.730  -8.115  1.00 13.22 ? 144 VAL A CG1 1 
ATOM   327  C  CG2 . VAL A 1 44  ? -10.883 -3.769  -8.384  1.00 12.38 ? 144 VAL A CG2 1 
ATOM   328  N  N   . THR A 1 45  ? -9.617  -4.383  -11.874 1.00 9.56  ? 145 THR A N   1 
ATOM   329  C  CA  . THR A 1 45  ? -9.239  -3.395  -12.931 1.00 9.78  ? 145 THR A CA  1 
ATOM   330  C  C   . THR A 1 45  ? -8.379  -4.163  -13.931 1.00 8.62  ? 145 THR A C   1 
ATOM   331  O  O   . THR A 1 45  ? -8.028  -5.343  -13.700 1.00 7.39  ? 145 THR A O   1 
ATOM   332  C  CB  . THR A 1 45  ? -8.364  -2.247  -12.238 1.00 9.42  ? 145 THR A CB  1 
ATOM   333  O  OG1 . THR A 1 45  ? -7.146  -2.905  -11.754 1.00 10.90 ? 145 THR A OG1 1 
ATOM   334  C  CG2 . THR A 1 45  ? -9.189  -1.460  -11.219 1.00 9.57  ? 145 THR A CG2 1 
ATOM   335  N  N   . PRO A 1 46  ? -8.056  -3.467  -15.013 1.00 8.06  ? 146 PRO A N   1 
ATOM   336  C  CA  . PRO A 1 46  ? -7.157  -4.051  -16.006 1.00 8.67  ? 146 PRO A CA  1 
ATOM   337  C  C   . PRO A 1 46  ? -5.684  -3.982  -15.600 1.00 12.35 ? 146 PRO A C   1 
ATOM   338  O  O   . PRO A 1 46  ? -4.788  -4.392  -16.358 1.00 13.13 ? 146 PRO A O   1 
ATOM   339  C  CB  . PRO A 1 46  ? -7.439  -3.253  -17.304 1.00 10.03 ? 146 PRO A CB  1 
ATOM   340  C  CG  . PRO A 1 46  ? -8.401  -2.163  -16.935 1.00 13.35 ? 146 PRO A CG  1 
ATOM   341  C  CD  . PRO A 1 46  ? -8.466  -2.112  -15.411 1.00 10.83 ? 146 PRO A CD  1 
ATOM   342  N  N   . LEU A 1 47  ? -5.319  -3.485  -14.408 1.00 9.12  ? 147 LEU A N   1 
ATOM   343  C  CA  . LEU A 1 47  ? -3.913  -3.407  -14.001 1.00 8.70  ? 147 LEU A CA  1 
ATOM   344  C  C   . LEU A 1 47  ? -3.255  -4.740  -13.719 1.00 5.81  ? 147 LEU A C   1 
ATOM   345  O  O   . LEU A 1 47  ? -3.845  -5.703  -13.210 1.00 10.71 ? 147 LEU A O   1 
ATOM   346  C  CB  . LEU A 1 47  ? -3.919  -2.558  -12.700 1.00 12.27 ? 147 LEU A CB  1 
ATOM   347  C  CG  . LEU A 1 47  ? -4.390  -1.110  -12.900 1.00 14.45 ? 147 LEU A CG  1 
ATOM   348  C  CD1 . LEU A 1 47  ? -4.271  -0.277  -11.613 1.00 17.75 ? 147 LEU A CD1 1 
ATOM   349  C  CD2 . LEU A 1 47  ? -3.573  -0.327  -13.910 1.00 14.74 ? 147 LEU A CD2 1 
ATOM   350  N  N   . THR A 1 48  ? -1.968  -4.756  -14.050 1.00 6.62  ? 148 THR A N   1 
ATOM   351  C  CA  . THR A 1 48  ? -1.178  -5.992  -13.770 1.00 9.85  ? 148 THR A CA  1 
ATOM   352  C  C   . THR A 1 48  ? 0.102   -5.462  -13.079 1.00 8.63  ? 148 THR A C   1 
ATOM   353  O  O   . THR A 1 48  ? 0.586   -4.380  -13.413 1.00 9.38  ? 148 THR A O   1 
ATOM   354  C  CB  . THR A 1 48  ? -0.887  -7.031  -14.897 1.00 15.59 ? 148 THR A CB  1 
ATOM   355  O  OG1 . THR A 1 48  ? -0.010  -6.319  -15.803 1.00 22.33 ? 148 THR A OG1 1 
ATOM   356  C  CG2 . THR A 1 48  ? -2.162  -7.359  -15.672 1.00 20.58 ? 148 THR A CG2 1 
ATOM   357  N  N   . PHE A 1 49  ? 0.520   -6.271  -12.140 1.00 9.88  ? 149 PHE A N   1 
ATOM   358  C  CA  . PHE A 1 49  ? 1.742   -5.923  -11.376 1.00 9.54  ? 149 PHE A CA  1 
ATOM   359  C  C   . PHE A 1 49  ? 2.841   -6.984  -11.410 1.00 11.28 ? 149 PHE A C   1 
ATOM   360  O  O   . PHE A 1 49  ? 2.506   -8.145  -11.186 1.00 15.10 ? 149 PHE A O   1 
ATOM   361  C  CB  . PHE A 1 49  ? 1.376   -5.659  -9.895  1.00 9.89  ? 149 PHE A CB  1 
ATOM   362  C  CG  . PHE A 1 49  ? 0.365   -4.581  -9.737  1.00 5.10  ? 149 PHE A CG  1 
ATOM   363  C  CD1 . PHE A 1 49  ? 0.760   -3.240  -9.810  1.00 9.04  ? 149 PHE A CD1 1 
ATOM   364  C  CD2 . PHE A 1 49  ? -1.007  -4.848  -9.533  1.00 9.25  ? 149 PHE A CD2 1 
ATOM   365  C  CE1 . PHE A 1 49  ? -0.151  -2.180  -9.684  1.00 6.80  ? 149 PHE A CE1 1 
ATOM   366  C  CE2 . PHE A 1 49  ? -1.901  -3.805  -9.380  1.00 7.86  ? 149 PHE A CE2 1 
ATOM   367  C  CZ  . PHE A 1 49  ? -1.526  -2.461  -9.495  1.00 8.66  ? 149 PHE A CZ  1 
ATOM   368  N  N   . THR A 1 50  ? 4.057   -6.533  -11.618 1.00 8.23  ? 150 THR A N   1 
ATOM   369  C  CA  . THR A 1 50  ? 5.215   -7.426  -11.676 1.00 8.61  ? 150 THR A CA  1 
ATOM   370  C  C   . THR A 1 50  ? 6.234   -6.992  -10.604 1.00 4.62  ? 150 THR A C   1 
ATOM   371  O  O   . THR A 1 50  ? 6.679   -5.885  -10.650 1.00 7.07  ? 150 THR A O   1 
ATOM   372  C  CB  . THR A 1 50  ? 5.930   -7.352  -13.086 1.00 13.15 ? 150 THR A CB  1 
ATOM   373  O  OG1 . THR A 1 50  ? 4.876   -7.733  -14.027 1.00 14.60 ? 150 THR A OG1 1 
ATOM   374  C  CG2 . THR A 1 50  ? 7.130   -8.317  -13.161 1.00 10.34 ? 150 THR A CG2 1 
ATOM   375  N  N   . LYS A 1 51  ? 6.637   -7.947  -9.822  1.00 6.31  ? 151 LYS A N   1 
ATOM   376  C  CA  . LYS A 1 51  ? 7.648   -7.684  -8.804  1.00 7.59  ? 151 LYS A CA  1 
ATOM   377  C  C   . LYS A 1 51  ? 9.033   -7.792  -9.428  1.00 9.24  ? 151 LYS A C   1 
ATOM   378  O  O   . LYS A 1 51  ? 9.258   -8.821  -10.155 1.00 11.92 ? 151 LYS A O   1 
ATOM   379  C  CB  . LYS A 1 51  ? 7.565   -8.754  -7.692  1.00 11.68 ? 151 LYS A CB  1 
ATOM   380  C  CG  . LYS A 1 51  ? 8.585   -8.586  -6.539  1.00 11.34 ? 151 LYS A CG  1 
ATOM   381  C  CD  . LYS A 1 51  ? 8.076   -9.695  -5.569  1.00 16.15 ? 151 LYS A CD  1 
ATOM   382  C  CE  . LYS A 1 51  ? 8.635   -9.568  -4.163  1.00 27.59 ? 151 LYS A CE  1 
ATOM   383  N  NZ  . LYS A 1 51  ? 10.078  -9.953  -4.085  1.00 35.92 ? 151 LYS A NZ  1 
ATOM   384  N  N   . VAL A 1 52  ? 9.893   -6.848  -9.254  1.00 5.43  ? 152 VAL A N   1 
ATOM   385  C  CA  . VAL A 1 52  ? 11.264  -6.900  -9.764  1.00 7.92  ? 152 VAL A CA  1 
ATOM   386  C  C   . VAL A 1 52  ? 12.142  -6.930  -8.513  1.00 11.89 ? 152 VAL A C   1 
ATOM   387  O  O   . VAL A 1 52  ? 11.823  -6.381  -7.453  1.00 13.98 ? 152 VAL A O   1 
ATOM   388  C  CB  . VAL A 1 52  ? 11.541  -5.740  -10.688 1.00 13.27 ? 152 VAL A CB  1 
ATOM   389  C  CG1 . VAL A 1 52  ? 10.539  -5.817  -11.837 1.00 14.25 ? 152 VAL A CG1 1 
ATOM   390  C  CG2 . VAL A 1 52  ? 11.550  -4.374  -10.039 1.00 11.47 ? 152 VAL A CG2 1 
ATOM   391  N  N   . SER A 1 53  ? 13.289  -7.615  -8.681  1.00 16.93 ? 153 SER A N   1 
ATOM   392  C  CA  . SER A 1 53  ? 14.263  -7.763  -7.585  1.00 19.80 ? 153 SER A CA  1 
ATOM   393  C  C   . SER A 1 53  ? 15.367  -6.742  -7.579  1.00 17.81 ? 153 SER A C   1 
ATOM   394  O  O   . SER A 1 53  ? 16.097  -6.570  -6.554  1.00 16.99 ? 153 SER A O   1 
ATOM   395  C  CB  . SER A 1 53  ? 14.910  -9.145  -7.828  1.00 24.91 ? 153 SER A CB  1 
ATOM   396  O  OG  . SER A 1 53  ? 15.348  -9.170  -9.206  1.00 36.38 ? 153 SER A OG  1 
ATOM   397  N  N   . GLU A 1 54  ? 15.533  -6.009  -8.664  1.00 14.98 ? 154 GLU A N   1 
ATOM   398  C  CA  . GLU A 1 54  ? 16.555  -4.990  -8.770  1.00 12.70 ? 154 GLU A CA  1 
ATOM   399  C  C   . GLU A 1 54  ? 16.129  -3.884  -9.696  1.00 13.44 ? 154 GLU A C   1 
ATOM   400  O  O   . GLU A 1 54  ? 15.159  -4.125  -10.428 1.00 15.26 ? 154 GLU A O   1 
ATOM   401  C  CB  . GLU A 1 54  ? 17.915  -5.524  -9.156  1.00 23.03 ? 154 GLU A CB  1 
ATOM   402  C  CG  . GLU A 1 54  ? 18.393  -6.227  -10.367 1.00 28.61 ? 154 GLU A CG  1 
ATOM   403  C  CD  . GLU A 1 54  ? 19.866  -6.604  -10.361 1.00 34.80 ? 154 GLU A CD  1 
ATOM   404  O  OE1 . GLU A 1 54  ? 20.086  -7.685  -9.776  1.00 35.22 ? 154 GLU A OE1 1 
ATOM   405  O  OE2 . GLU A 1 54  ? 20.738  -5.904  -10.871 1.00 40.82 ? 154 GLU A OE2 1 
ATOM   406  N  N   . GLY A 1 55  ? 16.809  -2.775  -9.602  1.00 11.14 ? 155 GLY A N   1 
ATOM   407  C  CA  . GLY A 1 55  ? 16.447  -1.676  -10.510 1.00 14.06 ? 155 GLY A CA  1 
ATOM   408  C  C   . GLY A 1 55  ? 15.385  -0.781  -9.898  1.00 11.06 ? 155 GLY A C   1 
ATOM   409  O  O   . GLY A 1 55  ? 14.938  -1.040  -8.735  1.00 14.40 ? 155 GLY A O   1 
ATOM   410  N  N   . GLN A 1 56  ? 15.004  0.217   -10.621 1.00 11.49 ? 156 GLN A N   1 
ATOM   411  C  CA  . GLN A 1 56  ? 13.971  1.189   -10.195 1.00 10.86 ? 156 GLN A CA  1 
ATOM   412  C  C   . GLN A 1 56  ? 12.671  0.656   -10.710 1.00 12.20 ? 156 GLN A C   1 
ATOM   413  O  O   . GLN A 1 56  ? 12.496  0.238   -11.878 1.00 11.15 ? 156 GLN A O   1 
ATOM   414  C  CB  . GLN A 1 56  ? 14.277  2.559   -10.808 1.00 13.70 ? 156 GLN A CB  1 
ATOM   415  C  CG  . GLN A 1 56  ? 15.515  3.195   -10.185 1.00 20.83 ? 156 GLN A CG  1 
ATOM   416  C  CD  . GLN A 1 56  ? 15.386  3.534   -8.710  1.00 29.52 ? 156 GLN A CD  1 
ATOM   417  O  OE1 . GLN A 1 56  ? 16.207  3.093   -7.899  1.00 36.75 ? 156 GLN A OE1 1 
ATOM   418  N  NE2 . GLN A 1 56  ? 14.375  4.314   -8.358  1.00 30.19 ? 156 GLN A NE2 1 
ATOM   419  N  N   . ALA A 1 57  ? 11.623  0.618   -9.929  1.00 6.70  ? 157 ALA A N   1 
ATOM   420  C  CA  . ALA A 1 57  ? 10.287  0.158   -10.149 1.00 7.51  ? 157 ALA A CA  1 
ATOM   421  C  C   . ALA A 1 57  ? 9.321   1.331   -10.130 1.00 8.56  ? 157 ALA A C   1 
ATOM   422  O  O   . ALA A 1 57  ? 9.684   2.408   -9.606  1.00 10.00 ? 157 ALA A O   1 
ATOM   423  C  CB  . ALA A 1 57  ? 9.794   -0.946  -9.202  1.00 10.56 ? 157 ALA A CB  1 
ATOM   424  N  N   . ASP A 1 58  ? 8.127   1.108   -10.640 1.00 4.69  ? 158 ASP A N   1 
ATOM   425  C  CA  . ASP A 1 58  ? 7.109   2.171   -10.623 1.00 6.91  ? 158 ASP A CA  1 
ATOM   426  C  C   . ASP A 1 58  ? 6.762   2.437   -9.125  1.00 8.04  ? 158 ASP A C   1 
ATOM   427  O  O   . ASP A 1 58  ? 6.606   3.621   -8.837  1.00 8.67  ? 158 ASP A O   1 
ATOM   428  C  CB  . ASP A 1 58  ? 5.865   1.853   -11.444 1.00 7.15  ? 158 ASP A CB  1 
ATOM   429  C  CG  . ASP A 1 58  ? 6.165   1.672   -12.951 1.00 7.16  ? 158 ASP A CG  1 
ATOM   430  O  OD1 . ASP A 1 58  ? 6.693   2.671   -13.528 1.00 11.34 ? 158 ASP A OD1 1 
ATOM   431  O  OD2 . ASP A 1 58  ? 5.852   0.566   -13.396 1.00 9.77  ? 158 ASP A OD2 1 
ATOM   432  N  N   . ILE A 1 59  ? 6.603   1.394   -8.364  1.00 7.48  ? 159 ILE A N   1 
ATOM   433  C  CA  . ILE A 1 59  ? 6.223   1.520   -6.927  1.00 4.86  ? 159 ILE A CA  1 
ATOM   434  C  C   . ILE A 1 59  ? 7.357   0.896   -6.097  1.00 4.79  ? 159 ILE A C   1 
ATOM   435  O  O   . ILE A 1 59  ? 7.508   -0.346  -6.126  1.00 6.08  ? 159 ILE A O   1 
ATOM   436  C  CB  . ILE A 1 59  ? 4.858   0.796   -6.691  1.00 6.45  ? 159 ILE A CB  1 
ATOM   437  C  CG1 . ILE A 1 59  ? 3.733   1.593   -7.425  1.00 6.79  ? 159 ILE A CG1 1 
ATOM   438  C  CG2 . ILE A 1 59  ? 4.551   0.667   -5.161  1.00 4.98  ? 159 ILE A CG2 1 
ATOM   439  C  CD1 . ILE A 1 59  ? 2.424   0.804   -7.657  1.00 11.67 ? 159 ILE A CD1 1 
ATOM   440  N  N   . MET A 1 60  ? 8.041   1.780   -5.318  1.00 6.15  ? 160 MET A N   1 
ATOM   441  C  CA  . MET A 1 60  ? 9.132   1.262   -4.427  1.00 4.48  ? 160 MET A CA  1 
ATOM   442  C  C   . MET A 1 60  ? 8.590   1.170   -2.980  1.00 4.56  ? 160 MET A C   1 
ATOM   443  O  O   . MET A 1 60  ? 8.024   2.190   -2.563  1.00 6.64  ? 160 MET A O   1 
ATOM   444  C  CB  . MET A 1 60  ? 10.373  2.113   -4.568  1.00 6.83  ? 160 MET A CB  1 
ATOM   445  C  CG  . MET A 1 60  ? 10.905  2.345   -5.977  1.00 11.61 ? 160 MET A CG  1 
ATOM   446  S  SD  . MET A 1 60  ? 11.864  0.901   -6.468  1.00 13.88 ? 160 MET A SD  1 
ATOM   447  C  CE  . MET A 1 60  ? 13.447  1.134   -5.637  1.00 16.55 ? 160 MET A CE  1 
ATOM   448  N  N   . ILE A 1 61  ? 8.662   0.027   -2.363  1.00 5.04  ? 161 ILE A N   1 
ATOM   449  C  CA  . ILE A 1 61  ? 8.136   -0.049  -0.970  1.00 5.24  ? 161 ILE A CA  1 
ATOM   450  C  C   . ILE A 1 61  ? 9.325   -0.196  -0.034  1.00 7.63  ? 161 ILE A C   1 
ATOM   451  O  O   . ILE A 1 61  ? 10.269  -0.984  -0.281  1.00 6.92  ? 161 ILE A O   1 
ATOM   452  C  CB  . ILE A 1 61  ? 7.354   -1.374  -0.943  1.00 6.54  ? 161 ILE A CB  1 
ATOM   453  C  CG1 . ILE A 1 61  ? 6.077   -1.086  -1.779  1.00 8.31  ? 161 ILE A CG1 1 
ATOM   454  C  CG2 . ILE A 1 61  ? 6.973   -1.751  0.524   1.00 9.92  ? 161 ILE A CG2 1 
ATOM   455  C  CD1 . ILE A 1 61  ? 5.543   -2.384  -2.453  1.00 13.39 ? 161 ILE A CD1 1 
ATOM   456  N  N   . SER A 1 62  ? 9.287   0.523   1.106   1.00 6.25  ? 162 SER A N   1 
ATOM   457  C  CA  . SER A 1 62  ? 10.393  0.378   2.096   1.00 7.46  ? 162 SER A CA  1 
ATOM   458  C  C   . SER A 1 62  ? 9.830   0.568   3.491   1.00 5.77  ? 162 SER A C   1 
ATOM   459  O  O   . SER A 1 62  ? 8.692   1.091   3.667   1.00 5.79  ? 162 SER A O   1 
ATOM   460  C  CB  . SER A 1 62  ? 11.489  1.390   1.867   1.00 8.59  ? 162 SER A CB  1 
ATOM   461  O  OG  . SER A 1 62  ? 10.900  2.646   1.823   1.00 10.09 ? 162 SER A OG  1 
ATOM   462  N  N   . PHE A 1 63  ? 10.571  0.121   4.476   1.00 5.47  ? 163 PHE A N   1 
ATOM   463  C  CA  . PHE A 1 63  ? 10.272  0.177   5.922   1.00 5.51  ? 163 PHE A CA  1 
ATOM   464  C  C   . PHE A 1 63  ? 11.302  1.203   6.422   1.00 6.34  ? 163 PHE A C   1 
ATOM   465  O  O   . PHE A 1 63  ? 12.525  0.945   6.275   1.00 8.74  ? 163 PHE A O   1 
ATOM   466  C  CB  . PHE A 1 63  ? 10.501  -1.181  6.525   1.00 4.92  ? 163 PHE A CB  1 
ATOM   467  C  CG  . PHE A 1 63  ? 9.346   -2.098  6.150   1.00 4.97  ? 163 PHE A CG  1 
ATOM   468  C  CD1 . PHE A 1 63  ? 8.209   -2.133  6.929   1.00 4.66  ? 163 PHE A CD1 1 
ATOM   469  C  CD2 . PHE A 1 63  ? 9.467   -2.895  5.002   1.00 9.28  ? 163 PHE A CD2 1 
ATOM   470  C  CE1 . PHE A 1 63  ? 7.159   -2.954  6.543   1.00 11.47 ? 163 PHE A CE1 1 
ATOM   471  C  CE2 . PHE A 1 63  ? 8.439   -3.747  4.623   1.00 11.48 ? 163 PHE A CE2 1 
ATOM   472  C  CZ  . PHE A 1 63  ? 7.282   -3.758  5.400   1.00 10.20 ? 163 PHE A CZ  1 
ATOM   473  N  N   . VAL A 1 64  ? 10.880  2.296   6.991   1.00 4.48  ? 164 VAL A N   1 
ATOM   474  C  CA  . VAL A 1 64  ? 11.790  3.352   7.417   1.00 7.56  ? 164 VAL A CA  1 
ATOM   475  C  C   . VAL A 1 64  ? 11.268  3.974   8.693   1.00 6.20  ? 164 VAL A C   1 
ATOM   476  O  O   . VAL A 1 64  ? 10.103  3.764   9.011   1.00 7.18  ? 164 VAL A O   1 
ATOM   477  C  CB  . VAL A 1 64  ? 11.745  4.458   6.321   1.00 9.73  ? 164 VAL A CB  1 
ATOM   478  C  CG1 . VAL A 1 64  ? 12.494  4.020   5.055   1.00 11.59 ? 164 VAL A CG1 1 
ATOM   479  C  CG2 . VAL A 1 64  ? 10.316  4.938   6.022   1.00 10.22 ? 164 VAL A CG2 1 
ATOM   480  N  N   . ARG A 1 65  ? 12.098  4.772   9.332   1.00 7.34  ? 165 ARG A N   1 
ATOM   481  C  CA  . ARG A 1 65  ? 11.638  5.388   10.609  1.00 8.50  ? 165 ARG A CA  1 
ATOM   482  C  C   . ARG A 1 65  ? 12.127  6.829   10.638  1.00 7.81  ? 165 ARG A C   1 
ATOM   483  O  O   . ARG A 1 65  ? 13.029  7.268   9.942   1.00 9.33  ? 165 ARG A O   1 
ATOM   484  C  CB  . ARG A 1 65  ? 12.101  4.547   11.815  1.00 15.42 ? 165 ARG A CB  1 
ATOM   485  C  CG  . ARG A 1 65  ? 13.583  4.360   11.891  1.00 18.97 ? 165 ARG A CG  1 
ATOM   486  C  CD  . ARG A 1 65  ? 13.983  3.590   13.147  1.00 27.79 ? 165 ARG A CD  1 
ATOM   487  N  NE  . ARG A 1 65  ? 13.602  4.395   14.295  1.00 36.48 ? 165 ARG A NE  1 
ATOM   488  C  CZ  . ARG A 1 65  ? 13.925  5.622   14.726  1.00 42.09 ? 165 ARG A CZ  1 
ATOM   489  N  NH1 . ARG A 1 65  ? 14.795  6.464   14.153  1.00 44.53 ? 165 ARG A NH1 1 
ATOM   490  N  NH2 . ARG A 1 65  ? 13.302  6.089   15.823  1.00 40.47 ? 165 ARG A NH2 1 
ATOM   491  N  N   . GLY A 1 66  ? 11.394  7.517   11.470  1.00 5.91  ? 166 GLY A N   1 
ATOM   492  C  CA  . GLY A 1 66  ? 11.667  8.955   11.717  1.00 6.57  ? 166 GLY A CA  1 
ATOM   493  C  C   . GLY A 1 66  ? 11.969  9.791   10.535  1.00 8.30  ? 166 GLY A C   1 
ATOM   494  O  O   . GLY A 1 66  ? 11.157  9.628   9.567   1.00 7.23  ? 166 GLY A O   1 
ATOM   495  N  N   . ASP A 1 67  ? 12.917  10.673  10.353  1.00 6.51  ? 167 ASP A N   1 
ATOM   496  C  CA  . ASP A 1 67  ? 13.156  11.469  9.151   1.00 8.68  ? 167 ASP A CA  1 
ATOM   497  C  C   . ASP A 1 67  ? 13.965  10.552  8.250   1.00 7.57  ? 167 ASP A C   1 
ATOM   498  O  O   . ASP A 1 67  ? 15.057  10.050  8.482   1.00 10.06 ? 167 ASP A O   1 
ATOM   499  C  CB  . ASP A 1 67  ? 13.976  12.695  9.589   1.00 9.45  ? 167 ASP A CB  1 
ATOM   500  C  CG  . ASP A 1 67  ? 14.216  13.550  8.360   1.00 17.96 ? 167 ASP A CG  1 
ATOM   501  O  OD1 . ASP A 1 67  ? 13.636  13.389  7.296   1.00 17.17 ? 167 ASP A OD1 1 
ATOM   502  O  OD2 . ASP A 1 67  ? 15.058  14.426  8.621   1.00 19.15 ? 167 ASP A OD2 1 
ATOM   503  N  N   . HIS A 1 68  ? 13.339  10.265  7.090   1.00 7.66  ? 168 HIS A N   1 
ATOM   504  C  CA  . HIS A 1 68  ? 13.901  9.363   6.100   1.00 5.81  ? 168 HIS A CA  1 
ATOM   505  C  C   . HIS A 1 68  ? 14.065  9.960   4.718   1.00 11.81 ? 168 HIS A C   1 
ATOM   506  O  O   . HIS A 1 68  ? 13.767  9.247   3.740   1.00 13.98 ? 168 HIS A O   1 
ATOM   507  C  CB  . HIS A 1 68  ? 13.142  7.996   6.095   1.00 6.71  ? 168 HIS A CB  1 
ATOM   508  C  CG  . HIS A 1 68  ? 11.668  8.257   5.902   1.00 6.93  ? 168 HIS A CG  1 
ATOM   509  N  ND1 . HIS A 1 68  ? 10.734  8.601   6.833   1.00 6.49  ? 168 HIS A ND1 1 
ATOM   510  C  CD2 . HIS A 1 68  ? 10.852  8.201   4.792   1.00 5.05  ? 168 HIS A CD2 1 
ATOM   511  C  CE1 . HIS A 1 68  ? 9.511   8.790   6.479   1.00 6.82  ? 168 HIS A CE1 1 
ATOM   512  N  NE2 . HIS A 1 68  ? 9.558   8.497   5.134   1.00 5.06  ? 168 HIS A NE2 1 
ATOM   513  N  N   . ARG A 1 69  ? 14.468  11.188  4.673   1.00 12.42 ? 169 ARG A N   1 
ATOM   514  C  CA  . ARG A 1 69  ? 14.739  11.857  3.390   1.00 14.16 ? 169 ARG A CA  1 
ATOM   515  C  C   . ARG A 1 69  ? 13.569  12.291  2.582   1.00 15.51 ? 169 ARG A C   1 
ATOM   516  O  O   . ARG A 1 69  ? 13.812  12.647  1.408   1.00 22.20 ? 169 ARG A O   1 
ATOM   517  C  CB  . ARG A 1 69  ? 15.814  11.063  2.630   1.00 23.24 ? 169 ARG A CB  1 
ATOM   518  C  CG  . ARG A 1 69  ? 17.127  10.783  3.357   1.00 37.91 ? 169 ARG A CG  1 
ATOM   519  C  CD  . ARG A 1 69  ? 17.451  11.762  4.432   1.00 51.14 ? 169 ARG A CD  1 
ATOM   520  N  NE  . ARG A 1 69  ? 17.760  13.142  4.057   1.00 61.99 ? 169 ARG A NE  1 
ATOM   521  C  CZ  . ARG A 1 69  ? 18.376  13.993  4.897   1.00 65.94 ? 169 ARG A CZ  1 
ATOM   522  N  NH1 . ARG A 1 69  ? 18.707  13.572  6.123   1.00 66.22 ? 169 ARG A NH1 1 
ATOM   523  N  NH2 . ARG A 1 69  ? 18.665  15.243  4.535   1.00 68.53 ? 169 ARG A NH2 1 
ATOM   524  N  N   . ASP A 1 70  ? 12.355  12.316  3.021   1.00 9.71  ? 170 ASP A N   1 
ATOM   525  C  CA  . ASP A 1 70  ? 11.191  12.824  2.312   1.00 8.80  ? 170 ASP A CA  1 
ATOM   526  C  C   . ASP A 1 70  ? 10.642  13.937  3.250   1.00 8.84  ? 170 ASP A C   1 
ATOM   527  O  O   . ASP A 1 70  ? 11.279  14.155  4.323   1.00 8.55  ? 170 ASP A O   1 
ATOM   528  C  CB  . ASP A 1 70  ? 10.247  11.823  1.744   1.00 6.76  ? 170 ASP A CB  1 
ATOM   529  C  CG  . ASP A 1 70  ? 9.479   11.089  2.794   1.00 9.54  ? 170 ASP A CG  1 
ATOM   530  O  OD1 . ASP A 1 70  ? 9.394   11.518  3.956   1.00 8.97  ? 170 ASP A OD1 1 
ATOM   531  O  OD2 . ASP A 1 70  ? 8.879   10.035  2.484   1.00 8.41  ? 170 ASP A OD2 1 
ATOM   532  N  N   . ASN A 1 71  ? 9.613   14.585  2.871   1.00 8.22  ? 171 ASN A N   1 
ATOM   533  C  CA  . ASN A 1 71  ? 9.111   15.697  3.709   1.00 8.09  ? 171 ASN A CA  1 
ATOM   534  C  C   . ASN A 1 71  ? 8.040   15.292  4.670   1.00 8.17  ? 171 ASN A C   1 
ATOM   535  O  O   . ASN A 1 71  ? 7.250   16.165  5.116   1.00 11.73 ? 171 ASN A O   1 
ATOM   536  C  CB  . ASN A 1 71  ? 8.629   16.739  2.677   1.00 8.74  ? 171 ASN A CB  1 
ATOM   537  C  CG  . ASN A 1 71  ? 9.854   17.317  1.960   1.00 8.42  ? 171 ASN A CG  1 
ATOM   538  O  OD1 . ASN A 1 71  ? 10.984  17.451  2.477   1.00 10.83 ? 171 ASN A OD1 1 
ATOM   539  N  ND2 . ASN A 1 71  ? 9.501   17.681  0.731   1.00 13.17 ? 171 ASN A ND2 1 
ATOM   540  N  N   . SER A 1 72  ? 8.018   13.982  4.936   1.00 8.61  ? 172 SER A N   1 
ATOM   541  C  CA  . SER A 1 72  ? 7.029   13.485  5.882   1.00 8.84  ? 172 SER A CA  1 
ATOM   542  C  C   . SER A 1 72  ? 7.674   12.575  6.901   1.00 8.68  ? 172 SER A C   1 
ATOM   543  O  O   . SER A 1 72  ? 7.395   11.354  6.824   1.00 7.09  ? 172 SER A O   1 
ATOM   544  C  CB  . SER A 1 72  ? 5.900   12.624  5.250   1.00 15.70 ? 172 SER A CB  1 
ATOM   545  O  OG  . SER A 1 72  ? 5.213   13.464  4.330   1.00 27.81 ? 172 SER A OG  1 
ATOM   546  N  N   . PRO A 1 73  ? 8.457   13.111  7.820   1.00 7.07  ? 173 PRO A N   1 
ATOM   547  C  CA  . PRO A 1 73  ? 9.040   12.214  8.837   1.00 7.41  ? 173 PRO A CA  1 
ATOM   548  C  C   . PRO A 1 73  ? 7.998   11.419  9.630   1.00 6.45  ? 173 PRO A C   1 
ATOM   549  O  O   . PRO A 1 73  ? 6.898   11.946  9.907   1.00 7.34  ? 173 PRO A O   1 
ATOM   550  C  CB  . PRO A 1 73  ? 9.697   13.275  9.757   1.00 5.61  ? 173 PRO A CB  1 
ATOM   551  C  CG  . PRO A 1 73  ? 10.044  14.448  8.929   1.00 7.88  ? 173 PRO A CG  1 
ATOM   552  C  CD  . PRO A 1 73  ? 8.848   14.553  7.940   1.00 5.09  ? 173 PRO A CD  1 
ATOM   553  N  N   . PHE A 1 74  ? 8.387   10.194  9.940   1.00 5.83  ? 174 PHE A N   1 
ATOM   554  C  CA  . PHE A 1 74  ? 7.573   9.288   10.747  1.00 6.23  ? 174 PHE A CA  1 
ATOM   555  C  C   . PHE A 1 74  ? 7.700   9.859   12.192  1.00 9.47  ? 174 PHE A C   1 
ATOM   556  O  O   . PHE A 1 74  ? 8.503   10.727  12.563  1.00 10.78 ? 174 PHE A O   1 
ATOM   557  C  CB  . PHE A 1 74  ? 7.832   7.823   10.610  1.00 7.04  ? 174 PHE A CB  1 
ATOM   558  C  CG  . PHE A 1 74  ? 7.121   7.286   9.365   1.00 4.68  ? 174 PHE A CG  1 
ATOM   559  C  CD1 . PHE A 1 74  ? 5.741   7.469   9.193   1.00 6.38  ? 174 PHE A CD1 1 
ATOM   560  C  CD2 . PHE A 1 74  ? 7.882   6.573   8.466   1.00 7.26  ? 174 PHE A CD2 1 
ATOM   561  C  CE1 . PHE A 1 74  ? 5.130   6.941   8.017   1.00 10.46 ? 174 PHE A CE1 1 
ATOM   562  C  CE2 . PHE A 1 74  ? 7.346   6.021   7.328   1.00 7.32  ? 174 PHE A CE2 1 
ATOM   563  C  CZ  . PHE A 1 74  ? 5.972   6.232   7.131   1.00 6.89  ? 174 PHE A CZ  1 
ATOM   564  N  N   . ASP A 1 75  ? 6.848   9.259   13.011  1.00 6.61  ? 175 ASP A N   1 
ATOM   565  C  CA  . ASP A 1 75  ? 6.626   9.727   14.421  1.00 8.36  ? 175 ASP A CA  1 
ATOM   566  C  C   . ASP A 1 75  ? 6.758   8.694   15.501  1.00 6.88  ? 175 ASP A C   1 
ATOM   567  O  O   . ASP A 1 75  ? 6.195   8.928   16.650  1.00 11.74 ? 175 ASP A O   1 
ATOM   568  C  CB  . ASP A 1 75  ? 5.199   10.310  14.305  1.00 7.34  ? 175 ASP A CB  1 
ATOM   569  C  CG  . ASP A 1 75  ? 4.104   9.302   13.948  1.00 8.14  ? 175 ASP A CG  1 
ATOM   570  O  OD1 . ASP A 1 75  ? 4.454   8.137   13.663  1.00 8.15  ? 175 ASP A OD1 1 
ATOM   571  O  OD2 . ASP A 1 75  ? 2.928   9.737   13.949  1.00 12.39 ? 175 ASP A OD2 1 
ATOM   572  N  N   . GLY A 1 76  ? 7.446   7.623   15.301  1.00 7.81  ? 176 GLY A N   1 
ATOM   573  C  CA  . GLY A 1 76  ? 7.622   6.576   16.350  1.00 9.06  ? 176 GLY A CA  1 
ATOM   574  C  C   . GLY A 1 76  ? 6.385   5.733   16.378  1.00 8.82  ? 176 GLY A C   1 
ATOM   575  O  O   . GLY A 1 76  ? 5.404   5.741   15.556  1.00 8.75  ? 176 GLY A O   1 
ATOM   576  N  N   . PRO A 1 77  ? 6.250   4.882   17.382  1.00 9.12  ? 177 PRO A N   1 
ATOM   577  C  CA  . PRO A 1 77  ? 5.106   3.960   17.563  1.00 8.76  ? 177 PRO A CA  1 
ATOM   578  C  C   . PRO A 1 77  ? 3.786   4.674   17.609  1.00 10.34 ? 177 PRO A C   1 
ATOM   579  O  O   . PRO A 1 77  ? 3.616   5.754   18.263  1.00 14.48 ? 177 PRO A O   1 
ATOM   580  C  CB  . PRO A 1 77  ? 5.380   3.358   18.943  1.00 11.49 ? 177 PRO A CB  1 
ATOM   581  C  CG  . PRO A 1 77  ? 6.884   3.335   18.973  1.00 13.50 ? 177 PRO A CG  1 
ATOM   582  C  CD  . PRO A 1 77  ? 7.260   4.736   18.466  1.00 11.60 ? 177 PRO A CD  1 
ATOM   583  N  N   . GLY A 1 78  ? 2.788   4.116   16.920  1.00 10.31 ? 178 GLY A N   1 
ATOM   584  C  CA  . GLY A 1 78  ? 1.434   4.674   16.826  1.00 10.75 ? 178 GLY A CA  1 
ATOM   585  C  C   . GLY A 1 78  ? 1.371   5.908   15.957  1.00 9.34  ? 178 GLY A C   1 
ATOM   586  O  O   . GLY A 1 78  ? 2.272   6.256   15.220  1.00 8.85  ? 178 GLY A O   1 
ATOM   587  N  N   . GLY A 1 79  ? 0.278   6.715   15.953  1.00 9.06  ? 179 GLY A N   1 
ATOM   588  C  CA  . GLY A 1 79  ? 0.166   7.895   15.119  1.00 9.75  ? 179 GLY A CA  1 
ATOM   589  C  C   . GLY A 1 79  ? 0.027   7.334   13.649  1.00 6.45  ? 179 GLY A C   1 
ATOM   590  O  O   . GLY A 1 79  ? -0.671  6.362   13.381  1.00 9.22  ? 179 GLY A O   1 
ATOM   591  N  N   . ASN A 1 80  ? 0.793   8.025   12.849  1.00 8.08  ? 180 ASN A N   1 
ATOM   592  C  CA  . ASN A 1 80  ? 0.790   7.674   11.408  1.00 8.52  ? 180 ASN A CA  1 
ATOM   593  C  C   . ASN A 1 80  ? 1.539   6.350   11.267  1.00 8.29  ? 180 ASN A C   1 
ATOM   594  O  O   . ASN A 1 80  ? 2.667   6.128   11.769  1.00 8.21  ? 180 ASN A O   1 
ATOM   595  C  CB  . ASN A 1 80  ? 1.576   8.753   10.680  1.00 9.16  ? 180 ASN A CB  1 
ATOM   596  C  CG  . ASN A 1 80  ? 1.543   8.402   9.183   1.00 28.15 ? 180 ASN A CG  1 
ATOM   597  O  OD1 . ASN A 1 80  ? 2.550   8.128   8.478   1.00 32.81 ? 180 ASN A OD1 1 
ATOM   598  N  ND2 . ASN A 1 80  ? 0.272   8.380   8.743   1.00 32.85 ? 180 ASN A ND2 1 
ATOM   599  N  N   . LEU A 1 81  ? 0.901   5.438   10.543  1.00 3.86  ? 181 LEU A N   1 
ATOM   600  C  CA  . LEU A 1 81  ? 1.561   4.154   10.361  1.00 3.66  ? 181 LEU A CA  1 
ATOM   601  C  C   . LEU A 1 81  ? 2.361   3.940   9.087   1.00 3.04  ? 181 LEU A C   1 
ATOM   602  O  O   . LEU A 1 81  ? 3.286   3.111   9.061   1.00 4.51  ? 181 LEU A O   1 
ATOM   603  C  CB  . LEU A 1 81  ? 0.442   3.027   10.280  1.00 4.62  ? 181 LEU A CB  1 
ATOM   604  C  CG  . LEU A 1 81  ? -0.580  3.052   11.415  1.00 3.75  ? 181 LEU A CG  1 
ATOM   605  C  CD1 . LEU A 1 81  ? -1.720  2.063   11.415  1.00 6.77  ? 181 LEU A CD1 1 
ATOM   606  C  CD2 . LEU A 1 81  ? 0.195   2.770   12.754  1.00 8.51  ? 181 LEU A CD2 1 
ATOM   607  N  N   . ALA A 1 82  ? 1.944   4.663   8.065   1.00 4.71  ? 182 ALA A N   1 
ATOM   608  C  CA  . ALA A 1 82  ? 2.580   4.510   6.714   1.00 3.87  ? 182 ALA A CA  1 
ATOM   609  C  C   . ALA A 1 82  ? 2.009   5.646   5.882   1.00 3.55  ? 182 ALA A C   1 
ATOM   610  O  O   . ALA A 1 82  ? 1.021   6.315   6.207   1.00 3.00  ? 182 ALA A O   1 
ATOM   611  C  CB  . ALA A 1 82  ? 2.107   3.165   6.092   1.00 5.30  ? 182 ALA A CB  1 
ATOM   612  N  N   . HIS A 1 83  ? 2.677   5.897   4.751   1.00 2.65  ? 183 HIS A N   1 
ATOM   613  C  CA  . HIS A 1 83  ? 2.185   6.932   3.788   1.00 1.90  ? 183 HIS A CA  1 
ATOM   614  C  C   . HIS A 1 83  ? 2.601   6.541   2.388   1.00 3.45  ? 183 HIS A C   1 
ATOM   615  O  O   . HIS A 1 83  ? 3.518   5.705   2.217   1.00 5.03  ? 183 HIS A O   1 
ATOM   616  C  CB  . HIS A 1 83  ? 2.595   8.344   4.093   1.00 5.11  ? 183 HIS A CB  1 
ATOM   617  C  CG  . HIS A 1 83  ? 4.017   8.608   4.321   1.00 6.45  ? 183 HIS A CG  1 
ATOM   618  N  ND1 . HIS A 1 83  ? 4.575   9.203   5.459   1.00 10.60 ? 183 HIS A ND1 1 
ATOM   619  C  CD2 . HIS A 1 83  ? 5.143   8.317   3.638   1.00 5.68  ? 183 HIS A CD2 1 
ATOM   620  C  CE1 . HIS A 1 83  ? 5.877   9.209   5.251   1.00 9.74  ? 183 HIS A CE1 1 
ATOM   621  N  NE2 . HIS A 1 83  ? 6.371   8.683   4.098   1.00 6.08  ? 183 HIS A NE2 1 
ATOM   622  N  N   . ALA A 1 84  ? 1.947   7.146   1.397   1.00 3.56  ? 184 ALA A N   1 
ATOM   623  C  CA  . ALA A 1 84  ? 2.331   6.754   -0.007  1.00 1.33  ? 184 ALA A CA  1 
ATOM   624  C  C   . ALA A 1 84  ? 2.156   8.030   -0.857  1.00 4.41  ? 184 ALA A C   1 
ATOM   625  O  O   . ALA A 1 84  ? 1.389   8.933   -0.485  1.00 7.80  ? 184 ALA A O   1 
ATOM   626  C  CB  . ALA A 1 84  ? 1.562   5.556   -0.429  1.00 6.58  ? 184 ALA A CB  1 
ATOM   627  N  N   . PHE A 1 85  ? 2.808   7.880   -2.042  1.00 6.10  ? 185 PHE A N   1 
ATOM   628  C  CA  . PHE A 1 85  ? 2.720   9.074   -2.942  1.00 4.65  ? 185 PHE A CA  1 
ATOM   629  C  C   . PHE A 1 85  ? 1.851   8.789   -4.183  1.00 7.15  ? 185 PHE A C   1 
ATOM   630  O  O   . PHE A 1 85  ? 1.983   7.679   -4.645  1.00 7.26  ? 185 PHE A O   1 
ATOM   631  C  CB  . PHE A 1 85  ? 4.176   9.447   -3.337  1.00 6.30  ? 185 PHE A CB  1 
ATOM   632  C  CG  . PHE A 1 85  ? 4.960   9.831   -2.072  1.00 8.36  ? 185 PHE A CG  1 
ATOM   633  C  CD1 . PHE A 1 85  ? 4.801   11.117  -1.607  1.00 10.93 ? 185 PHE A CD1 1 
ATOM   634  C  CD2 . PHE A 1 85  ? 5.778   8.951   -1.395  1.00 8.79  ? 185 PHE A CD2 1 
ATOM   635  C  CE1 . PHE A 1 85  ? 5.464   11.575  -0.461  1.00 17.30 ? 185 PHE A CE1 1 
ATOM   636  C  CE2 . PHE A 1 85  ? 6.439   9.369   -0.232  1.00 10.67 ? 185 PHE A CE2 1 
ATOM   637  C  CZ  . PHE A 1 85  ? 6.284   10.666  0.197   1.00 14.58 ? 185 PHE A CZ  1 
ATOM   638  N  N   . GLN A 1 86  ? 1.088   9.750   -4.638  1.00 8.46  ? 186 GLN A N   1 
ATOM   639  C  CA  . GLN A 1 86  ? 0.230   9.554   -5.834  1.00 8.56  ? 186 GLN A CA  1 
ATOM   640  C  C   . GLN A 1 86  ? 1.140   9.304   -7.043  1.00 10.62 ? 186 GLN A C   1 
ATOM   641  O  O   . GLN A 1 86  ? 2.347   9.628   -7.049  1.00 9.59  ? 186 GLN A O   1 
ATOM   642  C  CB  . GLN A 1 86  ? -0.486  10.932  -6.004  1.00 10.65 ? 186 GLN A CB  1 
ATOM   643  C  CG  . GLN A 1 86  ? -1.320  11.274  -4.781  1.00 23.53 ? 186 GLN A CG  1 
ATOM   644  C  CD  . GLN A 1 86  ? -2.508  10.355  -4.611  1.00 28.90 ? 186 GLN A CD  1 
ATOM   645  O  OE1 . GLN A 1 86  ? -3.332  10.324  -5.529  1.00 35.91 ? 186 GLN A OE1 1 
ATOM   646  N  NE2 . GLN A 1 86  ? -2.607  9.618   -3.500  1.00 30.94 ? 186 GLN A NE2 1 
ATOM   647  N  N   . PRO A 1 87  ? 0.510   8.738   -8.083  1.00 9.70  ? 187 PRO A N   1 
ATOM   648  C  CA  . PRO A 1 87  ? 1.314   8.448   -9.290  1.00 10.73 ? 187 PRO A CA  1 
ATOM   649  C  C   . PRO A 1 87  ? 2.005   9.692   -9.864  1.00 11.84 ? 187 PRO A C   1 
ATOM   650  O  O   . PRO A 1 87  ? 1.494   10.816  -9.816  1.00 13.84 ? 187 PRO A O   1 
ATOM   651  C  CB  . PRO A 1 87  ? 0.235   7.967   -10.233 1.00 10.07 ? 187 PRO A CB  1 
ATOM   652  C  CG  . PRO A 1 87  ? -0.857  7.402   -9.362  1.00 7.49  ? 187 PRO A CG  1 
ATOM   653  C  CD  . PRO A 1 87  ? -0.888  8.344   -8.126  1.00 7.84  ? 187 PRO A CD  1 
ATOM   654  N  N   . GLY A 1 88  ? 3.209   9.395   -10.337 1.00 15.61 ? 188 GLY A N   1 
ATOM   655  C  CA  . GLY A 1 88  ? 4.029   10.483  -10.899 1.00 17.08 ? 188 GLY A CA  1 
ATOM   656  C  C   . GLY A 1 88  ? 5.437   9.939   -11.012 1.00 19.12 ? 188 GLY A C   1 
ATOM   657  O  O   . GLY A 1 88  ? 5.806   8.786   -10.726 1.00 18.22 ? 188 GLY A O   1 
ATOM   658  N  N   . PRO A 1 89  ? 6.288   10.866  -11.499 1.00 22.87 ? 189 PRO A N   1 
ATOM   659  C  CA  . PRO A 1 89  ? 7.718   10.498  -11.664 1.00 22.78 ? 189 PRO A CA  1 
ATOM   660  C  C   . PRO A 1 89  ? 8.411   10.561  -10.295 1.00 22.63 ? 189 PRO A C   1 
ATOM   661  O  O   . PRO A 1 89  ? 7.803   11.045  -9.325  1.00 19.95 ? 189 PRO A O   1 
ATOM   662  C  CB  . PRO A 1 89  ? 8.149   11.568  -12.657 1.00 23.58 ? 189 PRO A CB  1 
ATOM   663  C  CG  . PRO A 1 89  ? 7.364   12.794  -12.241 1.00 25.36 ? 189 PRO A CG  1 
ATOM   664  C  CD  . PRO A 1 89  ? 5.982   12.254  -11.860 1.00 23.83 ? 189 PRO A CD  1 
ATOM   665  N  N   . GLY A 1 90  ? 9.630   10.065  -10.274 1.00 20.10 ? 190 GLY A N   1 
ATOM   666  C  CA  . GLY A 1 90  ? 10.452  10.065  -9.052  1.00 18.46 ? 190 GLY A CA  1 
ATOM   667  C  C   . GLY A 1 90  ? 9.887   9.198   -7.924  1.00 12.76 ? 190 GLY A C   1 
ATOM   668  O  O   . GLY A 1 90  ? 9.812   7.999   -8.173  1.00 17.61 ? 190 GLY A O   1 
ATOM   669  N  N   . ILE A 1 91  ? 9.572   9.890   -6.841  1.00 17.19 ? 191 ILE A N   1 
ATOM   670  C  CA  . ILE A 1 91  ? 9.027   9.149   -5.688  1.00 13.32 ? 191 ILE A CA  1 
ATOM   671  C  C   . ILE A 1 91  ? 7.561   8.860   -5.912  1.00 10.64 ? 191 ILE A C   1 
ATOM   672  O  O   . ILE A 1 91  ? 7.012   8.082   -5.131  1.00 9.23  ? 191 ILE A O   1 
ATOM   673  C  CB  . ILE A 1 91  ? 9.246   10.064  -4.422  1.00 14.88 ? 191 ILE A CB  1 
ATOM   674  C  CG1 . ILE A 1 91  ? 9.192   9.367   -3.053  1.00 24.44 ? 191 ILE A CG1 1 
ATOM   675  C  CG2 . ILE A 1 91  ? 8.247   11.249  -4.424  1.00 15.62 ? 191 ILE A CG2 1 
ATOM   676  C  CD1 . ILE A 1 91  ? 9.202   10.500  -1.956  1.00 30.40 ? 191 ILE A CD1 1 
ATOM   677  N  N   . GLY A 1 92  ? 6.867   9.350   -6.932  1.00 12.82 ? 192 GLY A N   1 
ATOM   678  C  CA  . GLY A 1 92  ? 5.440   9.056   -7.155  1.00 9.23  ? 192 GLY A CA  1 
ATOM   679  C  C   . GLY A 1 92  ? 5.231   7.565   -7.156  1.00 5.02  ? 192 GLY A C   1 
ATOM   680  O  O   . GLY A 1 92  ? 6.028   6.813   -7.777  1.00 9.86  ? 192 GLY A O   1 
ATOM   681  N  N   . GLY A 1 93  ? 4.169   7.115   -6.455  1.00 5.92  ? 193 GLY A N   1 
ATOM   682  C  CA  . GLY A 1 93  ? 3.806   5.728   -6.319  1.00 6.49  ? 193 GLY A CA  1 
ATOM   683  C  C   . GLY A 1 93  ? 4.468   5.029   -5.097  1.00 5.89  ? 193 GLY A C   1 
ATOM   684  O  O   . GLY A 1 93  ? 3.991   3.934   -4.793  1.00 6.46  ? 193 GLY A O   1 
ATOM   685  N  N   . ASP A 1 94  ? 5.525   5.560   -4.560  1.00 5.24  ? 194 ASP A N   1 
ATOM   686  C  CA  . ASP A 1 94  ? 6.237   4.889   -3.475  1.00 4.35  ? 194 ASP A CA  1 
ATOM   687  C  C   . ASP A 1 94  ? 5.403   4.775   -2.191  1.00 4.43  ? 194 ASP A C   1 
ATOM   688  O  O   . ASP A 1 94  ? 4.591   5.667   -1.932  1.00 6.64  ? 194 ASP A O   1 
ATOM   689  C  CB  . ASP A 1 94  ? 7.570   5.575   -3.228  1.00 5.47  ? 194 ASP A CB  1 
ATOM   690  C  CG  . ASP A 1 94  ? 8.592   5.320   -4.352  1.00 7.29  ? 194 ASP A CG  1 
ATOM   691  O  OD1 . ASP A 1 94  ? 8.218   4.562   -5.301  1.00 9.19  ? 194 ASP A OD1 1 
ATOM   692  O  OD2 . ASP A 1 94  ? 9.697   5.869   -4.177  1.00 10.67 ? 194 ASP A OD2 1 
ATOM   693  N  N   . ALA A 1 95  ? 5.602   3.743   -1.479  1.00 4.79  ? 195 ALA A N   1 
ATOM   694  C  CA  . ALA A 1 95  ? 4.902   3.444   -0.212  1.00 3.43  ? 195 ALA A CA  1 
ATOM   695  C  C   . ALA A 1 95  ? 5.960   3.228   0.886   1.00 2.89  ? 195 ALA A C   1 
ATOM   696  O  O   . ALA A 1 95  ? 6.848   2.406   0.720   1.00 4.57  ? 195 ALA A O   1 
ATOM   697  C  CB  . ALA A 1 95  ? 3.960   2.247   -0.339  1.00 5.96  ? 195 ALA A CB  1 
ATOM   698  N  N   . HIS A 1 96  ? 5.807   3.934   2.001   1.00 3.56  ? 196 HIS A N   1 
ATOM   699  C  CA  . HIS A 1 96  ? 6.766   3.862   3.155   1.00 3.49  ? 196 HIS A CA  1 
ATOM   700  C  C   . HIS A 1 96  ? 5.941   3.430   4.345   1.00 1.42  ? 196 HIS A C   1 
ATOM   701  O  O   . HIS A 1 96  ? 4.875   3.929   4.653   1.00 3.63  ? 196 HIS A O   1 
ATOM   702  C  CB  . HIS A 1 96  ? 7.309   5.299   3.447   1.00 6.30  ? 196 HIS A CB  1 
ATOM   703  C  CG  . HIS A 1 96  ? 8.173   5.828   2.328   1.00 4.93  ? 196 HIS A CG  1 
ATOM   704  N  ND1 . HIS A 1 96  ? 8.578   7.155   2.226   1.00 5.19  ? 196 HIS A ND1 1 
ATOM   705  C  CD2 . HIS A 1 96  ? 8.666   5.130   1.234   1.00 5.24  ? 196 HIS A CD2 1 
ATOM   706  C  CE1 . HIS A 1 96  ? 9.308   7.321   1.143   1.00 8.96  ? 196 HIS A CE1 1 
ATOM   707  N  NE2 . HIS A 1 96  ? 9.381   6.151   0.579   1.00 6.68  ? 196 HIS A NE2 1 
ATOM   708  N  N   . PHE A 1 97  ? 6.442   2.441   5.067   1.00 5.10  ? 197 PHE A N   1 
ATOM   709  C  CA  . PHE A 1 97  ? 5.835   1.866   6.273   1.00 3.56  ? 197 PHE A CA  1 
ATOM   710  C  C   . PHE A 1 97  ? 6.745   2.244   7.450   1.00 3.07  ? 197 PHE A C   1 
ATOM   711  O  O   . PHE A 1 97  ? 7.946   2.085   7.359   1.00 3.36  ? 197 PHE A O   1 
ATOM   712  C  CB  . PHE A 1 97  ? 5.768   0.319   6.190   1.00 3.67  ? 197 PHE A CB  1 
ATOM   713  C  CG  . PHE A 1 97  ? 4.826   -0.040  5.035   1.00 5.61  ? 197 PHE A CG  1 
ATOM   714  C  CD1 . PHE A 1 97  ? 5.284   0.011   3.718   1.00 10.11 ? 197 PHE A CD1 1 
ATOM   715  C  CD2 . PHE A 1 97  ? 3.540   -0.432  5.341   1.00 10.63 ? 197 PHE A CD2 1 
ATOM   716  C  CE1 . PHE A 1 97  ? 4.417   -0.284  2.696   1.00 16.26 ? 197 PHE A CE1 1 
ATOM   717  C  CE2 . PHE A 1 97  ? 2.659   -0.736  4.312   1.00 7.31  ? 197 PHE A CE2 1 
ATOM   718  C  CZ  . PHE A 1 97  ? 3.094   -0.682  2.978   1.00 14.11 ? 197 PHE A CZ  1 
ATOM   719  N  N   . ASP A 1 98  ? 6.098   2.746   8.545   1.00 4.92  ? 198 ASP A N   1 
ATOM   720  C  CA  . ASP A 1 98  ? 6.912   3.164   9.722   1.00 3.89  ? 198 ASP A CA  1 
ATOM   721  C  C   . ASP A 1 98  ? 7.449   1.901   10.440  1.00 4.59  ? 198 ASP A C   1 
ATOM   722  O  O   . ASP A 1 98  ? 6.664   1.108   10.995  1.00 5.53  ? 198 ASP A O   1 
ATOM   723  C  CB  . ASP A 1 98  ? 5.920   3.985   10.587  1.00 4.31  ? 198 ASP A CB  1 
ATOM   724  C  CG  . ASP A 1 98  ? 6.699   4.594   11.788  1.00 7.13  ? 198 ASP A CG  1 
ATOM   725  O  OD1 . ASP A 1 98  ? 7.841   4.296   12.069  1.00 6.36  ? 198 ASP A OD1 1 
ATOM   726  O  OD2 . ASP A 1 98  ? 6.037   5.433   12.425  1.00 7.12  ? 198 ASP A OD2 1 
ATOM   727  N  N   . GLU A 1 99  ? 8.774   1.763   10.412  1.00 4.87  ? 199 GLU A N   1 
ATOM   728  C  CA  . GLU A 1 99  ? 9.468   0.617   11.030  1.00 5.93  ? 199 GLU A CA  1 
ATOM   729  C  C   . GLU A 1 99  ? 9.353   0.585   12.558  1.00 10.13 ? 199 GLU A C   1 
ATOM   730  O  O   . GLU A 1 99  ? 9.562   -0.476  13.148  1.00 10.30 ? 199 GLU A O   1 
ATOM   731  C  CB  . GLU A 1 99  ? 10.904  0.659   10.525  1.00 14.28 ? 199 GLU A CB  1 
ATOM   732  C  CG  . GLU A 1 99  ? 11.842  -0.429  10.977  1.00 28.82 ? 199 GLU A CG  1 
ATOM   733  C  CD  . GLU A 1 99  ? 11.458  -1.857  10.816  1.00 38.53 ? 199 GLU A CD  1 
ATOM   734  O  OE1 . GLU A 1 99  ? 10.595  -2.285  10.077  1.00 44.32 ? 199 GLU A OE1 1 
ATOM   735  O  OE2 . GLU A 1 99  ? 12.145  -2.631  11.540  1.00 46.46 ? 199 GLU A OE2 1 
ATOM   736  N  N   . ASP A 1 100 ? 8.990   1.677   13.143  1.00 5.49  ? 200 ASP A N   1 
ATOM   737  C  CA  . ASP A 1 100 ? 8.796   1.808   14.598  1.00 6.05  ? 200 ASP A CA  1 
ATOM   738  C  C   . ASP A 1 100 ? 7.514   1.119   14.990  1.00 10.19 ? 200 ASP A C   1 
ATOM   739  O  O   . ASP A 1 100 ? 7.223   0.991   16.204  1.00 11.27 ? 200 ASP A O   1 
ATOM   740  C  CB  . ASP A 1 100 ? 8.819   3.241   15.027  1.00 6.29  ? 200 ASP A CB  1 
ATOM   741  C  CG  . ASP A 1 100 ? 10.245  3.767   15.241  1.00 7.90  ? 200 ASP A CG  1 
ATOM   742  O  OD1 . ASP A 1 100 ? 11.137  2.903   15.368  1.00 13.50 ? 200 ASP A OD1 1 
ATOM   743  O  OD2 . ASP A 1 100 ? 10.395  5.017   15.278  1.00 11.91 ? 200 ASP A OD2 1 
ATOM   744  N  N   . GLU A 1 101 ? 6.612   0.713   14.106  1.00 5.89  ? 201 GLU A N   1 
ATOM   745  C  CA  . GLU A 1 101 ? 5.380   -0.001  14.483  1.00 5.35  ? 201 GLU A CA  1 
ATOM   746  C  C   . GLU A 1 101 ? 5.656   -1.482  14.621  1.00 6.63  ? 201 GLU A C   1 
ATOM   747  O  O   . GLU A 1 101 ? 6.680   -1.925  14.112  1.00 8.35  ? 201 GLU A O   1 
ATOM   748  C  CB  . GLU A 1 101 ? 4.334   0.073   13.313  1.00 6.28  ? 201 GLU A CB  1 
ATOM   749  C  CG  . GLU A 1 101 ? 3.984   1.512   12.930  1.00 7.02  ? 201 GLU A CG  1 
ATOM   750  C  CD  . GLU A 1 101 ? 3.568   2.436   14.028  1.00 7.10  ? 201 GLU A CD  1 
ATOM   751  O  OE1 . GLU A 1 101 ? 3.130   1.988   15.081  1.00 7.89  ? 201 GLU A OE1 1 
ATOM   752  O  OE2 . GLU A 1 101 ? 3.679   3.662   13.741  1.00 8.34  ? 201 GLU A OE2 1 
ATOM   753  N  N   . ARG A 1 102 ? 4.769   -2.189  15.279  1.00 4.79  ? 202 ARG A N   1 
ATOM   754  C  CA  . ARG A 1 102 ? 4.832   -3.671  15.388  1.00 5.41  ? 202 ARG A CA  1 
ATOM   755  C  C   . ARG A 1 102 ? 3.897   -4.075  14.251  1.00 7.73  ? 202 ARG A C   1 
ATOM   756  O  O   . ARG A 1 102 ? 2.694   -3.793  14.109  1.00 7.22  ? 202 ARG A O   1 
ATOM   757  C  CB  . ARG A 1 102 ? 4.173   -4.137  16.727  1.00 6.97  ? 202 ARG A CB  1 
ATOM   758  C  CG  . ARG A 1 102 ? 4.098   -5.644  16.727  1.00 11.35 ? 202 ARG A CG  1 
ATOM   759  C  CD  . ARG A 1 102 ? 3.435   -6.252  17.931  1.00 15.38 ? 202 ARG A CD  1 
ATOM   760  N  NE  . ARG A 1 102 ? 2.034   -5.915  18.068  1.00 13.24 ? 202 ARG A NE  1 
ATOM   761  C  CZ  . ARG A 1 102 ? 1.207   -5.940  19.065  1.00 17.78 ? 202 ARG A CZ  1 
ATOM   762  N  NH1 . ARG A 1 102 ? 1.734   -6.423  20.240  1.00 20.34 ? 202 ARG A NH1 1 
ATOM   763  N  NH2 . ARG A 1 102 ? -0.054  -5.588  19.057  1.00 13.73 ? 202 ARG A NH2 1 
ATOM   764  N  N   . TRP A 1 103 ? 4.450   -4.766  13.277  1.00 7.72  ? 203 TRP A N   1 
ATOM   765  C  CA  . TRP A 1 103 ? 3.815   -5.301  12.038  1.00 6.07  ? 203 TRP A CA  1 
ATOM   766  C  C   . TRP A 1 103 ? 3.459   -6.756  12.271  1.00 5.72  ? 203 TRP A C   1 
ATOM   767  O  O   . TRP A 1 103 ? 4.342   -7.553  12.657  1.00 9.45  ? 203 TRP A O   1 
ATOM   768  C  CB  . TRP A 1 103 ? 4.784   -5.108  10.859  1.00 5.25  ? 203 TRP A CB  1 
ATOM   769  C  CG  . TRP A 1 103 ? 4.957   -3.664  10.509  1.00 4.19  ? 203 TRP A CG  1 
ATOM   770  C  CD1 . TRP A 1 103 ? 6.094   -2.920  10.648  1.00 8.58  ? 203 TRP A CD1 1 
ATOM   771  C  CD2 . TRP A 1 103 ? 3.913   -2.757  10.094  1.00 5.03  ? 203 TRP A CD2 1 
ATOM   772  N  NE1 . TRP A 1 103 ? 5.818   -1.635  10.290  1.00 8.35  ? 203 TRP A NE1 1 
ATOM   773  C  CE2 . TRP A 1 103 ? 4.504   -1.476  9.956   1.00 5.78  ? 203 TRP A CE2 1 
ATOM   774  C  CE3 . TRP A 1 103 ? 2.547   -2.906  9.835   1.00 6.47  ? 203 TRP A CE3 1 
ATOM   775  C  CZ2 . TRP A 1 103 ? 3.795   -0.353  9.521   1.00 6.41  ? 203 TRP A CZ2 1 
ATOM   776  C  CZ3 . TRP A 1 103 ? 1.834   -1.750  9.419   1.00 5.65  ? 203 TRP A CZ3 1 
ATOM   777  C  CH2 . TRP A 1 103 ? 2.453   -0.514  9.304   1.00 4.96  ? 203 TRP A CH2 1 
ATOM   778  N  N   . THR A 1 104 ? 2.199   -7.124  12.025  1.00 6.15  ? 204 THR A N   1 
ATOM   779  C  CA  . THR A 1 104 ? 1.740   -8.480  12.228  1.00 5.86  ? 204 THR A CA  1 
ATOM   780  C  C   . THR A 1 104 ? 1.089   -9.113  11.000  1.00 5.44  ? 204 THR A C   1 
ATOM   781  O  O   . THR A 1 104 ? 0.877   -8.432  9.994   1.00 7.53  ? 204 THR A O   1 
ATOM   782  C  CB  . THR A 1 104 ? 0.683   -8.477  13.394  1.00 7.72  ? 204 THR A CB  1 
ATOM   783  O  OG1 . THR A 1 104 ? -0.548  -7.989  12.798  1.00 7.19  ? 204 THR A OG1 1 
ATOM   784  C  CG2 . THR A 1 104 ? 1.008   -7.590  14.614  1.00 10.20 ? 204 THR A CG2 1 
ATOM   785  N  N   . ASN A 1 105 ? 0.794   -10.391 11.199  1.00 6.60  ? 205 ASN A N   1 
ATOM   786  C  CA  . ASN A 1 105 ? 0.097   -11.168 10.140  1.00 7.12  ? 205 ASN A CA  1 
ATOM   787  C  C   . ASN A 1 105 ? -1.235  -11.598 10.733  1.00 8.78  ? 205 ASN A C   1 
ATOM   788  O  O   . ASN A 1 105 ? -1.754  -12.576 10.129  1.00 11.45 ? 205 ASN A O   1 
ATOM   789  C  CB  . ASN A 1 105 ? 1.024   -12.266 9.621   1.00 18.23 ? 205 ASN A CB  1 
ATOM   790  C  CG  . ASN A 1 105 ? 1.359   -13.363 10.605  1.00 22.72 ? 205 ASN A CG  1 
ATOM   791  O  OD1 . ASN A 1 105 ? 1.087   -13.267 11.810  1.00 27.27 ? 205 ASN A OD1 1 
ATOM   792  N  ND2 . ASN A 1 105 ? 1.969   -14.443 10.074  1.00 32.56 ? 205 ASN A ND2 1 
ATOM   793  N  N   . ASN A 1 106 ? -1.754  -10.956 11.776  1.00 7.89  ? 206 ASN A N   1 
ATOM   794  C  CA  . ASN A 1 106 ? -3.030  -11.430 12.322  1.00 8.34  ? 206 ASN A CA  1 
ATOM   795  C  C   . ASN A 1 106 ? -3.850  -10.273 12.831  1.00 7.40  ? 206 ASN A C   1 
ATOM   796  O  O   . ASN A 1 106 ? -3.618  -9.159  12.365  1.00 8.59  ? 206 ASN A O   1 
ATOM   797  C  CB  . ASN A 1 106 ? -2.738  -12.513 13.354  1.00 8.46  ? 206 ASN A CB  1 
ATOM   798  C  CG  . ASN A 1 106 ? -2.110  -12.038 14.627  1.00 10.54 ? 206 ASN A CG  1 
ATOM   799  O  OD1 . ASN A 1 106 ? -2.130  -12.961 15.611  1.00 14.23 ? 206 ASN A OD1 1 
ATOM   800  N  ND2 . ASN A 1 106 ? -1.627  -10.894 14.759  1.00 12.05 ? 206 ASN A ND2 1 
ATOM   801  N  N   . PHE A 1 107 ? -4.701  -10.500 13.819  1.00 6.21  ? 207 PHE A N   1 
ATOM   802  C  CA  . PHE A 1 107 ? -5.573  -9.441  14.316  1.00 5.31  ? 207 PHE A CA  1 
ATOM   803  C  C   . PHE A 1 107 ? -4.931  -8.395  15.237  1.00 8.12  ? 207 PHE A C   1 
ATOM   804  O  O   . PHE A 1 107 ? -5.513  -7.343  15.508  1.00 11.00 ? 207 PHE A O   1 
ATOM   805  C  CB  . PHE A 1 107 ? -6.785  -10.171 14.946  1.00 8.92  ? 207 PHE A CB  1 
ATOM   806  C  CG  . PHE A 1 107 ? -6.398  -10.941 16.216  1.00 6.22  ? 207 PHE A CG  1 
ATOM   807  C  CD1 . PHE A 1 107 ? -6.449  -10.131 17.391  1.00 9.16  ? 207 PHE A CD1 1 
ATOM   808  C  CD2 . PHE A 1 107 ? -6.041  -12.296 16.279  1.00 9.28  ? 207 PHE A CD2 1 
ATOM   809  C  CE1 . PHE A 1 107 ? -6.104  -10.727 18.591  1.00 11.70 ? 207 PHE A CE1 1 
ATOM   810  C  CE2 . PHE A 1 107 ? -5.687  -12.884 17.485  1.00 17.47 ? 207 PHE A CE2 1 
ATOM   811  C  CZ  . PHE A 1 107 ? -5.729  -12.072 18.632  1.00 14.91 ? 207 PHE A CZ  1 
ATOM   812  N  N   . ARG A 1 108 ? -3.705  -8.744  15.703  1.00 7.43  ? 208 ARG A N   1 
ATOM   813  C  CA  . ARG A 1 108 ? -2.987  -7.811  16.626  1.00 9.39  ? 208 ARG A CA  1 
ATOM   814  C  C   . ARG A 1 108 ? -2.540  -6.596  15.841  1.00 7.62  ? 208 ARG A C   1 
ATOM   815  O  O   . ARG A 1 108 ? -2.192  -6.673  14.633  1.00 8.29  ? 208 ARG A O   1 
ATOM   816  C  CB  . ARG A 1 108 ? -1.798  -8.456  17.332  1.00 13.43 ? 208 ARG A CB  1 
ATOM   817  C  CG  . ARG A 1 108 ? -2.335  -9.540  18.277  1.00 23.03 ? 208 ARG A CG  1 
ATOM   818  C  CD  . ARG A 1 108 ? -1.257  -10.165 19.159  1.00 32.81 ? 208 ARG A CD  1 
ATOM   819  N  NE  . ARG A 1 108 ? -1.907  -11.481 19.387  1.00 45.31 ? 208 ARG A NE  1 
ATOM   820  C  CZ  . ARG A 1 108 ? -1.704  -12.468 18.508  1.00 50.44 ? 208 ARG A CZ  1 
ATOM   821  N  NH1 . ARG A 1 108 ? -0.741  -12.514 17.591  1.00 56.41 ? 208 ARG A NH1 1 
ATOM   822  N  NH2 . ARG A 1 108 ? -2.624  -13.426 18.378  1.00 52.87 ? 208 ARG A NH2 1 
ATOM   823  N  N   . GLU A 1 109 ? -2.561  -5.426  16.437  1.00 8.47  ? 209 GLU A N   1 
ATOM   824  C  CA  . GLU A 1 109 ? -2.170  -4.210  15.723  1.00 9.14  ? 209 GLU A CA  1 
ATOM   825  C  C   . GLU A 1 109 ? -0.683  -4.221  15.434  1.00 9.46  ? 209 GLU A C   1 
ATOM   826  O  O   . GLU A 1 109 ? 0.134   -4.499  16.324  1.00 8.00  ? 209 GLU A O   1 
ATOM   827  C  CB  . GLU A 1 109 ? -2.395  -2.995  16.639  1.00 8.03  ? 209 GLU A CB  1 
ATOM   828  C  CG  . GLU A 1 109 ? -3.898  -2.810  16.803  1.00 9.27  ? 209 GLU A CG  1 
ATOM   829  C  CD  . GLU A 1 109 ? -4.367  -1.680  17.678  1.00 24.81 ? 209 GLU A CD  1 
ATOM   830  O  OE1 . GLU A 1 109 ? -3.510  -1.292  18.516  1.00 25.26 ? 209 GLU A OE1 1 
ATOM   831  O  OE2 . GLU A 1 109 ? -5.507  -1.253  17.519  1.00 29.71 ? 209 GLU A OE2 1 
ATOM   832  N  N   . TYR A 1 110 ? -0.198  -3.905  14.250  1.00 4.90  ? 210 TYR A N   1 
ATOM   833  C  CA  . TYR A 1 110 ? -1.008  -3.520  13.061  1.00 3.89  ? 210 TYR A CA  1 
ATOM   834  C  C   . TYR A 1 110 ? -0.662  -4.540  11.940  1.00 4.79  ? 210 TYR A C   1 
ATOM   835  O  O   . TYR A 1 110 ? 0.454   -4.880  11.652  1.00 4.76  ? 210 TYR A O   1 
ATOM   836  C  CB  . TYR A 1 110 ? -0.569  -2.127  12.572  1.00 6.31  ? 210 TYR A CB  1 
ATOM   837  C  CG  . TYR A 1 110 ? -0.932  -1.094  13.619  1.00 3.92  ? 210 TYR A CG  1 
ATOM   838  C  CD1 . TYR A 1 110 ? -2.237  -0.659  13.671  1.00 5.08  ? 210 TYR A CD1 1 
ATOM   839  C  CD2 . TYR A 1 110 ? 0.026   -0.613  14.512  1.00 7.51  ? 210 TYR A CD2 1 
ATOM   840  C  CE1 . TYR A 1 110 ? -2.651  0.295   14.649  1.00 7.06  ? 210 TYR A CE1 1 
ATOM   841  C  CE2 . TYR A 1 110 ? -0.366  0.333   15.437  1.00 6.93  ? 210 TYR A CE2 1 
ATOM   842  C  CZ  . TYR A 1 110 ? -1.657  0.751   15.521  1.00 7.47  ? 210 TYR A CZ  1 
ATOM   843  O  OH  . TYR A 1 110 ? -1.987  1.701   16.467  1.00 14.47 ? 210 TYR A OH  1 
ATOM   844  N  N   . ASN A 1 111 ? -1.742  -5.009  11.334  1.00 4.74  ? 211 ASN A N   1 
ATOM   845  C  CA  . ASN A 1 111 ? -1.705  -6.007  10.240  1.00 5.33  ? 211 ASN A CA  1 
ATOM   846  C  C   . ASN A 1 111 ? -1.068  -5.343  8.971   1.00 4.41  ? 211 ASN A C   1 
ATOM   847  O  O   . ASN A 1 111 ? -1.621  -4.354  8.420   1.00 5.28  ? 211 ASN A O   1 
ATOM   848  C  CB  . ASN A 1 111 ? -3.076  -6.552  9.997   1.00 5.98  ? 211 ASN A CB  1 
ATOM   849  C  CG  . ASN A 1 111 ? -3.133  -7.692  9.013   1.00 8.51  ? 211 ASN A CG  1 
ATOM   850  O  OD1 . ASN A 1 111 ? -3.132  -7.407  7.759   1.00 7.17  ? 211 ASN A OD1 1 
ATOM   851  N  ND2 . ASN A 1 111 ? -3.096  -8.922  9.498   1.00 10.22 ? 211 ASN A ND2 1 
ATOM   852  N  N   . LEU A 1 112 ? 0.045   -5.894  8.549   1.00 5.11  ? 212 LEU A N   1 
ATOM   853  C  CA  . LEU A 1 112 ? 0.763   -5.304  7.396   1.00 4.15  ? 212 LEU A CA  1 
ATOM   854  C  C   . LEU A 1 112 ? -0.089  -5.387  6.138   1.00 4.62  ? 212 LEU A C   1 
ATOM   855  O  O   . LEU A 1 112 ? -0.110  -4.390  5.397   1.00 6.65  ? 212 LEU A O   1 
ATOM   856  C  CB  . LEU A 1 112 ? 2.063   -6.113  7.202   1.00 5.79  ? 212 LEU A CB  1 
ATOM   857  C  CG  . LEU A 1 112 ? 2.898   -5.554  6.057   1.00 4.36  ? 212 LEU A CG  1 
ATOM   858  C  CD1 . LEU A 1 112 ? 3.333   -4.120  6.023   1.00 8.19  ? 212 LEU A CD1 1 
ATOM   859  C  CD2 . LEU A 1 112 ? 4.222   -6.359  5.954   1.00 6.67  ? 212 LEU A CD2 1 
ATOM   860  N  N   . HIS A 1 113 ? -0.670  -6.568  5.928   1.00 4.89  ? 213 HIS A N   1 
ATOM   861  C  CA  . HIS A 1 113 ? -1.462  -6.646  4.630   1.00 3.80  ? 213 HIS A CA  1 
ATOM   862  C  C   . HIS A 1 113 ? -2.533  -5.598  4.574   1.00 5.19  ? 213 HIS A C   1 
ATOM   863  O  O   . HIS A 1 113 ? -2.786  -4.915  3.537   1.00 5.48  ? 213 HIS A O   1 
ATOM   864  C  CB  . HIS A 1 113 ? -2.063  -8.067  4.626   1.00 5.46  ? 213 HIS A CB  1 
ATOM   865  C  CG  . HIS A 1 113 ? -3.052  -8.249  3.504   1.00 5.73  ? 213 HIS A CG  1 
ATOM   866  N  ND1 . HIS A 1 113 ? -2.697  -8.113  2.172   1.00 8.45  ? 213 HIS A ND1 1 
ATOM   867  C  CD2 . HIS A 1 113 ? -4.364  -8.566  3.543   1.00 9.80  ? 213 HIS A CD2 1 
ATOM   868  C  CE1 . HIS A 1 113 ? -3.782  -8.357  1.430   1.00 9.66  ? 213 HIS A CE1 1 
ATOM   869  N  NE2 . HIS A 1 113 ? -4.786  -8.631  2.222   1.00 9.82  ? 213 HIS A NE2 1 
ATOM   870  N  N   . ARG A 1 114 ? -3.258  -5.401  5.679   1.00 4.53  ? 214 ARG A N   1 
ATOM   871  C  CA  . ARG A 1 114 ? -4.332  -4.407  5.765   1.00 3.89  ? 214 ARG A CA  1 
ATOM   872  C  C   . ARG A 1 114 ? -3.826  -3.017  5.484   1.00 1.74  ? 214 ARG A C   1 
ATOM   873  O  O   . ARG A 1 114 ? -4.442  -2.215  4.761   1.00 5.58  ? 214 ARG A O   1 
ATOM   874  C  CB  . ARG A 1 114 ? -4.975  -4.484  7.189   1.00 3.99  ? 214 ARG A CB  1 
ATOM   875  C  CG  . ARG A 1 114 ? -5.928  -3.303  7.323   1.00 6.65  ? 214 ARG A CG  1 
ATOM   876  C  CD  . ARG A 1 114 ? -7.124  -3.369  6.393   1.00 4.66  ? 214 ARG A CD  1 
ATOM   877  N  NE  . ARG A 1 114 ? -8.208  -2.406  6.658   1.00 4.68  ? 214 ARG A NE  1 
ATOM   878  C  CZ  . ARG A 1 114 ? -8.159  -1.139  6.287   1.00 6.65  ? 214 ARG A CZ  1 
ATOM   879  N  NH1 . ARG A 1 114 ? -7.207  -0.672  5.498   1.00 8.71  ? 214 ARG A NH1 1 
ATOM   880  N  NH2 . ARG A 1 114 ? -9.092  -0.227  6.621   1.00 8.10  ? 214 ARG A NH2 1 
ATOM   881  N  N   . VAL A 1 115 ? -2.712  -2.560  6.028   1.00 1.98  ? 215 VAL A N   1 
ATOM   882  C  CA  . VAL A 1 115 ? -2.095  -1.250  5.790   1.00 1.02  ? 215 VAL A CA  1 
ATOM   883  C  C   . VAL A 1 115 ? -1.570  -1.191  4.290   1.00 3.53  ? 215 VAL A C   1 
ATOM   884  O  O   . VAL A 1 115 ? -1.780  -0.066  3.766   1.00 2.57  ? 215 VAL A O   1 
ATOM   885  C  CB  . VAL A 1 115 ? -0.979  -0.984  6.831   1.00 2.56  ? 215 VAL A CB  1 
ATOM   886  C  CG1 . VAL A 1 115 ? -0.282  0.358   6.590   1.00 6.05  ? 215 VAL A CG1 1 
ATOM   887  C  CG2 . VAL A 1 115 ? -1.553  -1.031  8.265   1.00 2.81  ? 215 VAL A CG2 1 
ATOM   888  N  N   . ALA A 1 116 ? -0.930  -2.297  3.884   1.00 5.02  ? 216 ALA A N   1 
ATOM   889  C  CA  . ALA A 1 116 ? -0.403  -2.206  2.475   1.00 5.53  ? 216 ALA A CA  1 
ATOM   890  C  C   . ALA A 1 116 ? -1.557  -1.991  1.509   1.00 5.59  ? 216 ALA A C   1 
ATOM   891  O  O   . ALA A 1 116 ? -1.392  -1.237  0.553   1.00 4.34  ? 216 ALA A O   1 
ATOM   892  C  CB  . ALA A 1 116 ? 0.306   -3.532  2.227   1.00 3.92  ? 216 ALA A CB  1 
ATOM   893  N  N   . ALA A 1 117 ? -2.696  -2.607  1.731   1.00 4.06  ? 217 ALA A N   1 
ATOM   894  C  CA  . ALA A 1 117 ? -3.856  -2.458  0.838   1.00 2.85  ? 217 ALA A CA  1 
ATOM   895  C  C   . ALA A 1 117 ? -4.310  -1.004  0.779   1.00 6.34  ? 217 ALA A C   1 
ATOM   896  O  O   . ALA A 1 117 ? -4.568  -0.502  -0.298  1.00 5.77  ? 217 ALA A O   1 
ATOM   897  C  CB  . ALA A 1 117 ? -4.908  -3.414  1.250   1.00 6.05  ? 217 ALA A CB  1 
ATOM   898  N  N   . HIS A 1 118 ? -4.311  -0.299  1.892   1.00 3.17  ? 218 HIS A N   1 
ATOM   899  C  CA  . HIS A 1 118 ? -4.679  1.103   1.915   1.00 2.33  ? 218 HIS A CA  1 
ATOM   900  C  C   . HIS A 1 118 ? -3.549  1.952   1.252   1.00 1.81  ? 218 HIS A C   1 
ATOM   901  O  O   . HIS A 1 118 ? -3.898  2.776   0.350   1.00 4.54  ? 218 HIS A O   1 
ATOM   902  C  CB  . HIS A 1 118 ? -4.776  1.590   3.419   1.00 4.84  ? 218 HIS A CB  1 
ATOM   903  C  CG  . HIS A 1 118 ? -4.949  3.056   3.602   1.00 3.51  ? 218 HIS A CG  1 
ATOM   904  N  ND1 . HIS A 1 118 ? -6.228  3.558   3.867   1.00 5.20  ? 218 HIS A ND1 1 
ATOM   905  C  CD2 . HIS A 1 118 ? -4.190  4.183   3.580   1.00 3.87  ? 218 HIS A CD2 1 
ATOM   906  C  CE1 . HIS A 1 118 ? -6.052  4.876   3.980   1.00 1.35  ? 218 HIS A CE1 1 
ATOM   907  N  NE2 . HIS A 1 118 ? -4.843  5.411   3.793   1.00 2.61  ? 218 HIS A NE2 1 
ATOM   908  N  N   . GLU A 1 119 ? -2.255  1.749   1.519   1.00 1.85  ? 219 GLU A N   1 
ATOM   909  C  CA  . GLU A 1 119 ? -1.221  2.576   0.923   1.00 1.95  ? 219 GLU A CA  1 
ATOM   910  C  C   . GLU A 1 119 ? -1.185  2.352   -0.628  1.00 1.11  ? 219 GLU A C   1 
ATOM   911  O  O   . GLU A 1 119 ? -0.952  3.391   -1.299  1.00 3.70  ? 219 GLU A O   1 
ATOM   912  C  CB  . GLU A 1 119 ? 0.208   2.334   1.469   1.00 1.55  ? 219 GLU A CB  1 
ATOM   913  C  CG  . GLU A 1 119 ? 0.229   2.551   3.043   1.00 0.64  ? 219 GLU A CG  1 
ATOM   914  C  CD  . GLU A 1 119 ? -0.445  3.818   3.458   1.00 5.46  ? 219 GLU A CD  1 
ATOM   915  O  OE1 . GLU A 1 119 ? -0.448  4.886   2.828   1.00 6.44  ? 219 GLU A OE1 1 
ATOM   916  O  OE2 . GLU A 1 119 ? -0.964  3.785   4.609   1.00 6.29  ? 219 GLU A OE2 1 
ATOM   917  N  N   . LEU A 1 120 ? -1.327  1.097   -1.045  1.00 3.45  ? 220 LEU A N   1 
ATOM   918  C  CA  . LEU A 1 120 ? -1.273  0.927   -2.559  1.00 3.76  ? 220 LEU A CA  1 
ATOM   919  C  C   . LEU A 1 120 ? -2.458  1.625   -3.158  1.00 7.55  ? 220 LEU A C   1 
ATOM   920  O  O   . LEU A 1 120 ? -2.343  1.978   -4.387  1.00 5.11  ? 220 LEU A O   1 
ATOM   921  C  CB  . LEU A 1 120 ? -1.226  -0.565  -2.795  1.00 5.17  ? 220 LEU A CB  1 
ATOM   922  C  CG  . LEU A 1 120 ? 0.082   -1.116  -2.296  1.00 6.71  ? 220 LEU A CG  1 
ATOM   923  C  CD1 . LEU A 1 120 ? 0.035   -2.604  -2.625  1.00 8.96  ? 220 LEU A CD1 1 
ATOM   924  C  CD2 . LEU A 1 120 ? 1.389   -0.551  -2.860  1.00 9.90  ? 220 LEU A CD2 1 
ATOM   925  N  N   . GLY A 1 121 ? -3.585  1.810   -2.509  1.00 5.15  ? 221 GLY A N   1 
ATOM   926  C  CA  . GLY A 1 121 ? -4.730  2.555   -3.107  1.00 5.67  ? 221 GLY A CA  1 
ATOM   927  C  C   . GLY A 1 121 ? -4.187  3.917   -3.409  1.00 7.11  ? 221 GLY A C   1 
ATOM   928  O  O   . GLY A 1 121 ? -4.408  4.467   -4.499  1.00 6.47  ? 221 GLY A O   1 
ATOM   929  N  N   . HIS A 1 122 ? -3.414  4.585   -2.534  1.00 2.83  ? 222 HIS A N   1 
ATOM   930  C  CA  . HIS A 1 122 ? -2.844  5.882   -2.803  1.00 2.00  ? 222 HIS A CA  1 
ATOM   931  C  C   . HIS A 1 122 ? -1.846  5.805   -3.975  1.00 4.02  ? 222 HIS A C   1 
ATOM   932  O  O   . HIS A 1 122 ? -1.835  6.755   -4.786  1.00 4.84  ? 222 HIS A O   1 
ATOM   933  C  CB  . HIS A 1 122 ? -2.080  6.509   -1.610  1.00 3.25  ? 222 HIS A CB  1 
ATOM   934  C  CG  . HIS A 1 122 ? -2.971  6.901   -0.471  1.00 6.10  ? 222 HIS A CG  1 
ATOM   935  N  ND1 . HIS A 1 122 ? -4.113  7.670   -0.537  1.00 7.81  ? 222 HIS A ND1 1 
ATOM   936  C  CD2 . HIS A 1 122 ? -2.743  6.547   0.831   1.00 6.25  ? 222 HIS A CD2 1 
ATOM   937  C  CE1 . HIS A 1 122 ? -4.587  7.800   0.709   1.00 9.66  ? 222 HIS A CE1 1 
ATOM   938  N  NE2 . HIS A 1 122 ? -3.775  7.170   1.555   1.00 5.09  ? 222 HIS A NE2 1 
ATOM   939  N  N   . SER A 1 123 ? -1.010  4.790   -4.000  1.00 4.56  ? 223 SER A N   1 
ATOM   940  C  CA  . SER A 1 123 ? -0.026  4.632   -5.081  1.00 4.26  ? 223 SER A CA  1 
ATOM   941  C  C   . SER A 1 123 ? -0.696  4.552   -6.465  1.00 5.67  ? 223 SER A C   1 
ATOM   942  O  O   . SER A 1 123 ? 0.078   4.801   -7.387  1.00 9.34  ? 223 SER A O   1 
ATOM   943  C  CB  . SER A 1 123 ? 0.715   3.321   -4.866  1.00 5.58  ? 223 SER A CB  1 
ATOM   944  O  OG  . SER A 1 123 ? 1.498   3.389   -3.639  1.00 5.28  ? 223 SER A OG  1 
ATOM   945  N  N   . LEU A 1 124 ? -1.946  4.194   -6.433  1.00 4.58  ? 224 LEU A N   1 
ATOM   946  C  CA  . LEU A 1 124 ? -2.651  4.088   -7.735  1.00 6.22  ? 224 LEU A CA  1 
ATOM   947  C  C   . LEU A 1 124 ? -3.441  5.336   -8.002  1.00 8.87  ? 224 LEU A C   1 
ATOM   948  O  O   . LEU A 1 124 ? -3.976  5.382   -9.154  1.00 9.60  ? 224 LEU A O   1 
ATOM   949  C  CB  . LEU A 1 124 ? -3.457  2.825   -7.684  1.00 4.21  ? 224 LEU A CB  1 
ATOM   950  C  CG  . LEU A 1 124 ? -2.701  1.525   -7.635  1.00 5.57  ? 224 LEU A CG  1 
ATOM   951  C  CD1 . LEU A 1 124 ? -3.648  0.371   -7.424  1.00 6.65  ? 224 LEU A CD1 1 
ATOM   952  C  CD2 . LEU A 1 124 ? -1.763  1.335   -8.818  1.00 8.30  ? 224 LEU A CD2 1 
ATOM   953  N  N   . GLY A 1 125 ? -3.579  6.243   -7.088  1.00 5.53  ? 225 GLY A N   1 
ATOM   954  C  CA  . GLY A 1 125 ? -4.325  7.496   -7.301  1.00 7.61  ? 225 GLY A CA  1 
ATOM   955  C  C   . GLY A 1 125 ? -5.542  7.756   -6.494  1.00 6.94  ? 225 GLY A C   1 
ATOM   956  O  O   . GLY A 1 125 ? -6.238  8.775   -6.736  1.00 9.29  ? 225 GLY A O   1 
ATOM   957  N  N   . LEU A 1 126 ? -5.856  6.912   -5.486  1.00 8.25  ? 226 LEU A N   1 
ATOM   958  C  CA  . LEU A 1 126 ? -7.009  7.154   -4.668  1.00 4.28  ? 226 LEU A CA  1 
ATOM   959  C  C   . LEU A 1 126 ? -6.705  8.091   -3.464  1.00 6.23  ? 226 LEU A C   1 
ATOM   960  O  O   . LEU A 1 126 ? -5.542  8.094   -3.030  1.00 6.25  ? 226 LEU A O   1 
ATOM   961  C  CB  . LEU A 1 126 ? -7.494  5.826   -4.057  1.00 5.88  ? 226 LEU A CB  1 
ATOM   962  C  CG  . LEU A 1 126 ? -7.984  4.803   -5.073  1.00 7.07  ? 226 LEU A CG  1 
ATOM   963  C  CD1 . LEU A 1 126 ? -8.510  3.610   -4.270  1.00 12.33 ? 226 LEU A CD1 1 
ATOM   964  C  CD2 . LEU A 1 126 ? -9.136  5.373   -5.861  1.00 12.22 ? 226 LEU A CD2 1 
ATOM   965  N  N   . SER A 1 127 ? -7.785  8.713   -3.080  1.00 7.79  ? 227 SER A N   1 
ATOM   966  C  CA  . SER A 1 127 ? -7.682  9.595   -1.882  1.00 11.24 ? 227 SER A CA  1 
ATOM   967  C  C   . SER A 1 127 ? -8.478  8.869   -0.791  1.00 8.37  ? 227 SER A C   1 
ATOM   968  O  O   . SER A 1 127 ? -8.976  7.696   -0.937  1.00 9.66  ? 227 SER A O   1 
ATOM   969  C  CB  . SER A 1 127 ? -8.138  11.038  -2.041  1.00 14.20 ? 227 SER A CB  1 
ATOM   970  O  OG  . SER A 1 127 ? -9.246  10.951  -2.925  1.00 26.04 ? 227 SER A OG  1 
ATOM   971  N  N   . HIS A 1 128 ? -8.630  9.549   0.327   1.00 8.44  ? 228 HIS A N   1 
ATOM   972  C  CA  . HIS A 1 128 ? -9.384  8.916   1.428   1.00 9.04  ? 228 HIS A CA  1 
ATOM   973  C  C   . HIS A 1 128 ? -10.877 8.790   1.261   1.00 9.02  ? 228 HIS A C   1 
ATOM   974  O  O   . HIS A 1 128 ? -11.468 9.646   0.576   1.00 11.52 ? 228 HIS A O   1 
ATOM   975  C  CB  . HIS A 1 128 ? -9.114  9.628   2.781   1.00 8.52  ? 228 HIS A CB  1 
ATOM   976  C  CG  . HIS A 1 128 ? -7.667  9.348   3.207   1.00 6.68  ? 228 HIS A CG  1 
ATOM   977  N  ND1 . HIS A 1 128 ? -6.859  10.246  3.790   1.00 9.03  ? 228 HIS A ND1 1 
ATOM   978  C  CD2 . HIS A 1 128 ? -6.969  8.214   3.120   1.00 4.15  ? 228 HIS A CD2 1 
ATOM   979  C  CE1 . HIS A 1 128 ? -5.638  9.648   4.026   1.00 7.78  ? 228 HIS A CE1 1 
ATOM   980  N  NE2 . HIS A 1 128 ? -5.669  8.364   3.636   1.00 3.25  ? 228 HIS A NE2 1 
ATOM   981  N  N   . SER A 1 129 ? -11.498 7.820   1.834   1.00 7.44  ? 229 SER A N   1 
ATOM   982  C  CA  . SER A 1 129 ? -12.956 7.557   1.826   1.00 10.64 ? 229 SER A CA  1 
ATOM   983  C  C   . SER A 1 129 ? -13.575 7.990   3.161   1.00 12.12 ? 229 SER A C   1 
ATOM   984  O  O   . SER A 1 129 ? -12.917 8.083   4.221   1.00 12.89 ? 229 SER A O   1 
ATOM   985  C  CB  . SER A 1 129 ? -13.209 6.068   1.647   1.00 12.03 ? 229 SER A CB  1 
ATOM   986  O  OG  . SER A 1 129 ? -14.600 5.747   1.623   1.00 12.43 ? 229 SER A OG  1 
ATOM   987  N  N   . THR A 1 130 ? -14.911 8.255   3.096   1.00 12.55 ? 230 THR A N   1 
ATOM   988  C  CA  . THR A 1 130 ? -15.628 8.627   4.333   1.00 15.51 ? 230 THR A CA  1 
ATOM   989  C  C   . THR A 1 130 ? -16.455 7.420   4.830   1.00 16.58 ? 230 THR A C   1 
ATOM   990  O  O   . THR A 1 130 ? -17.169 7.495   5.878   1.00 17.22 ? 230 THR A O   1 
ATOM   991  C  CB  . THR A 1 130 ? -16.609 9.861   4.222   1.00 19.23 ? 230 THR A CB  1 
ATOM   992  O  OG1 . THR A 1 130 ? -17.473 9.425   3.139   1.00 23.74 ? 230 THR A OG1 1 
ATOM   993  C  CG2 . THR A 1 130 ? -15.799 11.118  3.932   1.00 18.19 ? 230 THR A CG2 1 
ATOM   994  N  N   . ASP A 1 131 ? -16.371 6.339   4.097   1.00 11.97 ? 231 ASP A N   1 
ATOM   995  C  CA  . ASP A 1 131 ? -17.100 5.106   4.471   1.00 12.22 ? 231 ASP A CA  1 
ATOM   996  C  C   . ASP A 1 131 ? -16.303 4.298   5.500   1.00 13.40 ? 231 ASP A C   1 
ATOM   997  O  O   . ASP A 1 131 ? -15.234 3.784   5.116   1.00 12.00 ? 231 ASP A O   1 
ATOM   998  C  CB  . ASP A 1 131 ? -17.316 4.396   3.117   1.00 15.31 ? 231 ASP A CB  1 
ATOM   999  C  CG  . ASP A 1 131 ? -18.156 3.163   3.277   1.00 23.03 ? 231 ASP A CG  1 
ATOM   1000 O  OD1 . ASP A 1 131 ? -18.081 2.439   4.302   1.00 20.41 ? 231 ASP A OD1 1 
ATOM   1001 O  OD2 . ASP A 1 131 ? -18.873 3.034   2.270   1.00 26.44 ? 231 ASP A OD2 1 
ATOM   1002 N  N   . ILE A 1 132 ? -16.781 4.152   6.765   1.00 14.25 ? 232 ILE A N   1 
ATOM   1003 C  CA  . ILE A 1 132 ? -15.967 3.362   7.720   1.00 13.35 ? 232 ILE A CA  1 
ATOM   1004 C  C   . ILE A 1 132 ? -15.619 1.915   7.315   1.00 10.71 ? 232 ILE A C   1 
ATOM   1005 O  O   . ILE A 1 132 ? -14.692 1.349   7.929   1.00 16.19 ? 232 ILE A O   1 
ATOM   1006 C  CB  . ILE A 1 132 ? -16.682 3.333   9.120   1.00 14.87 ? 232 ILE A CB  1 
ATOM   1007 C  CG1 . ILE A 1 132 ? -18.000 2.531   9.022   1.00 14.72 ? 232 ILE A CG1 1 
ATOM   1008 C  CG2 . ILE A 1 132 ? -16.790 4.767   9.695   1.00 15.93 ? 232 ILE A CG2 1 
ATOM   1009 C  CD1 . ILE A 1 132 ? -18.747 2.458   10.405  1.00 18.76 ? 232 ILE A CD1 1 
ATOM   1010 N  N   . GLY A 1 133 ? -16.315 1.357   6.327   1.00 15.12 ? 233 GLY A N   1 
ATOM   1011 C  CA  . GLY A 1 133 ? -15.975 -0.029  5.958   1.00 14.86 ? 233 GLY A CA  1 
ATOM   1012 C  C   . GLY A 1 133 ? -14.971 -0.105  4.801   1.00 10.52 ? 233 GLY A C   1 
ATOM   1013 O  O   . GLY A 1 133 ? -14.559 -1.251  4.487   1.00 13.25 ? 233 GLY A O   1 
ATOM   1014 N  N   . ALA A 1 134 ? -14.633 1.029   4.286   1.00 8.17  ? 234 ALA A N   1 
ATOM   1015 C  CA  . ALA A 1 134 ? -13.715 1.108   3.156   1.00 8.01  ? 234 ALA A CA  1 
ATOM   1016 C  C   . ALA A 1 134 ? -12.244 0.997   3.542   1.00 9.57  ? 234 ALA A C   1 
ATOM   1017 O  O   . ALA A 1 134 ? -11.754 1.434   4.597   1.00 8.62  ? 234 ALA A O   1 
ATOM   1018 C  CB  . ALA A 1 134 ? -13.945 2.345   2.313   1.00 8.32  ? 234 ALA A CB  1 
ATOM   1019 N  N   . LEU A 1 135 ? -11.492 0.375   2.643   1.00 5.90  ? 235 LEU A N   1 
ATOM   1020 C  CA  . LEU A 1 135 ? -10.057 0.206   2.889   1.00 2.04  ? 235 LEU A CA  1 
ATOM   1021 C  C   . LEU A 1 135 ? -9.375  1.574   2.937   1.00 4.45  ? 235 LEU A C   1 
ATOM   1022 O  O   . LEU A 1 135 ? -8.335  1.778   3.590   1.00 5.86  ? 235 LEU A O   1 
ATOM   1023 C  CB  . LEU A 1 135 ? -9.351  -0.737  1.859   1.00 3.71  ? 235 LEU A CB  1 
ATOM   1024 C  CG  . LEU A 1 135 ? -9.948  -2.148  1.962   1.00 7.92  ? 235 LEU A CG  1 
ATOM   1025 C  CD1 . LEU A 1 135 ? -8.968  -2.946  1.108   1.00 13.77 ? 235 LEU A CD1 1 
ATOM   1026 C  CD2 . LEU A 1 135 ? -9.972  -2.751  3.363   1.00 13.63 ? 235 LEU A CD2 1 
ATOM   1027 N  N   . MET A 1 136 ? -9.890  2.520   2.218   1.00 3.60  ? 236 MET A N   1 
ATOM   1028 C  CA  . MET A 1 136 ? -9.342  3.884   2.106   1.00 4.18  ? 236 MET A CA  1 
ATOM   1029 C  C   . MET A 1 136 ? -9.780  4.847   3.235   1.00 3.86  ? 236 MET A C   1 
ATOM   1030 O  O   . MET A 1 136 ? -9.414  6.030   3.162   1.00 5.73  ? 236 MET A O   1 
ATOM   1031 C  CB  . MET A 1 136 ? -9.574  4.473   0.703   1.00 5.72  ? 236 MET A CB  1 
ATOM   1032 C  CG  . MET A 1 136 ? -8.923  3.679   -0.424  1.00 5.13  ? 236 MET A CG  1 
ATOM   1033 S  SD  . MET A 1 136 ? -7.164  3.331   -0.172  1.00 5.36  ? 236 MET A SD  1 
ATOM   1034 C  CE  . MET A 1 136 ? -6.444  4.924   -0.170  1.00 3.91  ? 236 MET A CE  1 
ATOM   1035 N  N   . TYR A 1 137 ? -10.521 4.312   4.221   1.00 5.06  ? 237 TYR A N   1 
ATOM   1036 C  CA  . TYR A 1 137 ? -10.899 5.191   5.403   1.00 6.79  ? 237 TYR A CA  1 
ATOM   1037 C  C   . TYR A 1 137 ? -9.539  5.630   6.013   1.00 3.60  ? 237 TYR A C   1 
ATOM   1038 O  O   . TYR A 1 137 ? -8.521  4.933   6.001   1.00 5.70  ? 237 TYR A O   1 
ATOM   1039 C  CB  . TYR A 1 137 ? -11.686 4.289   6.396   1.00 4.57  ? 237 TYR A CB  1 
ATOM   1040 C  CG  . TYR A 1 137 ? -12.433 5.231   7.358   1.00 4.38  ? 237 TYR A CG  1 
ATOM   1041 C  CD1 . TYR A 1 137 ? -13.445 6.087   6.981   1.00 6.74  ? 237 TYR A CD1 1 
ATOM   1042 C  CD2 . TYR A 1 137 ? -12.000 5.219   8.705   1.00 8.39  ? 237 TYR A CD2 1 
ATOM   1043 C  CE1 . TYR A 1 137 ? -14.077 6.915   7.898   1.00 9.54  ? 237 TYR A CE1 1 
ATOM   1044 C  CE2 . TYR A 1 137 ? -12.613 6.063   9.638   1.00 10.66 ? 237 TYR A CE2 1 
ATOM   1045 C  CZ  . TYR A 1 137 ? -13.639 6.877   9.198   1.00 10.67 ? 237 TYR A CZ  1 
ATOM   1046 O  OH  . TYR A 1 137 ? -14.288 7.714   10.105  1.00 16.85 ? 237 TYR A OH  1 
ATOM   1047 N  N   . PRO A 1 138 ? -9.490  6.844   6.549   1.00 4.36  ? 238 PRO A N   1 
ATOM   1048 C  CA  . PRO A 1 138 ? -8.254  7.445   7.115   1.00 4.25  ? 238 PRO A CA  1 
ATOM   1049 C  C   . PRO A 1 138 ? -7.692  6.899   8.458   1.00 3.75  ? 238 PRO A C   1 
ATOM   1050 O  O   . PRO A 1 138 ? -6.582  7.313   8.762   1.00 5.56  ? 238 PRO A O   1 
ATOM   1051 C  CB  . PRO A 1 138 ? -8.469  8.983   7.184   1.00 6.56  ? 238 PRO A CB  1 
ATOM   1052 C  CG  . PRO A 1 138 ? -9.964  9.066   7.257   1.00 8.48  ? 238 PRO A CG  1 
ATOM   1053 C  CD  . PRO A 1 138 ? -10.566 7.844   6.542   1.00 7.18  ? 238 PRO A CD  1 
ATOM   1054 N  N   . SER A 1 139 ? -8.455  6.083   9.139   1.00 4.47  ? 239 SER A N   1 
ATOM   1055 C  CA  . SER A 1 139 ? -7.913  5.517   10.390  1.00 3.74  ? 239 SER A CA  1 
ATOM   1056 C  C   . SER A 1 139 ? -7.954  3.995   10.182  1.00 6.22  ? 239 SER A C   1 
ATOM   1057 O  O   . SER A 1 139 ? -8.775  3.408   9.460   1.00 6.37  ? 239 SER A O   1 
ATOM   1058 C  CB  . SER A 1 139 ? -8.692  5.928   11.633  1.00 11.06 ? 239 SER A CB  1 
ATOM   1059 O  OG  . SER A 1 139 ? -10.036 5.554   11.474  1.00 15.17 ? 239 SER A OG  1 
ATOM   1060 N  N   . TYR A 1 140 ? -6.979  3.332   10.823  1.00 5.52  ? 240 TYR A N   1 
ATOM   1061 C  CA  . TYR A 1 140 ? -6.916  1.885   10.677  1.00 4.77  ? 240 TYR A CA  1 
ATOM   1062 C  C   . TYR A 1 140 ? -8.119  1.144   11.221  1.00 5.24  ? 240 TYR A C   1 
ATOM   1063 O  O   . TYR A 1 140 ? -8.570  1.490   12.328  1.00 8.08  ? 240 TYR A O   1 
ATOM   1064 C  CB  . TYR A 1 140 ? -5.624  1.490   11.448  1.00 6.08  ? 240 TYR A CB  1 
ATOM   1065 C  CG  . TYR A 1 140 ? -5.337  0.014   11.546  1.00 4.38  ? 240 TYR A CG  1 
ATOM   1066 C  CD1 . TYR A 1 140 ? -4.596  -0.679  10.584  1.00 6.61  ? 240 TYR A CD1 1 
ATOM   1067 C  CD2 . TYR A 1 140 ? -5.827  -0.698  12.658  1.00 8.22  ? 240 TYR A CD2 1 
ATOM   1068 C  CE1 . TYR A 1 140 ? -4.368  -2.028  10.710  1.00 7.80  ? 240 TYR A CE1 1 
ATOM   1069 C  CE2 . TYR A 1 140 ? -5.558  -2.069  12.774  1.00 5.56  ? 240 TYR A CE2 1 
ATOM   1070 C  CZ  . TYR A 1 140 ? -4.827  -2.721  11.806  1.00 8.83  ? 240 TYR A CZ  1 
ATOM   1071 O  OH  . TYR A 1 140 ? -4.561  -4.049  11.923  1.00 8.61  ? 240 TYR A OH  1 
ATOM   1072 N  N   . THR A 1 141 ? -8.522  0.107   10.530  1.00 6.82  ? 241 THR A N   1 
ATOM   1073 C  CA  . THR A 1 141 ? -9.621  -0.777  10.978  1.00 6.31  ? 241 THR A CA  1 
ATOM   1074 C  C   . THR A 1 141 ? -9.156  -2.160  10.553  1.00 5.75  ? 241 THR A C   1 
ATOM   1075 O  O   . THR A 1 141 ? -8.361  -2.269  9.555   1.00 7.78  ? 241 THR A O   1 
ATOM   1076 C  CB  . THR A 1 141 ? -11.016 -0.409  10.398  1.00 8.72  ? 241 THR A CB  1 
ATOM   1077 O  OG1 . THR A 1 141 ? -10.890 -0.673  8.941   1.00 10.49 ? 241 THR A OG1 1 
ATOM   1078 C  CG2 . THR A 1 141 ? -11.371 1.088   10.619  1.00 9.30  ? 241 THR A CG2 1 
ATOM   1079 N  N   . PHE A 1 142 ? -9.581  -3.254  11.143  1.00 7.18  ? 242 PHE A N   1 
ATOM   1080 C  CA  . PHE A 1 142 ? -9.178  -4.606  10.732  1.00 6.21  ? 242 PHE A CA  1 
ATOM   1081 C  C   . PHE A 1 142 ? -10.382 -5.492  11.073  1.00 11.16 ? 242 PHE A C   1 
ATOM   1082 O  O   . PHE A 1 142 ? -10.735 -5.663  12.270  1.00 8.30  ? 242 PHE A O   1 
ATOM   1083 C  CB  . PHE A 1 142 ? -7.885  -5.118  11.411  1.00 11.93 ? 242 PHE A CB  1 
ATOM   1084 C  CG  . PHE A 1 142 ? -7.534  -6.480  10.891  1.00 7.72  ? 242 PHE A CG  1 
ATOM   1085 C  CD1 . PHE A 1 142 ? -7.054  -6.649  9.582   1.00 8.70  ? 242 PHE A CD1 1 
ATOM   1086 C  CD2 . PHE A 1 142 ? -7.721  -7.587  11.675  1.00 8.95  ? 242 PHE A CD2 1 
ATOM   1087 C  CE1 . PHE A 1 142 ? -6.726  -7.925  9.116   1.00 10.93 ? 242 PHE A CE1 1 
ATOM   1088 C  CE2 . PHE A 1 142 ? -7.445  -8.871  11.202  1.00 7.91  ? 242 PHE A CE2 1 
ATOM   1089 C  CZ  . PHE A 1 142 ? -6.923  -9.065  9.897   1.00 11.13 ? 242 PHE A CZ  1 
ATOM   1090 N  N   . SER A 1 143 ? -10.950 -6.047  10.034  1.00 11.41 ? 243 SER A N   1 
ATOM   1091 C  CA  . SER A 1 143 ? -12.118 -6.953  10.186  1.00 12.37 ? 243 SER A CA  1 
ATOM   1092 C  C   . SER A 1 143 ? -11.758 -8.422  10.204  1.00 12.34 ? 243 SER A C   1 
ATOM   1093 O  O   . SER A 1 143 ? -12.699 -9.231  10.514  1.00 19.41 ? 243 SER A O   1 
ATOM   1094 C  CB  . SER A 1 143 ? -13.113 -6.667  9.058   1.00 18.52 ? 243 SER A CB  1 
ATOM   1095 O  OG  . SER A 1 143 ? -12.500 -7.244  7.922   1.00 23.41 ? 243 SER A OG  1 
ATOM   1096 N  N   . GLY A 1 144 ? -10.563 -8.871  9.925   1.00 10.41 ? 244 GLY A N   1 
ATOM   1097 C  CA  . GLY A 1 144 ? -10.225 -10.312 9.940   1.00 13.98 ? 244 GLY A CA  1 
ATOM   1098 C  C   . GLY A 1 144 ? -9.930  -10.785 8.509   1.00 18.27 ? 244 GLY A C   1 
ATOM   1099 O  O   . GLY A 1 144 ? -9.038  -11.656 8.348   1.00 23.47 ? 244 GLY A O   1 
ATOM   1100 N  N   . ASP A 1 145 ? -10.668 -10.220 7.592   1.00 19.53 ? 245 ASP A N   1 
ATOM   1101 C  CA  . ASP A 1 145 ? -10.579 -10.542 6.123   1.00 22.02 ? 245 ASP A CA  1 
ATOM   1102 C  C   . ASP A 1 145 ? -10.523 -9.200  5.369   1.00 20.26 ? 245 ASP A C   1 
ATOM   1103 O  O   . ASP A 1 145 ? -11.461 -8.391  5.389   1.00 24.56 ? 245 ASP A O   1 
ATOM   1104 C  CB  . ASP A 1 145 ? -11.800 -11.395 5.807   1.00 30.52 ? 245 ASP A CB  1 
ATOM   1105 C  CG  . ASP A 1 145 ? -11.780 -11.879 4.360   1.00 40.12 ? 245 ASP A CG  1 
ATOM   1106 O  OD1 . ASP A 1 145 ? -10.698 -11.971 3.755   1.00 41.12 ? 245 ASP A OD1 1 
ATOM   1107 O  OD2 . ASP A 1 145 ? -12.864 -12.170 3.806   1.00 45.44 ? 245 ASP A OD2 1 
ATOM   1108 N  N   . VAL A 1 146 ? -9.420  -8.930  4.705   1.00 13.51 ? 246 VAL A N   1 
ATOM   1109 C  CA  . VAL A 1 146 ? -9.220  -7.678  3.992   1.00 9.97  ? 246 VAL A CA  1 
ATOM   1110 C  C   . VAL A 1 146 ? -9.812  -7.811  2.546   1.00 8.42  ? 246 VAL A C   1 
ATOM   1111 O  O   . VAL A 1 146 ? -9.283  -8.662  1.840   1.00 11.73 ? 246 VAL A O   1 
ATOM   1112 C  CB  . VAL A 1 146 ? -7.715  -7.395  3.980   1.00 8.58  ? 246 VAL A CB  1 
ATOM   1113 C  CG1 . VAL A 1 146 ? -7.351  -6.134  3.201   1.00 12.65 ? 246 VAL A CG1 1 
ATOM   1114 C  CG2 . VAL A 1 146 ? -7.085  -7.286  5.383   1.00 13.43 ? 246 VAL A CG2 1 
ATOM   1115 N  N   . GLN A 1 147 ? -10.815 -6.994  2.355   1.00 8.72  ? 247 GLN A N   1 
ATOM   1116 C  CA  . GLN A 1 147 ? -11.467 -7.033  1.025   1.00 11.10 ? 247 GLN A CA  1 
ATOM   1117 C  C   . GLN A 1 147 ? -11.861 -5.620  0.682   1.00 10.37 ? 247 GLN A C   1 
ATOM   1118 O  O   . GLN A 1 147 ? -12.117 -4.760  1.532   1.00 12.36 ? 247 GLN A O   1 
ATOM   1119 C  CB  . GLN A 1 147 ? -12.716 -7.903  1.110   1.00 16.79 ? 247 GLN A CB  1 
ATOM   1120 C  CG  . GLN A 1 147 ? -12.464 -9.363  1.334   1.00 19.80 ? 247 GLN A CG  1 
ATOM   1121 C  CD  . GLN A 1 147 ? -11.628 -10.088 0.310   1.00 27.63 ? 247 GLN A CD  1 
ATOM   1122 O  OE1 . GLN A 1 147 ? -11.540 -9.743  -0.885  1.00 30.60 ? 247 GLN A OE1 1 
ATOM   1123 N  NE2 . GLN A 1 147 ? -10.982 -11.154 0.812   1.00 26.34 ? 247 GLN A NE2 1 
ATOM   1124 N  N   . LEU A 1 148 ? -11.938 -5.392  -0.646  1.00 9.98  ? 248 LEU A N   1 
ATOM   1125 C  CA  . LEU A 1 148 ? -12.340 -4.025  -1.033  1.00 8.14  ? 248 LEU A CA  1 
ATOM   1126 C  C   . LEU A 1 148 ? -13.798 -3.777  -0.735  1.00 7.96  ? 248 LEU A C   1 
ATOM   1127 O  O   . LEU A 1 148 ? -14.606 -4.717  -0.896  1.00 11.54 ? 248 LEU A O   1 
ATOM   1128 C  CB  . LEU A 1 148 ? -12.150 -3.887  -2.573  1.00 10.17 ? 248 LEU A CB  1 
ATOM   1129 C  CG  . LEU A 1 148 ? -10.780 -4.045  -3.175  1.00 7.97  ? 248 LEU A CG  1 
ATOM   1130 C  CD1 . LEU A 1 148 ? -10.898 -3.651  -4.691  1.00 11.37 ? 248 LEU A CD1 1 
ATOM   1131 C  CD2 . LEU A 1 148 ? -9.798  -3.122  -2.496  1.00 11.14 ? 248 LEU A CD2 1 
ATOM   1132 N  N   . ALA A 1 149 ? -14.176 -2.597  -0.283  1.00 6.58  ? 249 ALA A N   1 
ATOM   1133 C  CA  . ALA A 1 149 ? -15.585 -2.267  -0.067  1.00 9.09  ? 249 ALA A CA  1 
ATOM   1134 C  C   . ALA A 1 149 ? -16.085 -1.710  -1.409  1.00 9.14  ? 249 ALA A C   1 
ATOM   1135 O  O   . ALA A 1 149 ? -15.301 -1.341  -2.294  1.00 7.53  ? 249 ALA A O   1 
ATOM   1136 C  CB  . ALA A 1 149 ? -15.649 -1.150  0.972   1.00 12.15 ? 249 ALA A CB  1 
ATOM   1137 N  N   . GLN A 1 150 ? -17.397 -1.566  -1.609  1.00 10.17 ? 250 GLN A N   1 
ATOM   1138 C  CA  . GLN A 1 150 ? -17.951 -1.023  -2.839  1.00 10.77 ? 250 GLN A CA  1 
ATOM   1139 C  C   . GLN A 1 150 ? -17.332 0.330   -3.131  1.00 10.41 ? 250 GLN A C   1 
ATOM   1140 O  O   . GLN A 1 150 ? -16.970 0.600   -4.284  1.00 9.54  ? 250 GLN A O   1 
ATOM   1141 C  CB  . GLN A 1 150 ? -19.474 -0.840  -2.816  1.00 13.06 ? 250 GLN A CB  1 
ATOM   1142 C  CG  . GLN A 1 150 ? -19.988 -0.567  -4.248  1.00 16.66 ? 250 GLN A CG  1 
ATOM   1143 C  CD  . GLN A 1 150 ? -19.666 -1.692  -5.193  1.00 23.75 ? 250 GLN A CD  1 
ATOM   1144 O  OE1 . GLN A 1 150 ? -19.896 -2.879  -4.916  1.00 26.04 ? 250 GLN A OE1 1 
ATOM   1145 N  NE2 . GLN A 1 150 ? -19.079 -1.463  -6.376  1.00 21.84 ? 250 GLN A NE2 1 
ATOM   1146 N  N   . ASP A 1 151 ? -17.137 1.196   -2.136  1.00 7.05  ? 251 ASP A N   1 
ATOM   1147 C  CA  . ASP A 1 151 ? -16.553 2.511   -2.360  1.00 5.75  ? 251 ASP A CA  1 
ATOM   1148 C  C   . ASP A 1 151 ? -15.145 2.449   -2.974  1.00 9.73  ? 251 ASP A C   1 
ATOM   1149 O  O   . ASP A 1 151 ? -14.769 3.293   -3.794  1.00 9.32  ? 251 ASP A O   1 
ATOM   1150 C  CB  . ASP A 1 151 ? -16.554 3.186   -0.975  1.00 11.56 ? 251 ASP A CB  1 
ATOM   1151 C  CG  . ASP A 1 151 ? -16.250 4.644   -1.153  1.00 17.61 ? 251 ASP A CG  1 
ATOM   1152 O  OD1 . ASP A 1 151 ? -17.037 5.434   -1.718  1.00 22.38 ? 251 ASP A OD1 1 
ATOM   1153 O  OD2 . ASP A 1 151 ? -15.161 5.124   -0.751  1.00 15.07 ? 251 ASP A OD2 1 
ATOM   1154 N  N   . ASP A 1 152 ? -14.399 1.449   -2.543  1.00 6.49  ? 252 ASP A N   1 
ATOM   1155 C  CA  . ASP A 1 152 ? -13.021 1.192   -3.000  1.00 7.63  ? 252 ASP A CA  1 
ATOM   1156 C  C   . ASP A 1 152 ? -13.103 0.762   -4.511  1.00 7.92  ? 252 ASP A C   1 
ATOM   1157 O  O   . ASP A 1 152 ? -12.300 1.311   -5.273  1.00 6.98  ? 252 ASP A O   1 
ATOM   1158 C  CB  . ASP A 1 152 ? -12.271 0.221   -2.084  1.00 7.18  ? 252 ASP A CB  1 
ATOM   1159 C  CG  . ASP A 1 152 ? -12.102 0.574   -0.576  1.00 3.99  ? 252 ASP A CG  1 
ATOM   1160 O  OD1 . ASP A 1 152 ? -11.674 1.743   -0.427  1.00 6.36  ? 252 ASP A OD1 1 
ATOM   1161 O  OD2 . ASP A 1 152 ? -12.403 -0.418  0.163   1.00 7.15  ? 252 ASP A OD2 1 
ATOM   1162 N  N   . ILE A 1 153 ? -14.002 -0.164  -4.757  1.00 7.74  ? 253 ILE A N   1 
ATOM   1163 C  CA  . ILE A 1 153 ? -14.130 -0.650  -6.148  1.00 6.39  ? 253 ILE A CA  1 
ATOM   1164 C  C   . ILE A 1 153 ? -14.555 0.507   -7.025  1.00 8.13  ? 253 ILE A C   1 
ATOM   1165 O  O   . ILE A 1 153 ? -13.960 0.691   -8.115  1.00 8.06  ? 253 ILE A O   1 
ATOM   1166 C  CB  . ILE A 1 153 ? -15.088 -1.856  -6.142  1.00 5.92  ? 253 ILE A CB  1 
ATOM   1167 C  CG1 . ILE A 1 153 ? -14.442 -3.022  -5.402  1.00 7.04  ? 253 ILE A CG1 1 
ATOM   1168 C  CG2 . ILE A 1 153 ? -15.335 -2.212  -7.643  1.00 7.78  ? 253 ILE A CG2 1 
ATOM   1169 C  CD1 . ILE A 1 153 ? -15.537 -4.062  -5.076  1.00 10.65 ? 253 ILE A CD1 1 
ATOM   1170 N  N   . ASP A 1 154 ? -15.577 1.216   -6.610  1.00 8.27  ? 254 ASP A N   1 
ATOM   1171 C  CA  . ASP A 1 154 ? -16.063 2.353   -7.421  1.00 9.61  ? 254 ASP A CA  1 
ATOM   1172 C  C   . ASP A 1 154 ? -14.956 3.334   -7.725  1.00 9.51  ? 254 ASP A C   1 
ATOM   1173 O  O   . ASP A 1 154 ? -14.753 3.851   -8.816  1.00 12.40 ? 254 ASP A O   1 
ATOM   1174 C  CB  . ASP A 1 154 ? -17.258 3.093   -6.804  1.00 11.24 ? 254 ASP A CB  1 
ATOM   1175 C  CG  . ASP A 1 154 ? -18.493 2.228   -6.820  1.00 13.15 ? 254 ASP A CG  1 
ATOM   1176 O  OD1 . ASP A 1 154 ? -18.580 1.246   -7.567  1.00 13.89 ? 254 ASP A OD1 1 
ATOM   1177 O  OD2 . ASP A 1 154 ? -19.376 2.603   -6.008  1.00 20.95 ? 254 ASP A OD2 1 
ATOM   1178 N  N   . GLY A 1 155 ? -14.128 3.682   -6.729  1.00 9.16  ? 255 GLY A N   1 
ATOM   1179 C  CA  . GLY A 1 155 ? -13.046 4.627   -6.896  1.00 6.18  ? 255 GLY A CA  1 
ATOM   1180 C  C   . GLY A 1 155 ? -11.942 4.188   -7.825  1.00 5.86  ? 255 GLY A C   1 
ATOM   1181 O  O   . GLY A 1 155 ? -11.542 5.096   -8.642  1.00 9.79  ? 255 GLY A O   1 
ATOM   1182 N  N   . ILE A 1 156 ? -11.457 2.974   -7.707  1.00 5.97  ? 256 ILE A N   1 
ATOM   1183 C  CA  . ILE A 1 156 ? -10.389 2.595   -8.629  1.00 5.55  ? 256 ILE A CA  1 
ATOM   1184 C  C   . ILE A 1 156 ? -10.938 2.382   -10.066 1.00 7.51  ? 256 ILE A C   1 
ATOM   1185 O  O   . ILE A 1 156 ? -10.134 2.674   -10.907 1.00 7.85  ? 256 ILE A O   1 
ATOM   1186 C  CB  . ILE A 1 156 ? -9.715  1.310   -8.041  1.00 4.97  ? 256 ILE A CB  1 
ATOM   1187 C  CG1 . ILE A 1 156 ? -8.319  1.106   -8.621  1.00 7.38  ? 256 ILE A CG1 1 
ATOM   1188 C  CG2 . ILE A 1 156 ? -10.493 -0.037  -8.084  1.00 4.96  ? 256 ILE A CG2 1 
ATOM   1189 C  CD1 . ILE A 1 156 ? -7.276  2.145   -8.217  1.00 9.35  ? 256 ILE A CD1 1 
ATOM   1190 N  N   . GLN A 1 157 ? -12.157 1.880   -10.199 1.00 5.11  ? 257 GLN A N   1 
ATOM   1191 C  CA  . GLN A 1 157 ? -12.660 1.676   -11.578 1.00 5.31  ? 257 GLN A CA  1 
ATOM   1192 C  C   . GLN A 1 157 ? -12.912 3.035   -12.113 1.00 7.78  ? 257 GLN A C   1 
ATOM   1193 O  O   . GLN A 1 157 ? -12.894 3.042   -13.396 1.00 8.84  ? 257 GLN A O   1 
ATOM   1194 C  CB  . GLN A 1 157 ? -13.915 0.833   -11.511 1.00 6.35  ? 257 GLN A CB  1 
ATOM   1195 C  CG  . GLN A 1 157 ? -13.571 -0.576  -11.169 1.00 6.03  ? 257 GLN A CG  1 
ATOM   1196 C  CD  . GLN A 1 157 ? -14.686 -1.552  -11.083 1.00 4.85  ? 257 GLN A CD  1 
ATOM   1197 O  OE1 . GLN A 1 157 ? -14.521 -2.820  -11.130 1.00 11.04 ? 257 GLN A OE1 1 
ATOM   1198 N  NE2 . GLN A 1 157 ? -15.904 -1.074  -10.923 1.00 6.17  ? 257 GLN A NE2 1 
ATOM   1199 N  N   . ALA A 1 158 ? -13.150 4.097   -11.474 1.00 7.46  ? 258 ALA A N   1 
ATOM   1200 C  CA  . ALA A 1 158 ? -13.381 5.421   -12.042 1.00 7.56  ? 258 ALA A CA  1 
ATOM   1201 C  C   . ALA A 1 158 ? -12.105 5.967   -12.654 1.00 8.97  ? 258 ALA A C   1 
ATOM   1202 O  O   . ALA A 1 158 ? -12.137 6.949   -13.396 1.00 11.20 ? 258 ALA A O   1 
ATOM   1203 C  CB  . ALA A 1 158 ? -13.844 6.351   -10.927 1.00 11.30 ? 258 ALA A CB  1 
ATOM   1204 N  N   . ILE A 1 159 ? -10.938 5.398   -12.349 1.00 7.55  ? 259 ILE A N   1 
ATOM   1205 C  CA  . ILE A 1 159 ? -9.650  5.828   -12.851 1.00 5.69  ? 259 ILE A CA  1 
ATOM   1206 C  C   . ILE A 1 159 ? -9.071  4.854   -13.915 1.00 6.73  ? 259 ILE A C   1 
ATOM   1207 O  O   . ILE A 1 159 ? -8.411  5.362   -14.879 1.00 10.85 ? 259 ILE A O   1 
ATOM   1208 C  CB  . ILE A 1 159 ? -8.559  5.866   -11.679 1.00 10.90 ? 259 ILE A CB  1 
ATOM   1209 C  CG1 . ILE A 1 159 ? -9.056  6.751   -10.512 1.00 14.38 ? 259 ILE A CG1 1 
ATOM   1210 C  CG2 . ILE A 1 159 ? -7.171  6.286   -12.209 1.00 13.28 ? 259 ILE A CG2 1 
ATOM   1211 C  CD1 . ILE A 1 159 ? -8.020  6.703   -9.329  1.00 12.79 ? 259 ILE A CD1 1 
ATOM   1212 N  N   . TYR A 1 160 ? -9.330  3.584   -13.728 1.00 5.75  ? 260 TYR A N   1 
ATOM   1213 C  CA  . TYR A 1 160 ? -8.705  2.629   -14.710 1.00 8.56  ? 260 TYR A CA  1 
ATOM   1214 C  C   . TYR A 1 160 ? -9.697  1.718   -15.428 1.00 7.66  ? 260 TYR A C   1 
ATOM   1215 O  O   . TYR A 1 160 ? -9.230  0.851   -16.211 1.00 9.44  ? 260 TYR A O   1 
ATOM   1216 C  CB  . TYR A 1 160 ? -7.735  1.653   -13.912 1.00 11.65 ? 260 TYR A CB  1 
ATOM   1217 C  CG  . TYR A 1 160 ? -6.610  2.444   -13.279 1.00 6.73  ? 260 TYR A CG  1 
ATOM   1218 C  CD1 . TYR A 1 160 ? -5.563  2.966   -14.009 1.00 7.67  ? 260 TYR A CD1 1 
ATOM   1219 C  CD2 . TYR A 1 160 ? -6.586  2.750   -11.907 1.00 7.34  ? 260 TYR A CD2 1 
ATOM   1220 C  CE1 . TYR A 1 160 ? -4.554  3.761   -13.555 1.00 7.45  ? 260 TYR A CE1 1 
ATOM   1221 C  CE2 . TYR A 1 160 ? -5.545  3.486   -11.356 1.00 6.58  ? 260 TYR A CE2 1 
ATOM   1222 C  CZ  . TYR A 1 160 ? -4.534  3.984   -12.157 1.00 6.16  ? 260 TYR A CZ  1 
ATOM   1223 O  OH  . TYR A 1 160 ? -3.573  4.772   -11.609 1.00 9.38  ? 260 TYR A OH  1 
ATOM   1224 N  N   . GLY A 1 161 ? -10.969 1.897   -15.217 1.00 7.79  ? 261 GLY A N   1 
ATOM   1225 C  CA  . GLY A 1 161 ? -11.915 1.002   -15.887 1.00 10.17 ? 261 GLY A CA  1 
ATOM   1226 C  C   . GLY A 1 161 ? -12.058 -0.297  -15.189 1.00 9.37  ? 261 GLY A C   1 
ATOM   1227 O  O   . GLY A 1 161 ? -11.461 -0.494  -14.062 1.00 9.92  ? 261 GLY A O   1 
ATOM   1228 N  N   . ARG A 1 162 ? -12.822 -1.239  -15.659 1.00 9.08  ? 262 ARG A N   1 
ATOM   1229 C  CA  . ARG A 1 162 ? -13.057 -2.517  -15.028 1.00 9.71  ? 262 ARG A CA  1 
ATOM   1230 C  C   . ARG A 1 162 ? -12.421 -3.659  -15.772 1.00 15.51 ? 262 ARG A C   1 
ATOM   1231 O  O   . ARG A 1 162 ? -12.206 -3.598  -17.011 1.00 12.41 ? 262 ARG A O   1 
ATOM   1232 C  CB  . ARG A 1 162 ? -14.572 -2.835  -15.089 1.00 11.30 ? 262 ARG A CB  1 
ATOM   1233 C  CG  . ARG A 1 162 ? -15.353 -1.672  -14.561 1.00 15.13 ? 262 ARG A CG  1 
ATOM   1234 C  CD  . ARG A 1 162 ? -16.760 -2.033  -14.236 1.00 24.38 ? 262 ARG A CD  1 
ATOM   1235 N  NE  . ARG A 1 162 ? -17.469 -2.433  -15.441 1.00 34.12 ? 262 ARG A NE  1 
ATOM   1236 C  CZ  . ARG A 1 162 ? -18.078 -1.539  -16.237 1.00 40.10 ? 262 ARG A CZ  1 
ATOM   1237 N  NH1 . ARG A 1 162 ? -18.097 -0.249  -15.890 1.00 41.46 ? 262 ARG A NH1 1 
ATOM   1238 N  NH2 . ARG A 1 162 ? -18.670 -1.959  -17.357 1.00 42.47 ? 262 ARG A NH2 1 
ATOM   1239 N  N   . SER A 1 163 ? -12.138 -4.688  -15.003 1.00 12.67 ? 263 SER A N   1 
ATOM   1240 C  CA  . SER A 1 163 ? -11.540 -5.883  -15.649 1.00 17.63 ? 263 SER A CA  1 
ATOM   1241 C  C   . SER A 1 163 ? -12.772 -6.577  -16.269 1.00 24.32 ? 263 SER A C   1 
ATOM   1242 O  O   . SER A 1 163 ? -13.942 -6.267  -15.922 1.00 27.35 ? 263 SER A O   1 
ATOM   1243 C  CB  . SER A 1 163 ? -10.908 -6.772  -14.605 1.00 22.46 ? 263 SER A CB  1 
ATOM   1244 O  OG  . SER A 1 163 ? -11.869 -6.980  -13.576 1.00 26.29 ? 263 SER A OG  1 
HETATM 1245 ZN ZN  . ZN  B 2 .   ? -4.082  7.118   3.609   1.00 6.28  ? 275 ZN  A ZN  1 
HETATM 1246 ZN ZN  . ZN  C 2 .   ? 8.191   8.665   3.586   1.00 7.64  ? 276 ZN  A ZN  1 
HETATM 1247 CA CA  . CA  D 3 .   ? 4.117   5.840   13.664  1.00 6.08  ? 277 CA  A CA  1 
HETATM 1248 C  C1  . PLH E 4 .   ? -2.460  7.181   5.808   1.00 4.51  ? 280 PLH A C1  1 
HETATM 1249 C  C2  . PLH E 4 .   ? -2.231  7.194   7.320   1.00 3.35  ? 280 PLH A C2  1 
HETATM 1250 C  C3  . PLH E 4 .   ? -3.092  6.129   8.083   1.00 3.97  ? 280 PLH A C3  1 
HETATM 1251 C  C4  . PLH E 4 .   ? -2.945  4.686   7.536   1.00 7.46  ? 280 PLH A C4  1 
HETATM 1252 C  C5  . PLH E 4 .   ? -4.017  3.660   8.032   1.00 7.83  ? 280 PLH A C5  1 
HETATM 1253 C  C6  . PLH E 4 .   ? -5.417  3.963   7.564   1.00 9.60  ? 280 PLH A C6  1 
HETATM 1254 C  C7  . PLH E 4 .   ? -3.591  2.276   7.571   1.00 10.50 ? 280 PLH A C7  1 
HETATM 1255 C  C8  . PLH E 4 .   ? -2.925  6.131   9.589   1.00 4.30  ? 280 PLH A C8  1 
HETATM 1256 C  C9  . PLH E 4 .   ? -3.796  6.820   11.710  1.00 2.42  ? 280 PLH A C9  1 
HETATM 1257 C  C10 . PLH E 4 .   ? -4.156  5.600   12.469  1.00 1.27  ? 280 PLH A C10 1 
HETATM 1258 C  C11 . PLH E 4 .   ? -3.432  4.111   14.232  1.00 8.02  ? 280 PLH A C11 1 
HETATM 1259 C  C12 . PLH E 4 .   ? -4.797  7.935   12.127  1.00 4.13  ? 280 PLH A C12 1 
HETATM 1260 C  C13 . PLH E 4 .   ? -4.656  8.287   13.590  1.00 6.18  ? 280 PLH A C13 1 
HETATM 1261 C  C14 . PLH E 4 .   ? -3.623  9.124   14.003  1.00 8.86  ? 280 PLH A C14 1 
HETATM 1262 C  C15 . PLH E 4 .   ? -3.509  9.455   15.372  1.00 8.41  ? 280 PLH A C15 1 
HETATM 1263 C  C16 . PLH E 4 .   ? -4.361  8.835   16.249  1.00 7.60  ? 280 PLH A C16 1 
HETATM 1264 C  C17 . PLH E 4 .   ? -5.469  8.157   15.876  1.00 9.45  ? 280 PLH A C17 1 
HETATM 1265 C  C18 . PLH E 4 .   ? -5.638  7.871   14.497  1.00 6.99  ? 280 PLH A C18 1 
HETATM 1266 N  N1  . PLH E 4 .   ? -1.530  6.701   5.048   1.00 4.67  ? 280 PLH A N1  1 
HETATM 1267 N  N2  . PLH E 4 .   ? -3.980  6.562   10.277  1.00 4.42  ? 280 PLH A N2  1 
HETATM 1268 N  N3  . PLH E 4 .   ? -3.245  5.259   13.418  1.00 6.64  ? 280 PLH A N3  1 
HETATM 1269 O  O1  . PLH E 4 .   ? -1.935  6.680   3.727   1.00 5.40  ? 280 PLH A O1  1 
HETATM 1270 O  O2  . PLH E 4 .   ? -3.591  7.639   5.536   1.00 3.95  ? 280 PLH A O2  1 
HETATM 1271 O  O3  . PLH E 4 .   ? -1.826  5.855   10.024  1.00 6.49  ? 280 PLH A O3  1 
HETATM 1272 O  O4  . PLH E 4 .   ? -5.222  4.979   12.331  1.00 5.48  ? 280 PLH A O4  1 
HETATM 1273 O  O   . HOH F 5 .   ? 15.362  14.790  0.595   1.00 39.22 ? 281 HOH A O   1 
HETATM 1274 O  O   . HOH F 5 .   ? 5.446   -0.457  18.304  1.00 28.44 ? 282 HOH A O   1 
HETATM 1275 O  O   . HOH F 5 .   ? -10.524 -7.634  -5.069  1.00 15.12 ? 283 HOH A O   1 
HETATM 1276 O  O   . HOH F 5 .   ? 11.022  -6.861  -4.725  1.00 13.25 ? 284 HOH A O   1 
HETATM 1277 O  O   . HOH F 5 .   ? 12.485  -8.154  -2.495  1.00 28.64 ? 285 HOH A O   1 
HETATM 1278 O  O   . HOH F 5 .   ? 19.460  -2.669  -7.621  1.00 30.92 ? 286 HOH A O   1 
HETATM 1279 O  O   . HOH F 5 .   ? -8.454  2.291   6.818   1.00 8.09  ? 287 HOH A O   1 
HETATM 1280 O  O   . HOH F 5 .   ? 1.615   5.690   20.494  1.00 48.11 ? 288 HOH A O   1 
HETATM 1281 O  O   . HOH F 5 .   ? 4.298   11.074  10.375  1.00 20.49 ? 289 HOH A O   1 
HETATM 1282 O  O   . HOH F 5 .   ? -0.785  11.225  12.524  1.00 20.37 ? 290 HOH A O   1 
HETATM 1283 O  O   . HOH F 5 .   ? 2.610   13.473  10.498  1.00 19.75 ? 291 HOH A O   1 
HETATM 1284 O  O   . HOH F 5 .   ? -1.871  10.260  0.862   1.00 33.80 ? 292 HOH A O   1 
HETATM 1285 O  O   . HOH F 5 .   ? 11.649  5.768   -5.865  1.00 17.87 ? 293 HOH A O   1 
HETATM 1286 O  O   . HOH F 5 .   ? -5.362  -5.215  14.088  1.00 16.60 ? 294 HOH A O   1 
HETATM 1287 O  O   . HOH F 5 .   ? -0.385  8.750   2.503   1.00 11.33 ? 295 HOH A O   1 
HETATM 1288 O  O   . HOH F 5 .   ? -4.392  11.440  10.343  1.00 29.52 ? 296 HOH A O   1 
HETATM 1289 O  O   . HOH F 5 .   ? -11.262 6.617   -2.173  1.00 20.73 ? 297 HOH A O   1 
HETATM 1290 O  O   . HOH F 5 .   ? 10.107  3.118   -0.901  1.00 12.04 ? 298 HOH A O   1 
HETATM 1291 O  O   . HOH F 5 .   ? 15.950  -5.770  4.891   1.00 26.82 ? 299 HOH A O   1 
HETATM 1292 O  O   . HOH F 5 .   ? -7.003  -10.028 1.371   1.00 17.23 ? 300 HOH A O   1 
HETATM 1293 O  O   . HOH F 5 .   ? -6.004  -7.399  -13.791 1.00 18.84 ? 301 HOH A O   1 
HETATM 1294 O  O   . HOH F 5 .   ? 4.083   -5.370  -15.051 1.00 19.55 ? 302 HOH A O   1 
HETATM 1295 O  O   . HOH F 5 .   ? 5.615   0.096   -16.177 1.00 12.81 ? 303 HOH A O   1 
HETATM 1296 O  O   . HOH F 5 .   ? 9.043   -0.363  -14.466 1.00 14.02 ? 304 HOH A O   1 
HETATM 1297 O  O   . HOH F 5 .   ? 14.931  -6.257  -12.441 1.00 15.45 ? 305 HOH A O   1 
HETATM 1298 O  O   . HOH F 5 .   ? 13.834  -8.693  -11.823 1.00 27.56 ? 306 HOH A O   1 
HETATM 1299 O  O   . HOH F 5 .   ? 11.076  11.795  6.119   1.00 8.26  ? 307 HOH A O   1 
HETATM 1300 O  O   . HOH F 5 .   ? 13.753  14.966  5.283   1.00 14.94 ? 308 HOH A O   1 
HETATM 1301 O  O   . HOH F 5 .   ? 9.252   6.337   13.245  1.00 6.88  ? 309 HOH A O   1 
HETATM 1302 O  O   . HOH F 5 .   ? 1.787   11.899  12.810  1.00 14.08 ? 310 HOH A O   1 
HETATM 1303 O  O   . HOH F 5 .   ? 6.136   14.716  10.121  1.00 16.34 ? 311 HOH A O   1 
HETATM 1304 O  O   . HOH F 5 .   ? -5.030  9.235   7.554   1.00 17.48 ? 312 HOH A O   1 
HETATM 1305 O  O   . HOH F 5 .   ? -4.668  2.066   16.943  1.00 30.11 ? 313 HOH A O   1 
HETATM 1306 O  O   . HOH F 5 .   ? 7.362   6.416   -10.487 1.00 22.26 ? 314 HOH A O   1 
HETATM 1307 O  O   . HOH F 5 .   ? 2.885   -0.152  16.762  1.00 11.18 ? 315 HOH A O   1 
HETATM 1308 O  O   . HOH F 5 .   ? 1.116   -2.142  17.733  1.00 12.60 ? 316 HOH A O   1 
HETATM 1309 O  O   . HOH F 5 .   ? 0.074   -9.118  7.169   1.00 8.90  ? 317 HOH A O   1 
HETATM 1310 O  O   . HOH F 5 .   ? 3.760   11.936  -6.506  1.00 31.74 ? 318 HOH A O   1 
HETATM 1311 O  O   . HOH F 5 .   ? -10.473 8.520   -4.426  1.00 33.41 ? 319 HOH A O   1 
HETATM 1312 O  O   . HOH F 5 .   ? -12.466 4.221   -1.145  1.00 10.27 ? 320 HOH A O   1 
HETATM 1313 O  O   . HOH F 5 .   ? -12.322 0.701   7.245   1.00 18.37 ? 321 HOH A O   1 
HETATM 1314 O  O   . HOH F 5 .   ? -17.231 8.700   8.965   1.00 29.22 ? 322 HOH A O   1 
HETATM 1315 O  O   . HOH F 5 .   ? -18.730 0.899   0.330   1.00 18.10 ? 323 HOH A O   1 
HETATM 1316 O  O   . HOH F 5 .   ? -16.597 3.664   -11.028 1.00 17.92 ? 324 HOH A O   1 
HETATM 1317 O  O   . HOH F 5 .   ? 10.846  6.287   -1.855  1.00 10.75 ? 325 HOH A O   1 
HETATM 1318 O  O   . HOH F 5 .   ? 8.444   5.580   -7.768  1.00 12.23 ? 326 HOH A O   1 
HETATM 1319 O  O   . HOH F 5 .   ? 7.540   5.142   -12.855 1.00 20.34 ? 327 HOH A O   1 
HETATM 1320 O  O   . HOH F 5 .   ? -3.499  3.215   -16.930 1.00 21.11 ? 328 HOH A O   1 
HETATM 1321 O  O   . HOH F 5 .   ? 5.264   -10.535 -9.949  1.00 26.10 ? 329 HOH A O   1 
HETATM 1322 O  O   . HOH F 5 .   ? -1.076  -8.512  -11.658 1.00 21.80 ? 330 HOH A O   1 
HETATM 1323 O  O   . HOH F 5 .   ? 5.528   -9.640  -3.130  1.00 18.50 ? 331 HOH A O   1 
HETATM 1324 O  O   . HOH F 5 .   ? 14.798  -5.473  -3.612  1.00 30.42 ? 332 HOH A O   1 
HETATM 1325 O  O   . HOH F 5 .   ? 13.045  4.644   1.580   1.00 24.22 ? 333 HOH A O   1 
HETATM 1326 O  O   . HOH F 5 .   ? 4.984   -9.490  14.468  1.00 26.11 ? 334 HOH A O   1 
HETATM 1327 O  O   . HOH F 5 .   ? 2.337   -11.527 13.553  1.00 25.43 ? 335 HOH A O   1 
HETATM 1328 O  O   . HOH F 5 .   ? 1.015   -11.336 16.251  1.00 29.50 ? 336 HOH A O   1 
HETATM 1329 O  O   . HOH F 5 .   ? 0.200   -9.639  -6.854  1.00 26.54 ? 337 HOH A O   1 
HETATM 1330 O  O   . HOH F 5 .   ? -11.799 -7.686  -2.493  1.00 16.37 ? 338 HOH A O   1 
HETATM 1331 O  O   . HOH F 5 .   ? 11.466  4.344   -8.664  1.00 24.67 ? 339 HOH A O   1 
HETATM 1332 O  O   . HOH F 5 .   ? 14.863  4.813   8.164   1.00 18.41 ? 340 HOH A O   1 
HETATM 1333 O  O   . HOH F 5 .   ? 15.958  7.436   8.887   1.00 25.51 ? 341 HOH A O   1 
HETATM 1334 O  O   . HOH F 5 .   ? 14.885  10.632  12.446  1.00 21.83 ? 342 HOH A O   1 
HETATM 1335 O  O   . HOH F 5 .   ? 12.683  7.742   1.547   1.00 23.49 ? 343 HOH A O   1 
HETATM 1336 O  O   . HOH F 5 .   ? 8.248   14.228  0.192   1.00 23.99 ? 344 HOH A O   1 
HETATM 1337 O  O   . HOH F 5 .   ? 10.871  14.297  -0.988  1.00 33.41 ? 345 HOH A O   1 
HETATM 1338 O  O   . HOH F 5 .   ? 11.787  18.545  -1.229  1.00 38.65 ? 346 HOH A O   1 
HETATM 1339 O  O   . HOH F 5 .   ? 4.577   16.511  6.110   1.00 29.64 ? 347 HOH A O   1 
HETATM 1340 O  O   . HOH F 5 .   ? 3.216   10.278  7.357   1.00 19.25 ? 348 HOH A O   1 
HETATM 1341 O  O   . HOH F 5 .   ? -1.820  6.319   18.043  1.00 25.01 ? 349 HOH A O   1 
HETATM 1342 O  O   . HOH F 5 .   ? 2.672   10.498  16.845  1.00 22.14 ? 350 HOH A O   1 
HETATM 1343 O  O   . HOH F 5 .   ? 1.340   12.290  -3.393  1.00 23.24 ? 351 HOH A O   1 
HETATM 1344 O  O   . HOH F 5 .   ? 2.757   -2.795  20.038  1.00 28.90 ? 352 HOH A O   1 
HETATM 1345 O  O   . HOH F 5 .   ? -0.783  -1.110  19.421  1.00 26.77 ? 353 HOH A O   1 
HETATM 1346 O  O   . HOH F 5 .   ? -2.074  -11.096 7.001   1.00 30.09 ? 354 HOH A O   1 
HETATM 1347 O  O   . HOH F 5 .   ? -1.698  -6.341  22.387  1.00 24.69 ? 355 HOH A O   1 
HETATM 1348 O  O   . HOH F 5 .   ? -3.627  -5.405  19.113  1.00 23.84 ? 356 HOH A O   1 
HETATM 1349 O  O   . HOH F 5 .   ? -10.218 -5.138  7.302   1.00 20.71 ? 357 HOH A O   1 
HETATM 1350 O  O   . HOH F 5 .   ? -11.825 -5.531  4.825   1.00 22.79 ? 358 HOH A O   1 
HETATM 1351 O  O   . HOH F 5 .   ? -14.415 -7.146  -2.522  1.00 24.94 ? 359 HOH A O   1 
HETATM 1352 O  O   . HOH F 5 .   ? -19.345 -2.464  0.628   1.00 26.80 ? 360 HOH A O   1 
HETATM 1353 O  O   . HOH F 5 .   ? -17.459 1.616   -14.207 1.00 25.63 ? 361 HOH A O   1 
HETATM 1354 O  O   . HOH F 5 .   ? 14.858  9.440   14.822  1.00 40.30 ? 362 HOH A O   1 
HETATM 1355 O  O   . HOH F 5 .   ? 12.797  15.527  0.607   1.00 29.24 ? 363 HOH A O   1 
HETATM 1356 O  O   . HOH F 5 .   ? 8.925   -3.124  12.392  1.00 25.80 ? 364 HOH A O   1 
HETATM 1357 O  O   . HOH F 5 .   ? 11.967  8.902   -0.766  1.00 28.73 ? 365 HOH A O   1 
HETATM 1358 O  O   . HOH F 5 .   ? 2.472   11.254  1.308   1.00 32.86 ? 366 HOH A O   1 
HETATM 1359 O  O   . HOH F 5 .   ? 1.164   14.019  8.051   1.00 39.93 ? 367 HOH A O   1 
HETATM 1360 O  O   . HOH F 5 .   ? 12.690  11.625  -1.136  1.00 32.83 ? 368 HOH A O   1 
# 
